data_5A3X
#
_entry.id   5A3X
#
_cell.length_a   87.700
_cell.length_b   88.420
_cell.length_c   229.450
_cell.angle_alpha   90.00
_cell.angle_beta   90.00
_cell.angle_gamma   90.00
#
_symmetry.space_group_name_H-M   'P 21 21 21'
#
loop_
_entity.id
_entity.type
_entity.pdbx_description
1 polymer 'DUAL SPECIFICITY TYROSINE-PHOSPHORYLATION-REGULATED KINASE 1A'
2 non-polymer N-(5-oxidanyl-1,3-benzothiazol-2-yl)ethanamide
3 water water
#
_entity_poly.entity_id   1
_entity_poly.type   'polypeptide(L)'
_entity_poly.pdbx_seq_one_letter_code
;GASDSSHKKERKVYNDGYDDDNYDYIVKNGEKWMDRYEIDSLIGKGSFGQVVKAYDRVEQEWVAIKIIKNKKAFLNQAQI
EVRLLELMNKHDTEMKYYIVHLKRHFMFRNHLCLVFEMLSYNLYDLLRNTNFRGVSLNLTRKFAQQMCTALLFLATPELS
IIHCDLKPENILLCNPKRSAIKIVDFGSSCQLGQRIYQ(PTR)IQSRFYRSPEVLLGMPYDLAIDMWSLGCILVEMHTGE
PLFSGANEVDQMNKIVEVLGIPPAHILDQAPKARKFFEKLPDGTWNLKKTKDGKREYKPPGTRKLHNILGVETGGPGGRR
AGESGHTVADYLKFKDLILRMLDYDPKTRIQPYYALQHSFFKKTADEGTNTS
;
_entity_poly.pdbx_strand_id   A,B,C,D
#
loop_
_chem_comp.id
_chem_comp.type
_chem_comp.name
_chem_comp.formula
QIV non-polymer N-(5-oxidanyl-1,3-benzothiazol-2-yl)ethanamide 'C9 H8 N2 O2 S'
#
# COMPACT_ATOMS: atom_id res chain seq x y z
N LYS A 12 2.50 -19.84 32.13
CA LYS A 12 1.54 -20.23 31.06
C LYS A 12 2.23 -21.04 29.96
N VAL A 13 1.53 -21.22 28.83
CA VAL A 13 2.11 -21.86 27.65
C VAL A 13 1.88 -20.95 26.44
N TYR A 14 2.97 -20.56 25.79
CA TYR A 14 2.93 -19.62 24.67
C TYR A 14 3.31 -20.32 23.37
N ASN A 15 2.38 -20.39 22.43
CA ASN A 15 2.58 -21.05 21.14
C ASN A 15 2.94 -22.52 21.31
N ASP A 16 2.12 -23.24 22.09
CA ASP A 16 2.34 -24.64 22.42
C ASP A 16 3.71 -24.92 23.05
N GLY A 17 4.23 -23.95 23.79
CA GLY A 17 5.52 -24.09 24.47
C GLY A 17 6.75 -23.74 23.66
N TYR A 18 6.57 -23.34 22.40
CA TYR A 18 7.70 -22.96 21.54
C TYR A 18 8.18 -21.55 21.82
N ASP A 19 7.25 -20.67 22.18
CA ASP A 19 7.58 -19.27 22.49
C ASP A 19 7.73 -19.05 23.99
N ASP A 20 8.45 -17.99 24.34
CA ASP A 20 8.52 -17.51 25.72
C ASP A 20 7.36 -16.54 25.97
N ASP A 21 7.35 -15.89 27.14
CA ASP A 21 6.33 -14.87 27.44
C ASP A 21 6.55 -13.54 26.73
N ASN A 22 7.57 -13.45 25.89
CA ASN A 22 7.89 -12.24 25.14
C ASN A 22 7.79 -12.43 23.61
N TYR A 23 7.03 -13.45 23.20
CA TYR A 23 6.78 -13.76 21.77
C TYR A 23 8.00 -14.20 20.97
N ASP A 24 9.13 -14.48 21.63
CA ASP A 24 10.31 -14.95 20.93
C ASP A 24 10.31 -16.46 20.88
N TYR A 25 10.87 -17.03 19.82
CA TYR A 25 11.05 -18.47 19.72
C TYR A 25 12.18 -18.88 20.69
N ILE A 26 11.89 -19.85 21.54
CA ILE A 26 12.91 -20.38 22.44
C ILE A 26 13.91 -21.19 21.61
N VAL A 27 15.07 -20.61 21.36
CA VAL A 27 16.10 -21.22 20.53
C VAL A 27 16.74 -22.38 21.27
N LYS A 28 16.71 -23.56 20.66
CA LYS A 28 17.38 -24.74 21.18
C LYS A 28 18.49 -25.16 20.20
N ASN A 29 19.71 -25.25 20.70
CA ASN A 29 20.87 -25.58 19.87
C ASN A 29 20.79 -27.02 19.36
N GLY A 30 21.13 -27.21 18.09
CA GLY A 30 21.09 -28.53 17.46
C GLY A 30 19.71 -28.96 16.96
N GLU A 31 18.75 -28.03 16.93
CA GLU A 31 17.40 -28.37 16.48
C GLU A 31 17.32 -28.45 14.96
N LYS A 32 16.49 -29.38 14.48
CA LYS A 32 16.33 -29.69 13.07
C LYS A 32 15.05 -29.04 12.57
N TRP A 33 15.17 -28.18 11.56
CA TRP A 33 14.03 -27.44 11.01
C TRP A 33 13.72 -27.90 9.59
N MET A 34 12.50 -28.41 9.38
CA MET A 34 11.98 -28.75 8.05
C MET A 34 12.87 -29.72 7.26
N ASP A 35 13.59 -30.59 7.99
CA ASP A 35 14.54 -31.53 7.38
C ASP A 35 15.59 -30.79 6.53
N ARG A 36 16.02 -29.62 7.00
CA ARG A 36 16.89 -28.75 6.21
C ARG A 36 17.90 -27.95 7.05
N TYR A 37 17.40 -27.15 7.98
CA TYR A 37 18.25 -26.25 8.76
C TYR A 37 18.63 -26.84 10.11
N GLU A 38 19.92 -26.79 10.42
CA GLU A 38 20.46 -27.30 11.68
C GLU A 38 20.90 -26.11 12.55
N ILE A 39 20.06 -25.76 13.52
CA ILE A 39 20.30 -24.58 14.36
C ILE A 39 21.52 -24.80 15.24
N ASP A 40 22.46 -23.86 15.20
CA ASP A 40 23.72 -23.98 15.93
C ASP A 40 23.67 -23.18 17.23
N SER A 41 23.54 -21.85 17.10
CA SER A 41 23.54 -20.96 18.26
C SER A 41 23.02 -19.57 17.90
N LEU A 42 22.62 -18.83 18.92
CA LEU A 42 22.13 -17.47 18.74
C LEU A 42 23.30 -16.49 18.63
N ILE A 43 23.22 -15.57 17.66
CA ILE A 43 24.28 -14.59 17.42
C ILE A 43 23.82 -13.13 17.55
N GLY A 44 22.54 -12.91 17.78
CA GLY A 44 22.00 -11.55 17.91
C GLY A 44 20.60 -11.53 18.46
N LYS A 45 20.22 -10.38 19.00
CA LYS A 45 18.92 -10.20 19.63
C LYS A 45 18.46 -8.75 19.47
N GLY A 46 17.15 -8.53 19.53
CA GLY A 46 16.59 -7.18 19.46
C GLY A 46 15.09 -7.21 19.67
N SER A 47 14.47 -6.04 19.61
CA SER A 47 13.01 -5.93 19.75
C SER A 47 12.28 -6.74 18.67
N PHE A 48 12.84 -6.74 17.47
CA PHE A 48 12.31 -7.50 16.33
C PHE A 48 12.15 -8.99 16.60
N GLY A 49 13.09 -9.54 17.37
CA GLY A 49 13.16 -10.98 17.61
C GLY A 49 14.61 -11.40 17.80
N GLN A 50 14.99 -12.50 17.17
CA GLN A 50 16.32 -13.07 17.33
C GLN A 50 16.98 -13.40 15.98
N VAL A 51 18.30 -13.58 16.02
CA VAL A 51 19.06 -14.00 14.84
C VAL A 51 19.91 -15.20 15.25
N VAL A 52 19.80 -16.27 14.49
CA VAL A 52 20.49 -17.51 14.82
C VAL A 52 21.45 -17.91 13.70
N LYS A 53 22.56 -18.54 14.09
CA LYS A 53 23.47 -19.17 13.16
C LYS A 53 22.97 -20.58 12.92
N ALA A 54 23.02 -21.04 11.68
CA ALA A 54 22.51 -22.38 11.33
C ALA A 54 23.09 -22.88 10.02
N TYR A 55 23.03 -24.20 9.82
CA TYR A 55 23.58 -24.85 8.64
C TYR A 55 22.46 -25.32 7.70
N ASP A 56 22.54 -24.90 6.45
CA ASP A 56 21.61 -25.33 5.42
C ASP A 56 22.09 -26.65 4.81
N ARG A 57 21.33 -27.72 5.01
CA ARG A 57 21.72 -29.06 4.53
C ARG A 57 21.53 -29.22 3.01
N VAL A 58 20.70 -28.38 2.41
CA VAL A 58 20.39 -28.48 0.97
C VAL A 58 21.47 -27.77 0.17
N GLU A 59 21.68 -26.50 0.49
CA GLU A 59 22.73 -25.70 -0.16
C GLU A 59 24.11 -25.99 0.42
N GLN A 60 24.17 -26.68 1.55
CA GLN A 60 25.43 -27.07 2.18
C GLN A 60 26.29 -25.85 2.50
N GLU A 61 25.75 -24.97 3.32
CA GLU A 61 26.46 -23.76 3.74
C GLU A 61 25.84 -23.22 5.02
N TRP A 62 26.64 -22.49 5.79
CA TRP A 62 26.13 -21.78 6.97
C TRP A 62 25.24 -20.63 6.51
N VAL A 63 24.20 -20.34 7.30
CA VAL A 63 23.31 -19.21 7.05
C VAL A 63 22.93 -18.53 8.37
N ALA A 64 22.57 -17.25 8.28
CA ALA A 64 21.97 -16.54 9.40
C ALA A 64 20.46 -16.50 9.21
N ILE A 65 19.71 -16.86 10.24
CA ILE A 65 18.25 -16.85 10.19
C ILE A 65 17.68 -15.88 11.21
N LYS A 66 17.02 -14.84 10.70
CA LYS A 66 16.39 -13.83 11.53
C LYS A 66 14.97 -14.30 11.85
N ILE A 67 14.75 -14.76 13.08
CA ILE A 67 13.45 -15.24 13.51
C ILE A 67 12.68 -14.05 14.09
N ILE A 68 11.56 -13.72 13.46
CA ILE A 68 10.75 -12.57 13.87
C ILE A 68 9.77 -13.02 14.96
N LYS A 69 9.42 -12.10 15.84
CA LYS A 69 8.52 -12.40 16.96
C LYS A 69 7.15 -12.83 16.45
N ASN A 70 6.52 -13.75 17.19
CA ASN A 70 5.18 -14.22 16.87
C ASN A 70 4.15 -13.17 17.28
N LYS A 71 4.17 -12.03 16.58
CA LYS A 71 3.27 -10.91 16.87
C LYS A 71 3.06 -10.04 15.65
N LYS A 72 1.83 -9.57 15.49
CA LYS A 72 1.40 -8.80 14.32
C LYS A 72 2.32 -7.61 14.02
N ALA A 73 2.65 -6.84 15.05
CA ALA A 73 3.46 -5.63 14.88
C ALA A 73 4.83 -5.93 14.29
N PHE A 74 5.56 -6.84 14.90
CA PHE A 74 6.90 -7.21 14.43
C PHE A 74 6.88 -7.95 13.10
N LEU A 75 5.79 -8.67 12.83
CA LEU A 75 5.62 -9.39 11.58
C LEU A 75 5.49 -8.43 10.40
N ASN A 76 4.61 -7.44 10.54
CA ASN A 76 4.39 -6.43 9.51
C ASN A 76 5.61 -5.57 9.19
N GLN A 77 6.50 -5.39 10.17
CA GLN A 77 7.76 -4.68 9.96
C GLN A 77 8.76 -5.53 9.19
N ALA A 78 8.83 -6.82 9.51
CA ALA A 78 9.71 -7.75 8.82
C ALA A 78 9.29 -7.95 7.36
N GLN A 79 7.99 -7.88 7.11
CA GLN A 79 7.44 -8.01 5.75
C GLN A 79 7.86 -6.83 4.87
N ILE A 80 7.96 -5.64 5.47
CA ILE A 80 8.47 -4.46 4.78
C ILE A 80 9.93 -4.68 4.39
N GLU A 81 10.72 -5.21 5.32
CA GLU A 81 12.14 -5.52 5.06
C GLU A 81 12.30 -6.56 3.96
N VAL A 82 11.49 -7.60 3.98
CA VAL A 82 11.50 -8.63 2.94
C VAL A 82 11.28 -7.98 1.56
N ARG A 83 10.32 -7.07 1.48
CA ARG A 83 9.99 -6.43 0.21
C ARG A 83 11.06 -5.45 -0.28
N LEU A 84 11.81 -4.85 0.65
CA LEU A 84 12.92 -3.97 0.28
C LEU A 84 14.13 -4.77 -0.18
N LEU A 85 14.38 -5.89 0.50
CA LEU A 85 15.47 -6.77 0.11
C LEU A 85 15.19 -7.48 -1.22
N GLU A 86 13.95 -7.94 -1.39
CA GLU A 86 13.56 -8.59 -2.65
C GLU A 86 13.50 -7.58 -3.81
N LEU A 87 13.11 -6.34 -3.51
CA LEU A 87 13.17 -5.26 -4.49
C LEU A 87 14.62 -4.91 -4.85
N MET A 88 15.53 -5.08 -3.89
CA MET A 88 16.95 -4.84 -4.13
C MET A 88 17.62 -5.89 -5.03
N ASN A 89 17.32 -7.17 -4.81
CA ASN A 89 17.92 -8.23 -5.64
C ASN A 89 17.29 -8.39 -7.03
N LYS A 90 16.28 -7.59 -7.36
CA LYS A 90 15.80 -7.48 -8.74
C LYS A 90 16.86 -6.84 -9.63
N HIS A 91 17.64 -5.91 -9.07
CA HIS A 91 18.65 -5.17 -9.83
C HIS A 91 19.84 -6.04 -10.23
N ASP A 92 20.42 -5.71 -11.38
CA ASP A 92 21.49 -6.49 -11.99
C ASP A 92 22.88 -6.15 -11.46
N THR A 93 23.09 -4.88 -11.11
CA THR A 93 24.40 -4.36 -10.71
C THR A 93 25.12 -5.17 -9.62
N GLU A 94 26.45 -5.05 -9.62
CA GLU A 94 27.31 -5.71 -8.63
C GLU A 94 27.37 -4.93 -7.31
N MET A 95 26.85 -3.70 -7.31
CA MET A 95 26.79 -2.88 -6.11
C MET A 95 25.85 -3.44 -5.03
N LYS A 96 24.93 -4.32 -5.41
CA LYS A 96 23.97 -4.88 -4.46
C LYS A 96 24.61 -5.83 -3.43
N TYR A 97 25.82 -6.31 -3.71
CA TYR A 97 26.52 -7.20 -2.79
C TYR A 97 27.38 -6.45 -1.76
N TYR A 98 27.08 -5.17 -1.56
CA TYR A 98 27.48 -4.46 -0.34
C TYR A 98 26.29 -4.39 0.62
N ILE A 99 25.18 -4.99 0.22
CA ILE A 99 24.01 -5.17 1.07
C ILE A 99 23.90 -6.66 1.36
N VAL A 100 23.51 -6.98 2.59
CA VAL A 100 23.27 -8.36 2.98
C VAL A 100 22.21 -8.99 2.07
N HIS A 101 22.50 -10.20 1.59
CA HIS A 101 21.63 -10.86 0.63
C HIS A 101 20.61 -11.78 1.30
N LEU A 102 19.34 -11.45 1.15
CA LEU A 102 18.26 -12.33 1.55
C LEU A 102 18.11 -13.47 0.55
N LYS A 103 18.38 -14.69 0.99
CA LYS A 103 18.31 -15.87 0.12
C LYS A 103 16.86 -16.31 -0.07
N ARG A 104 16.15 -16.49 1.04
CA ARG A 104 14.74 -16.84 1.02
C ARG A 104 14.10 -16.53 2.38
N HIS A 105 12.81 -16.81 2.49
CA HIS A 105 12.10 -16.62 3.75
C HIS A 105 10.95 -17.62 3.86
N PHE A 106 10.46 -17.84 5.08
CA PHE A 106 9.41 -18.81 5.33
C PHE A 106 8.75 -18.65 6.69
N MET A 107 7.56 -19.23 6.84
CA MET A 107 6.88 -19.33 8.12
C MET A 107 7.21 -20.67 8.75
N PHE A 108 7.65 -20.64 10.01
CA PHE A 108 7.94 -21.86 10.76
C PHE A 108 7.50 -21.68 12.22
N ARG A 109 6.51 -22.48 12.61
CA ARG A 109 5.95 -22.42 13.97
C ARG A 109 5.53 -21.00 14.33
N ASN A 110 4.83 -20.35 13.40
CA ASN A 110 4.27 -19.01 13.58
C ASN A 110 5.28 -17.88 13.73
N HIS A 111 6.50 -18.09 13.25
CA HIS A 111 7.52 -17.03 13.16
C HIS A 111 7.95 -16.88 11.70
N LEU A 112 8.00 -15.64 11.24
CA LEU A 112 8.57 -15.35 9.91
C LEU A 112 10.08 -15.42 10.02
N CYS A 113 10.70 -16.24 9.17
CA CYS A 113 12.14 -16.45 9.21
C CYS A 113 12.78 -16.02 7.91
N LEU A 114 13.63 -14.99 8.00
CA LEU A 114 14.39 -14.49 6.86
C LEU A 114 15.75 -15.16 6.88
N VAL A 115 16.12 -15.80 5.76
CA VAL A 115 17.41 -16.50 5.65
C VAL A 115 18.41 -15.63 4.90
N PHE A 116 19.49 -15.26 5.59
CA PHE A 116 20.55 -14.47 5.01
C PHE A 116 21.82 -15.29 4.81
N GLU A 117 22.74 -14.74 4.01
CA GLU A 117 24.12 -15.21 4.00
C GLU A 117 24.73 -15.00 5.39
N MET A 118 25.59 -15.91 5.81
CA MET A 118 26.25 -15.82 7.12
C MET A 118 27.43 -14.86 7.05
N LEU A 119 27.35 -13.76 7.80
CA LEU A 119 28.43 -12.79 7.88
C LEU A 119 29.23 -12.97 9.17
N SER A 120 30.27 -12.16 9.34
CA SER A 120 31.16 -12.23 10.49
C SER A 120 30.82 -11.13 11.51
N TYR A 121 31.84 -10.57 12.14
CA TYR A 121 31.67 -9.57 13.20
C TYR A 121 31.18 -8.25 12.62
N ASN A 122 30.53 -7.44 13.45
CA ASN A 122 30.19 -6.07 13.06
C ASN A 122 31.29 -5.08 13.44
N LEU A 123 31.22 -3.87 12.89
CA LEU A 123 32.28 -2.88 13.10
C LEU A 123 32.36 -2.37 14.53
N TYR A 124 31.29 -2.55 15.29
CA TYR A 124 31.30 -2.26 16.72
C TYR A 124 32.19 -3.28 17.45
N ASP A 125 32.02 -4.56 17.13
CA ASP A 125 32.90 -5.62 17.65
C ASP A 125 34.35 -5.29 17.35
N LEU A 126 34.60 -4.83 16.13
CA LEU A 126 35.95 -4.45 15.70
C LEU A 126 36.56 -3.36 16.57
N LEU A 127 35.78 -2.32 16.88
CA LEU A 127 36.26 -1.24 17.74
C LEU A 127 36.58 -1.73 19.15
N ARG A 128 35.78 -2.67 19.65
CA ARG A 128 36.04 -3.31 20.93
C ARG A 128 37.37 -4.07 20.91
N ASN A 129 37.63 -4.77 19.80
CA ASN A 129 38.92 -5.47 19.61
C ASN A 129 40.14 -4.55 19.63
N THR A 130 39.96 -3.27 19.29
CA THR A 130 41.05 -2.28 19.36
C THR A 130 41.11 -1.57 20.72
N ASN A 131 40.26 -1.98 21.65
CA ASN A 131 40.04 -1.22 22.88
C ASN A 131 39.68 0.23 22.59
N PHE A 132 38.80 0.40 21.60
CA PHE A 132 38.29 1.71 21.19
C PHE A 132 39.39 2.71 20.82
N ARG A 133 40.46 2.21 20.21
CA ARG A 133 41.55 3.06 19.70
C ARG A 133 41.50 3.20 18.17
N GLY A 134 40.54 2.52 17.54
CA GLY A 134 40.33 2.64 16.09
C GLY A 134 41.23 1.74 15.25
N VAL A 135 40.80 1.47 14.02
CA VAL A 135 41.64 0.78 13.03
C VAL A 135 42.37 1.83 12.19
N SER A 136 43.18 1.38 11.23
CA SER A 136 44.02 2.29 10.44
C SER A 136 43.19 3.07 9.42
N LEU A 137 43.83 4.09 8.85
CA LEU A 137 43.23 4.91 7.80
C LEU A 137 43.15 4.12 6.50
N ASN A 138 44.07 3.17 6.33
CA ASN A 138 44.03 2.26 5.19
C ASN A 138 42.79 1.37 5.21
N LEU A 139 42.48 0.79 6.38
CA LEU A 139 41.25 -0.01 6.52
C LEU A 139 39.99 0.87 6.52
N THR A 140 40.10 2.04 7.13
CA THR A 140 39.00 3.00 7.16
C THR A 140 38.62 3.41 5.74
N ARG A 141 39.61 3.58 4.87
CA ARG A 141 39.36 3.93 3.46
C ARG A 141 38.59 2.83 2.72
N LYS A 142 38.93 1.57 2.96
CA LYS A 142 38.22 0.45 2.34
C LYS A 142 36.79 0.31 2.84
N PHE A 143 36.57 0.55 4.13
CA PHE A 143 35.21 0.61 4.67
C PHE A 143 34.44 1.77 4.00
N ALA A 144 35.10 2.91 3.86
CA ALA A 144 34.49 4.12 3.29
C ALA A 144 34.09 3.97 1.83
N GLN A 145 35.01 3.46 1.00
CA GLN A 145 34.72 3.26 -0.43
C GLN A 145 33.58 2.26 -0.61
N GLN A 146 33.54 1.23 0.22
CA GLN A 146 32.51 0.21 0.16
C GLN A 146 31.14 0.74 0.61
N MET A 147 31.14 1.57 1.65
CA MET A 147 29.90 2.17 2.15
C MET A 147 29.37 3.21 1.18
N CYS A 148 30.26 3.97 0.55
CA CYS A 148 29.86 4.95 -0.44
C CYS A 148 29.16 4.29 -1.63
N THR A 149 29.70 3.16 -2.07
CA THR A 149 29.10 2.34 -3.11
C THR A 149 27.75 1.79 -2.66
N ALA A 150 27.70 1.28 -1.44
CA ALA A 150 26.43 0.85 -0.84
C ALA A 150 25.38 1.96 -0.88
N LEU A 151 25.77 3.17 -0.51
CA LEU A 151 24.87 4.32 -0.54
C LEU A 151 24.52 4.76 -1.97
N LEU A 152 25.44 4.57 -2.93
CA LEU A 152 25.15 4.85 -4.32
C LEU A 152 24.03 3.93 -4.81
N PHE A 153 24.14 2.65 -4.45
CA PHE A 153 23.13 1.66 -4.77
C PHE A 153 21.77 1.97 -4.16
N LEU A 154 21.74 2.37 -2.89
CA LEU A 154 20.47 2.77 -2.25
C LEU A 154 19.84 4.01 -2.89
N ALA A 155 20.69 4.85 -3.49
CA ALA A 155 20.25 6.05 -4.17
C ALA A 155 19.66 5.80 -5.55
N THR A 156 19.79 4.57 -6.05
CA THR A 156 19.18 4.17 -7.31
C THR A 156 17.71 4.62 -7.33
N PRO A 157 17.33 5.42 -8.36
CA PRO A 157 16.03 6.10 -8.35
C PRO A 157 14.82 5.22 -8.05
N GLU A 158 14.85 3.98 -8.53
CA GLU A 158 13.75 3.04 -8.32
C GLU A 158 13.77 2.43 -6.91
N LEU A 159 14.92 2.51 -6.24
CA LEU A 159 15.02 2.11 -4.83
C LEU A 159 14.77 3.30 -3.91
N SER A 160 15.65 4.29 -3.95
CA SER A 160 15.56 5.50 -3.10
C SER A 160 15.35 5.14 -1.63
N ILE A 161 16.15 4.20 -1.14
CA ILE A 161 15.99 3.66 0.21
C ILE A 161 16.89 4.40 1.19
N ILE A 162 16.29 4.86 2.29
CA ILE A 162 17.04 5.41 3.40
C ILE A 162 17.13 4.30 4.44
N HIS A 163 18.36 3.85 4.72
CA HIS A 163 18.56 2.83 5.75
C HIS A 163 18.03 3.34 7.08
N CYS A 164 18.42 4.56 7.44
CA CYS A 164 17.82 5.30 8.55
C CYS A 164 18.34 4.89 9.94
N ASP A 165 19.27 3.93 10.00
CA ASP A 165 19.88 3.54 11.28
C ASP A 165 21.28 2.99 11.06
N LEU A 166 22.09 3.71 10.26
CA LEU A 166 23.47 3.32 10.02
C LEU A 166 24.31 3.58 11.27
N LYS A 167 25.02 2.55 11.70
CA LYS A 167 25.91 2.62 12.85
C LYS A 167 26.88 1.44 12.77
N PRO A 168 27.98 1.48 13.57
CA PRO A 168 28.95 0.38 13.55
C PRO A 168 28.33 -1.01 13.72
N GLU A 169 27.28 -1.13 14.54
CA GLU A 169 26.61 -2.41 14.77
C GLU A 169 25.96 -2.99 13.51
N ASN A 170 25.46 -2.11 12.63
CA ASN A 170 24.74 -2.53 11.42
C ASN A 170 25.62 -2.65 10.17
N ILE A 171 26.93 -2.62 10.34
CA ILE A 171 27.87 -2.93 9.27
C ILE A 171 28.65 -4.18 9.68
N LEU A 172 28.59 -5.22 8.86
CA LEU A 172 29.18 -6.53 9.18
C LEU A 172 30.25 -6.94 8.18
N LEU A 173 31.38 -7.44 8.69
CA LEU A 173 32.40 -8.04 7.84
C LEU A 173 31.84 -9.31 7.20
N CYS A 174 32.15 -9.52 5.92
CA CYS A 174 31.83 -10.79 5.28
C CYS A 174 32.57 -11.92 5.98
N ASN A 175 33.86 -11.69 6.17
CA ASN A 175 34.80 -12.70 6.63
C ASN A 175 35.80 -12.06 7.60
N PRO A 176 36.19 -12.79 8.67
CA PRO A 176 37.14 -12.22 9.63
C PRO A 176 38.55 -11.96 9.07
N LYS A 177 38.89 -12.62 7.97
CA LYS A 177 40.20 -12.46 7.34
C LYS A 177 40.16 -11.55 6.11
N ARG A 178 39.09 -10.77 5.95
CA ARG A 178 38.97 -9.81 4.84
C ARG A 178 38.40 -8.47 5.28
N SER A 179 38.46 -7.50 4.37
CA SER A 179 37.95 -6.14 4.61
C SER A 179 36.58 -5.89 3.97
N ALA A 180 36.04 -6.90 3.29
CA ALA A 180 34.72 -6.76 2.67
C ALA A 180 33.65 -6.55 3.72
N ILE A 181 32.70 -5.66 3.44
CA ILE A 181 31.60 -5.38 4.38
C ILE A 181 30.23 -5.29 3.72
N LYS A 182 29.20 -5.59 4.50
CA LYS A 182 27.82 -5.48 4.07
C LYS A 182 26.98 -4.77 5.14
N ILE A 183 25.95 -4.05 4.71
CA ILE A 183 25.01 -3.40 5.62
C ILE A 183 23.88 -4.39 5.93
N VAL A 184 23.46 -4.43 7.19
CA VAL A 184 22.35 -5.28 7.63
C VAL A 184 21.22 -4.44 8.24
N ASP A 185 20.08 -5.08 8.43
CA ASP A 185 18.91 -4.51 9.11
C ASP A 185 18.27 -3.36 8.35
N PHE A 186 17.36 -3.71 7.44
CA PHE A 186 16.52 -2.74 6.76
C PHE A 186 15.09 -2.78 7.31
N GLY A 187 14.96 -3.20 8.57
CA GLY A 187 13.67 -3.19 9.25
C GLY A 187 13.36 -1.84 9.85
N SER A 188 14.38 -0.99 10.00
CA SER A 188 14.20 0.38 10.48
C SER A 188 14.36 1.40 9.34
N SER A 189 14.04 1.00 8.12
CA SER A 189 14.12 1.90 6.96
C SER A 189 13.08 3.01 7.05
N CYS A 190 13.38 4.14 6.41
CA CYS A 190 12.44 5.23 6.30
C CYS A 190 12.43 5.73 4.85
N GLN A 191 12.05 4.83 3.93
CA GLN A 191 12.12 5.10 2.48
C GLN A 191 11.58 6.48 2.09
N LEU A 192 12.19 7.06 1.06
CA LEU A 192 11.92 8.45 0.65
C LEU A 192 10.46 8.69 0.30
N GLY A 193 10.00 9.91 0.60
CA GLY A 193 8.65 10.35 0.26
C GLY A 193 7.98 11.11 1.38
N GLN A 194 6.69 10.84 1.59
CA GLN A 194 5.90 11.46 2.64
C GLN A 194 6.54 11.22 4.00
N ARG A 195 6.69 12.27 4.80
CA ARG A 195 7.32 12.13 6.11
C ARG A 195 6.36 11.49 7.12
N ILE A 196 6.65 10.25 7.47
CA ILE A 196 5.88 9.51 8.47
C ILE A 196 6.58 9.56 9.83
N TYR A 197 7.91 9.53 9.83
CA TYR A 197 8.68 9.42 11.06
C TYR A 197 9.55 10.65 11.28
N GLN A 198 9.78 10.99 12.55
CA GLN A 198 10.63 12.12 12.93
C GLN A 198 11.72 11.72 13.94
N PTR A 199 11.37 10.89 14.92
CA PTR A 199 12.35 10.36 15.87
C PTR A 199 12.98 9.14 15.27
O PTR A 199 12.53 8.01 15.48
CB PTR A 199 11.64 10.01 17.18
CG PTR A 199 12.57 9.69 18.34
CD1 PTR A 199 12.74 8.37 18.74
CD2 PTR A 199 13.24 10.71 19.02
CE1 PTR A 199 13.58 8.07 19.81
CE2 PTR A 199 14.08 10.40 20.11
CZ PTR A 199 14.26 9.07 20.49
OH PTR A 199 15.05 8.73 21.57
P PTR A 199 16.66 8.64 21.57
O1P PTR A 199 17.15 10.06 21.42
O2P PTR A 199 16.93 8.05 22.93
O3P PTR A 199 16.99 7.74 20.42
N ILE A 200 14.06 9.39 14.51
CA ILE A 200 14.71 8.36 13.69
C ILE A 200 16.23 8.50 13.79
N GLN A 201 16.92 7.44 13.38
CA GLN A 201 18.37 7.29 13.54
C GLN A 201 18.79 7.13 14.99
N SER A 202 19.81 6.31 15.22
CA SER A 202 20.39 6.20 16.55
C SER A 202 21.18 7.48 16.84
N ARG A 203 21.13 7.92 18.10
CA ARG A 203 21.43 9.31 18.46
C ARG A 203 22.82 9.81 18.06
N PHE A 204 23.86 9.01 18.29
CA PHE A 204 25.23 9.44 17.97
C PHE A 204 25.39 9.80 16.48
N TYR A 205 24.55 9.19 15.64
CA TYR A 205 24.66 9.29 14.18
C TYR A 205 23.47 10.03 13.57
N ARG A 206 22.68 10.70 14.42
CA ARG A 206 21.47 11.39 13.99
C ARG A 206 21.81 12.72 13.34
N SER A 207 21.24 12.99 12.17
CA SER A 207 21.57 14.17 11.38
C SER A 207 20.98 15.44 11.96
N PRO A 208 21.54 16.61 11.61
CA PRO A 208 21.02 17.89 12.11
C PRO A 208 19.58 18.18 11.66
N GLU A 209 19.24 17.82 10.42
CA GLU A 209 17.88 18.02 9.91
C GLU A 209 16.86 17.20 10.70
N VAL A 210 17.28 16.03 11.16
CA VAL A 210 16.44 15.19 12.01
C VAL A 210 16.34 15.80 13.41
N LEU A 211 17.48 16.23 13.96
CA LEU A 211 17.48 16.90 15.27
C LEU A 211 16.60 18.14 15.24
N LEU A 212 16.65 18.87 14.13
CA LEU A 212 15.90 20.14 13.99
C LEU A 212 14.42 19.97 13.62
N GLY A 213 13.99 18.75 13.32
CA GLY A 213 12.58 18.47 13.01
C GLY A 213 12.22 18.89 11.60
N MET A 214 13.20 18.83 10.71
CA MET A 214 13.08 19.31 9.34
C MET A 214 12.92 18.16 8.35
N PRO A 215 12.46 18.48 7.12
CA PRO A 215 12.37 17.42 6.11
C PRO A 215 13.75 16.82 5.82
N TYR A 216 13.76 15.54 5.47
CA TYR A 216 15.01 14.80 5.30
C TYR A 216 14.90 13.80 4.17
N ASP A 217 16.06 13.36 3.66
CA ASP A 217 16.10 12.42 2.54
C ASP A 217 17.29 11.46 2.71
N LEU A 218 17.86 10.97 1.61
CA LEU A 218 18.96 10.00 1.70
C LEU A 218 20.24 10.59 2.29
N ALA A 219 20.37 11.92 2.25
CA ALA A 219 21.52 12.62 2.84
C ALA A 219 21.77 12.31 4.32
N ILE A 220 20.76 11.81 5.04
CA ILE A 220 20.93 11.48 6.46
C ILE A 220 21.83 10.26 6.68
N ASP A 221 21.85 9.34 5.72
CA ASP A 221 22.76 8.20 5.79
C ASP A 221 24.23 8.61 5.55
N MET A 222 24.44 9.62 4.73
CA MET A 222 25.79 10.16 4.49
C MET A 222 26.36 10.89 5.71
N TRP A 223 25.47 11.54 6.47
CA TRP A 223 25.86 12.16 7.74
C TRP A 223 26.35 11.08 8.71
N SER A 224 25.50 10.08 8.93
CA SER A 224 25.84 8.93 9.76
C SER A 224 27.18 8.30 9.34
N LEU A 225 27.40 8.18 8.04
CA LEU A 225 28.65 7.60 7.52
C LEU A 225 29.84 8.47 7.90
N GLY A 226 29.71 9.78 7.71
CA GLY A 226 30.73 10.73 8.16
C GLY A 226 31.13 10.45 9.60
N CYS A 227 30.14 10.39 10.47
CA CYS A 227 30.34 10.07 11.88
C CYS A 227 30.97 8.70 12.08
N ILE A 228 30.43 7.68 11.40
CA ILE A 228 30.94 6.31 11.52
C ILE A 228 32.41 6.23 11.14
N LEU A 229 32.78 6.88 10.03
CA LEU A 229 34.13 6.77 9.50
C LEU A 229 35.20 7.38 10.42
N VAL A 230 34.87 8.50 11.06
CA VAL A 230 35.78 9.15 12.01
C VAL A 230 35.95 8.25 13.23
N GLU A 231 34.84 7.65 13.66
CA GLU A 231 34.85 6.73 14.80
C GLU A 231 35.68 5.48 14.54
N MET A 232 35.67 4.99 13.31
CA MET A 232 36.43 3.78 12.98
C MET A 232 37.95 4.01 13.02
N HIS A 233 38.38 5.26 12.87
CA HIS A 233 39.81 5.58 12.92
C HIS A 233 40.27 6.12 14.27
N THR A 234 39.40 6.83 14.98
CA THR A 234 39.70 7.30 16.33
C THR A 234 39.44 6.20 17.35
N GLY A 235 38.38 5.43 17.11
CA GLY A 235 37.95 4.38 18.04
C GLY A 235 36.82 4.80 18.96
N GLU A 236 36.53 6.10 19.01
CA GLU A 236 35.47 6.64 19.84
C GLU A 236 34.41 7.32 18.96
N PRO A 237 33.15 7.33 19.42
CA PRO A 237 32.11 8.07 18.69
C PRO A 237 32.42 9.56 18.59
N LEU A 238 32.11 10.16 17.44
CA LEU A 238 32.44 11.56 17.17
C LEU A 238 31.55 12.53 17.93
N PHE A 239 30.25 12.21 17.99
CA PHE A 239 29.25 13.05 18.63
C PHE A 239 28.44 12.22 19.60
N SER A 240 28.95 12.04 20.81
CA SER A 240 28.37 11.11 21.78
C SER A 240 27.35 11.76 22.71
N GLY A 241 26.26 12.28 22.14
CA GLY A 241 25.21 12.91 22.94
C GLY A 241 24.48 11.93 23.85
N ALA A 242 24.36 12.29 25.12
CA ALA A 242 23.59 11.50 26.08
C ALA A 242 22.09 11.79 25.93
N ASN A 243 21.79 12.91 25.30
CA ASN A 243 20.44 13.32 24.98
C ASN A 243 20.50 14.18 23.72
N GLU A 244 19.36 14.67 23.25
CA GLU A 244 19.34 15.45 22.01
C GLU A 244 20.03 16.80 22.15
N VAL A 245 19.88 17.45 23.30
CA VAL A 245 20.52 18.75 23.51
C VAL A 245 22.03 18.60 23.54
N ASP A 246 22.51 17.58 24.24
CA ASP A 246 23.94 17.30 24.33
C ASP A 246 24.51 16.87 22.97
N GLN A 247 23.66 16.24 22.15
CA GLN A 247 24.07 15.79 20.81
C GLN A 247 24.32 16.98 19.89
N MET A 248 23.36 17.90 19.83
CA MET A 248 23.51 19.12 19.03
C MET A 248 24.70 19.94 19.51
N ASN A 249 24.86 20.03 20.83
CA ASN A 249 25.97 20.78 21.41
C ASN A 249 27.33 20.20 21.01
N LYS A 250 27.42 18.87 20.94
CA LYS A 250 28.66 18.22 20.50
C LYS A 250 28.89 18.38 18.99
N ILE A 251 27.81 18.50 18.23
CA ILE A 251 27.90 18.82 16.81
C ILE A 251 28.39 20.26 16.60
N VAL A 252 27.81 21.22 17.33
CA VAL A 252 28.20 22.63 17.23
C VAL A 252 29.64 22.86 17.68
N GLU A 253 30.10 22.14 18.70
CA GLU A 253 31.50 22.18 19.12
C GLU A 253 32.44 22.00 17.95
N VAL A 254 32.16 21.02 17.11
CA VAL A 254 33.04 20.67 15.99
C VAL A 254 32.76 21.49 14.73
N LEU A 255 31.49 21.75 14.44
CA LEU A 255 31.09 22.34 13.16
C LEU A 255 30.58 23.78 13.25
N GLY A 256 30.49 24.33 14.46
CA GLY A 256 30.00 25.69 14.65
C GLY A 256 28.48 25.75 14.68
N ILE A 257 27.96 26.97 14.79
CA ILE A 257 26.52 27.22 14.80
C ILE A 257 25.98 26.90 13.41
N PRO A 258 24.87 26.15 13.33
CA PRO A 258 24.31 25.84 12.00
C PRO A 258 23.84 27.10 11.28
N PRO A 259 23.92 27.10 9.93
CA PRO A 259 23.54 28.29 9.15
C PRO A 259 22.14 28.82 9.49
N ALA A 260 22.01 30.13 9.62
CA ALA A 260 20.75 30.78 9.99
C ALA A 260 19.61 30.45 9.03
N HIS A 261 19.93 30.33 7.75
CA HIS A 261 18.92 30.01 6.74
C HIS A 261 18.22 28.67 7.06
N ILE A 262 18.95 27.73 7.67
CA ILE A 262 18.37 26.47 8.12
C ILE A 262 17.59 26.64 9.42
N LEU A 263 18.19 27.32 10.39
CA LEU A 263 17.57 27.51 11.70
C LEU A 263 16.29 28.35 11.67
N ASP A 264 16.17 29.23 10.69
CA ASP A 264 14.94 30.00 10.50
C ASP A 264 13.77 29.13 10.09
N GLN A 265 14.06 27.97 9.48
CA GLN A 265 13.04 27.05 9.00
C GLN A 265 12.81 25.87 9.94
N ALA A 266 13.67 25.71 10.94
CA ALA A 266 13.64 24.53 11.82
C ALA A 266 12.57 24.63 12.90
N PRO A 267 11.62 23.68 12.95
CA PRO A 267 10.64 23.66 14.05
C PRO A 267 11.23 23.39 15.45
N LYS A 268 12.30 22.60 15.52
CA LYS A 268 12.99 22.30 16.79
C LYS A 268 14.16 23.24 17.08
N ALA A 269 14.25 24.36 16.36
CA ALA A 269 15.30 25.35 16.59
C ALA A 269 15.42 25.72 18.06
N ARG A 270 14.29 26.00 18.70
CA ARG A 270 14.27 26.51 20.08
C ARG A 270 14.58 25.47 21.16
N LYS A 271 14.72 24.19 20.79
CA LYS A 271 15.16 23.17 21.73
C LYS A 271 16.63 23.32 22.05
N PHE A 272 17.40 23.83 21.09
CA PHE A 272 18.85 23.96 21.21
C PHE A 272 19.36 25.41 21.15
N PHE A 273 18.65 26.27 20.41
CA PHE A 273 19.15 27.60 20.11
C PHE A 273 18.15 28.70 20.48
N GLU A 274 18.67 29.92 20.60
CA GLU A 274 17.83 31.09 20.86
C GLU A 274 18.14 32.17 19.83
N LYS A 275 17.09 32.80 19.31
CA LYS A 275 17.25 33.87 18.33
C LYS A 275 17.32 35.22 19.04
N LEU A 276 18.50 35.84 18.99
CA LEU A 276 18.76 37.11 19.71
C LEU A 276 18.12 38.31 19.01
N PRO A 277 18.02 39.45 19.73
CA PRO A 277 17.50 40.71 19.15
C PRO A 277 18.12 41.14 17.82
N ASP A 278 19.40 40.83 17.61
CA ASP A 278 20.08 41.19 16.36
C ASP A 278 19.77 40.26 15.18
N GLY A 279 19.01 39.19 15.42
CA GLY A 279 18.59 38.28 14.35
C GLY A 279 19.44 37.03 14.24
N THR A 280 20.59 37.02 14.93
CA THR A 280 21.49 35.87 14.92
C THR A 280 21.03 34.82 15.92
N TRP A 281 21.45 33.58 15.69
CA TRP A 281 21.12 32.46 16.57
C TRP A 281 22.30 32.10 17.47
N ASN A 282 21.99 31.78 18.73
CA ASN A 282 23.00 31.35 19.70
C ASN A 282 22.58 30.05 20.37
N LEU A 283 23.53 29.34 20.95
CA LEU A 283 23.22 28.26 21.89
C LEU A 283 22.47 28.86 23.07
N LYS A 284 21.33 28.29 23.41
CA LYS A 284 20.70 28.61 24.69
C LYS A 284 21.33 27.68 25.72
N LYS A 285 21.81 28.26 26.82
CA LYS A 285 22.64 27.55 27.78
C LYS A 285 21.84 26.51 28.56
N THR A 286 22.53 25.49 29.05
CA THR A 286 21.92 24.45 29.90
C THR A 286 22.88 24.05 31.02
N GLU A 292 28.88 22.06 29.78
CA GLU A 292 30.32 22.32 29.63
C GLU A 292 30.79 22.00 28.20
N TYR A 293 30.73 23.00 27.33
CA TYR A 293 31.10 22.81 25.92
C TYR A 293 32.13 23.84 25.47
N LYS A 294 33.08 23.37 24.67
CA LYS A 294 33.98 24.27 23.95
C LYS A 294 33.15 25.26 23.12
N PRO A 295 33.68 26.48 22.90
CA PRO A 295 32.95 27.46 22.08
C PRO A 295 32.70 26.96 20.65
N PRO A 296 31.67 27.52 19.97
CA PRO A 296 31.26 27.12 18.63
C PRO A 296 32.40 26.88 17.64
N GLY A 297 32.49 25.67 17.12
CA GLY A 297 33.43 25.33 16.05
C GLY A 297 34.90 25.35 16.42
N THR A 298 35.23 25.17 17.71
CA THR A 298 36.63 25.20 18.16
C THR A 298 37.23 23.82 18.45
N ARG A 299 36.39 22.79 18.54
CA ARG A 299 36.87 21.41 18.62
C ARG A 299 37.09 20.89 17.19
N LYS A 300 38.23 21.24 16.62
CA LYS A 300 38.46 21.03 15.18
C LYS A 300 38.66 19.55 14.82
N LEU A 301 38.02 19.12 13.73
CA LEU A 301 38.22 17.79 13.19
C LEU A 301 39.68 17.56 12.78
N HIS A 302 40.33 18.62 12.30
CA HIS A 302 41.76 18.63 12.01
C HIS A 302 42.58 18.15 13.21
N ASN A 303 42.15 18.53 14.41
CA ASN A 303 42.81 18.15 15.65
C ASN A 303 42.30 16.85 16.27
N ILE A 304 41.01 16.54 16.09
CA ILE A 304 40.46 15.27 16.54
C ILE A 304 41.12 14.12 15.77
N LEU A 305 41.29 14.31 14.46
CA LEU A 305 41.91 13.31 13.59
C LEU A 305 43.44 13.23 13.76
N GLY A 306 44.04 14.31 14.27
CA GLY A 306 45.50 14.37 14.46
C GLY A 306 46.25 14.51 13.15
N VAL A 307 45.76 15.39 12.28
CA VAL A 307 46.23 15.52 10.90
C VAL A 307 47.75 15.74 10.81
N GLU A 308 48.28 16.63 11.66
CA GLU A 308 49.71 16.97 11.65
C GLU A 308 50.48 16.40 12.84
N THR A 309 49.79 15.69 13.74
CA THR A 309 50.41 15.15 14.95
C THR A 309 50.42 13.62 15.01
N GLY A 310 50.39 12.98 13.84
CA GLY A 310 50.50 11.51 13.77
C GLY A 310 49.24 10.76 14.11
N GLY A 311 48.09 11.28 13.69
CA GLY A 311 46.81 10.59 13.87
C GLY A 311 46.23 10.69 15.26
N PRO A 312 45.13 9.96 15.52
CA PRO A 312 44.45 9.96 16.82
C PRO A 312 45.38 9.56 17.97
N GLY A 313 45.62 10.49 18.89
CA GLY A 313 46.51 10.26 20.03
C GLY A 313 47.96 10.00 19.65
N GLY A 314 48.35 10.36 18.44
CA GLY A 314 49.70 10.13 17.94
C GLY A 314 50.07 8.67 17.70
N ARG A 315 49.07 7.78 17.68
CA ARG A 315 49.32 6.34 17.60
C ARG A 315 49.69 5.85 16.19
N ARG A 316 49.47 6.68 15.18
CA ARG A 316 49.79 6.34 13.78
C ARG A 316 51.02 7.08 13.26
N ALA A 317 51.81 7.66 14.15
CA ALA A 317 53.04 8.36 13.78
C ALA A 317 53.98 7.42 13.02
N GLY A 318 54.29 7.77 11.78
CA GLY A 318 55.22 7.00 10.96
C GLY A 318 54.63 5.78 10.27
N GLU A 319 53.33 5.54 10.44
CA GLU A 319 52.69 4.41 9.76
C GLU A 319 52.44 4.78 8.31
N SER A 320 52.70 3.84 7.41
CA SER A 320 52.56 4.09 5.98
C SER A 320 51.11 4.40 5.64
N GLY A 321 50.92 5.34 4.73
CA GLY A 321 49.59 5.82 4.36
C GLY A 321 48.94 6.63 5.48
N HIS A 322 49.76 7.26 6.32
CA HIS A 322 49.28 8.17 7.36
C HIS A 322 50.09 9.45 7.35
N THR A 323 50.36 9.97 6.16
CA THR A 323 51.08 11.22 6.01
C THR A 323 50.09 12.36 6.21
N VAL A 324 50.61 13.57 6.39
CA VAL A 324 49.76 14.75 6.58
C VAL A 324 48.80 14.91 5.40
N ALA A 325 49.30 14.70 4.18
CA ALA A 325 48.49 14.80 2.98
C ALA A 325 47.34 13.80 2.96
N ASP A 326 47.62 12.55 3.33
CA ASP A 326 46.59 11.50 3.41
C ASP A 326 45.48 11.89 4.37
N TYR A 327 45.85 12.53 5.47
CA TYR A 327 44.89 12.96 6.50
C TYR A 327 44.02 14.12 6.06
N LEU A 328 44.60 15.05 5.29
CA LEU A 328 43.83 16.18 4.74
C LEU A 328 42.79 15.71 3.73
N LYS A 329 43.13 14.68 2.96
CA LYS A 329 42.18 14.07 2.02
C LYS A 329 40.98 13.51 2.79
N PHE A 330 41.27 12.71 3.81
CA PHE A 330 40.24 12.12 4.66
C PHE A 330 39.42 13.21 5.35
N LYS A 331 40.11 14.16 5.96
CA LYS A 331 39.43 15.29 6.62
C LYS A 331 38.41 15.93 5.67
N ASP A 332 38.89 16.31 4.49
CA ASP A 332 38.05 17.00 3.51
C ASP A 332 36.78 16.22 3.17
N LEU A 333 36.95 14.93 2.85
CA LEU A 333 35.83 14.06 2.54
C LEU A 333 34.83 14.00 3.70
N ILE A 334 35.34 13.90 4.92
CA ILE A 334 34.50 13.85 6.11
C ILE A 334 33.74 15.16 6.32
N LEU A 335 34.43 16.29 6.17
CA LEU A 335 33.76 17.60 6.26
C LEU A 335 32.65 17.77 5.21
N ARG A 336 32.83 17.15 4.04
CA ARG A 336 31.79 17.19 2.99
C ARG A 336 30.62 16.28 3.33
N MET A 337 30.86 15.25 4.12
CA MET A 337 29.79 14.38 4.61
C MET A 337 29.05 14.97 5.81
N LEU A 338 29.65 15.97 6.45
CA LEU A 338 29.05 16.61 7.63
C LEU A 338 28.68 18.07 7.35
N ASP A 339 28.46 18.39 6.07
CA ASP A 339 27.84 19.64 5.66
C ASP A 339 26.49 19.74 6.37
N TYR A 340 26.17 20.92 6.88
CA TYR A 340 24.88 21.15 7.57
C TYR A 340 23.72 21.13 6.59
N ASP A 341 23.98 21.54 5.35
CA ASP A 341 22.95 21.59 4.32
C ASP A 341 22.84 20.23 3.64
N PRO A 342 21.68 19.55 3.78
CA PRO A 342 21.50 18.26 3.11
C PRO A 342 21.54 18.35 1.57
N LYS A 343 21.30 19.55 1.02
CA LYS A 343 21.33 19.75 -0.44
C LYS A 343 22.73 19.73 -1.02
N THR A 344 23.68 20.37 -0.34
CA THR A 344 25.06 20.42 -0.83
C THR A 344 25.97 19.36 -0.21
N ARG A 345 25.45 18.65 0.80
CA ARG A 345 26.18 17.53 1.40
C ARG A 345 26.58 16.57 0.29
N ILE A 346 27.82 16.07 0.36
CA ILE A 346 28.36 15.27 -0.74
C ILE A 346 27.51 14.04 -1.00
N GLN A 347 27.26 13.76 -2.27
CA GLN A 347 26.47 12.61 -2.68
C GLN A 347 27.38 11.42 -3.00
N PRO A 348 26.84 10.19 -2.93
CA PRO A 348 27.59 8.95 -3.16
C PRO A 348 28.49 8.96 -4.38
N TYR A 349 27.96 9.38 -5.53
CA TYR A 349 28.70 9.40 -6.77
C TYR A 349 29.97 10.25 -6.67
N TYR A 350 29.85 11.45 -6.13
CA TYR A 350 30.99 12.36 -6.02
C TYR A 350 31.94 12.00 -4.89
N ALA A 351 31.43 11.40 -3.83
CA ALA A 351 32.27 10.87 -2.77
C ALA A 351 33.24 9.83 -3.33
N LEU A 352 32.75 8.97 -4.22
CA LEU A 352 33.59 7.94 -4.84
C LEU A 352 34.70 8.51 -5.73
N GLN A 353 34.50 9.73 -6.24
CA GLN A 353 35.51 10.43 -7.04
C GLN A 353 36.47 11.30 -6.21
N HIS A 354 36.38 11.23 -4.88
CA HIS A 354 37.26 12.03 -4.00
C HIS A 354 38.68 11.48 -4.08
N SER A 355 39.67 12.36 -3.91
CA SER A 355 41.08 11.97 -4.03
C SER A 355 41.55 11.05 -2.88
N PHE A 356 40.73 10.93 -1.85
CA PHE A 356 40.97 9.99 -0.75
C PHE A 356 40.95 8.56 -1.26
N PHE A 357 40.14 8.29 -2.31
CA PHE A 357 40.07 6.96 -2.92
C PHE A 357 40.89 6.84 -4.21
N LYS A 358 41.57 7.90 -4.61
CA LYS A 358 42.28 7.95 -5.89
C LYS A 358 43.59 7.16 -5.82
N LYS A 359 43.73 6.17 -6.70
CA LYS A 359 44.94 5.35 -6.77
C LYS A 359 45.95 6.01 -7.70
N ARG B 11 22.28 6.17 34.54
CA ARG B 11 23.26 6.85 33.63
C ARG B 11 22.66 7.12 32.26
N LYS B 12 22.13 6.06 31.64
CA LYS B 12 21.63 6.12 30.26
C LYS B 12 20.20 6.65 30.18
N VAL B 13 19.95 7.46 29.16
CA VAL B 13 18.69 8.20 29.03
C VAL B 13 18.01 7.88 27.69
N TYR B 14 16.69 7.78 27.70
CA TYR B 14 15.90 7.43 26.52
C TYR B 14 14.84 8.49 26.23
N ASN B 15 14.79 8.96 24.98
CA ASN B 15 13.90 10.04 24.55
C ASN B 15 14.07 11.29 25.43
N ASP B 16 15.33 11.65 25.68
CA ASP B 16 15.71 12.72 26.62
C ASP B 16 15.22 12.52 28.07
N GLY B 17 14.90 11.28 28.43
CA GLY B 17 14.45 10.95 29.79
C GLY B 17 12.95 10.81 29.93
N TYR B 18 12.23 10.92 28.82
CA TYR B 18 10.78 10.80 28.82
C TYR B 18 10.32 9.35 28.70
N ASP B 19 11.14 8.49 28.08
CA ASP B 19 10.82 7.08 27.92
C ASP B 19 11.62 6.19 28.87
N ASP B 20 11.07 5.03 29.20
CA ASP B 20 11.84 3.99 29.89
C ASP B 20 12.69 3.25 28.86
N ASP B 21 13.39 2.18 29.28
CA ASP B 21 14.23 1.42 28.37
C ASP B 21 13.44 0.50 27.42
N ASN B 22 12.12 0.48 27.57
CA ASN B 22 11.23 -0.35 26.78
C ASN B 22 10.36 0.46 25.81
N TYR B 23 10.83 1.67 25.47
CA TYR B 23 10.12 2.57 24.55
C TYR B 23 8.75 3.06 25.03
N ASP B 24 8.45 2.88 26.32
CA ASP B 24 7.18 3.35 26.89
C ASP B 24 7.37 4.76 27.43
N TYR B 25 6.35 5.60 27.29
CA TYR B 25 6.36 6.91 27.95
C TYR B 25 6.21 6.73 29.45
N ILE B 26 7.18 7.22 30.21
CA ILE B 26 7.13 7.12 31.67
C ILE B 26 5.99 7.99 32.21
N VAL B 27 4.89 7.34 32.57
CA VAL B 27 3.70 8.04 33.02
C VAL B 27 3.91 8.65 34.41
N LYS B 28 3.68 9.96 34.50
CA LYS B 28 3.79 10.69 35.77
C LYS B 28 2.45 11.33 36.12
N ASN B 29 1.85 10.90 37.23
CA ASN B 29 0.53 11.36 37.63
C ASN B 29 0.50 12.88 37.86
N GLY B 30 -0.54 13.54 37.34
CA GLY B 30 -0.70 14.98 37.48
C GLY B 30 -0.17 15.81 36.33
N GLU B 31 0.64 15.22 35.45
CA GLU B 31 1.30 15.98 34.38
C GLU B 31 0.30 16.61 33.41
N LYS B 32 0.66 17.77 32.88
CA LYS B 32 -0.21 18.55 32.00
C LYS B 32 0.40 18.59 30.59
N TRP B 33 -0.33 18.07 29.61
CA TRP B 33 0.14 18.08 28.22
C TRP B 33 -0.48 19.20 27.40
N MET B 34 0.36 20.02 26.80
CA MET B 34 -0.05 21.03 25.82
C MET B 34 -1.09 22.03 26.37
N ASP B 35 -1.00 22.31 27.68
CA ASP B 35 -1.92 23.23 28.35
C ASP B 35 -3.38 22.74 28.23
N ARG B 36 -3.56 21.42 28.24
CA ARG B 36 -4.88 20.82 28.00
C ARG B 36 -5.13 19.55 28.83
N TYR B 37 -4.40 18.47 28.53
CA TYR B 37 -4.69 17.16 29.11
C TYR B 37 -3.97 16.94 30.43
N GLU B 38 -4.74 16.73 31.49
CA GLU B 38 -4.22 16.44 32.83
C GLU B 38 -4.32 14.95 33.09
N ILE B 39 -3.18 14.27 33.15
CA ILE B 39 -3.17 12.80 33.29
C ILE B 39 -3.23 12.38 34.76
N ASP B 40 -4.10 11.40 35.03
CA ASP B 40 -4.46 11.02 36.40
C ASP B 40 -3.75 9.74 36.85
N SER B 41 -3.92 8.66 36.08
CA SER B 41 -3.40 7.36 36.48
C SER B 41 -3.23 6.41 35.29
N LEU B 42 -2.34 5.44 35.47
CA LEU B 42 -2.11 4.39 34.50
C LEU B 42 -3.18 3.32 34.68
N ILE B 43 -4.02 3.14 33.67
CA ILE B 43 -5.20 2.29 33.78
C ILE B 43 -5.13 1.04 32.90
N GLY B 44 -3.96 0.78 32.32
CA GLY B 44 -3.78 -0.39 31.46
C GLY B 44 -2.48 -0.34 30.67
N LYS B 45 -2.04 -1.49 30.20
CA LYS B 45 -0.81 -1.58 29.39
C LYS B 45 -0.74 -2.88 28.59
N GLY B 46 0.24 -2.94 27.69
CA GLY B 46 0.48 -4.12 26.90
C GLY B 46 1.66 -3.93 25.98
N SER B 47 1.78 -4.82 24.99
CA SER B 47 2.85 -4.75 24.00
C SER B 47 2.82 -3.45 23.20
N PHE B 48 1.62 -2.99 22.86
CA PHE B 48 1.42 -1.74 22.11
C PHE B 48 1.91 -0.48 22.84
N GLY B 49 1.82 -0.49 24.15
CA GLY B 49 2.09 0.70 24.96
C GLY B 49 1.18 0.75 26.17
N GLN B 50 0.78 1.97 26.55
CA GLN B 50 0.02 2.20 27.77
C GLN B 50 -1.32 2.88 27.49
N VAL B 51 -2.25 2.75 28.44
CA VAL B 51 -3.51 3.47 28.42
C VAL B 51 -3.65 4.22 29.76
N VAL B 52 -3.93 5.51 29.69
CA VAL B 52 -4.02 6.36 30.89
C VAL B 52 -5.35 7.10 30.98
N LYS B 53 -5.76 7.38 32.21
CA LYS B 53 -6.93 8.22 32.47
C LYS B 53 -6.46 9.66 32.43
N ALA B 54 -7.21 10.51 31.74
CA ALA B 54 -6.83 11.91 31.61
C ALA B 54 -8.04 12.83 31.63
N TYR B 55 -7.88 14.00 32.24
CA TYR B 55 -8.92 15.02 32.26
C TYR B 55 -8.59 16.07 31.19
N ASP B 56 -9.50 16.23 30.24
CA ASP B 56 -9.38 17.26 29.22
C ASP B 56 -9.91 18.58 29.80
N ARG B 57 -8.98 19.41 30.29
CA ARG B 57 -9.34 20.69 30.94
C ARG B 57 -10.03 21.67 29.99
N VAL B 58 -9.65 21.66 28.72
CA VAL B 58 -10.24 22.56 27.73
C VAL B 58 -11.74 22.30 27.61
N GLU B 59 -12.11 21.10 27.17
CA GLU B 59 -13.51 20.74 26.96
C GLU B 59 -14.22 20.29 28.24
N GLN B 60 -13.48 20.09 29.33
CA GLN B 60 -14.03 19.68 30.62
C GLN B 60 -14.70 18.31 30.53
N GLU B 61 -13.88 17.27 30.47
CA GLU B 61 -14.36 15.90 30.40
C GLU B 61 -13.22 14.90 30.62
N TRP B 62 -13.55 13.76 31.20
CA TRP B 62 -12.58 12.68 31.38
C TRP B 62 -12.45 11.89 30.08
N VAL B 63 -11.21 11.61 29.69
CA VAL B 63 -10.91 10.86 28.46
C VAL B 63 -9.83 9.81 28.72
N ALA B 64 -9.81 8.77 27.88
CA ALA B 64 -8.79 7.75 27.93
C ALA B 64 -7.81 7.98 26.80
N ILE B 65 -6.53 8.08 27.14
CA ILE B 65 -5.48 8.30 26.14
C ILE B 65 -4.64 7.03 26.02
N LYS B 66 -4.63 6.47 24.81
CA LYS B 66 -3.78 5.32 24.48
C LYS B 66 -2.45 5.84 23.93
N ILE B 67 -1.37 5.63 24.69
CA ILE B 67 -0.05 6.13 24.31
C ILE B 67 0.77 4.97 23.74
N ILE B 68 1.04 5.04 22.43
CA ILE B 68 1.77 3.98 21.74
C ILE B 68 3.26 4.15 22.02
N LYS B 69 3.96 3.02 22.19
CA LYS B 69 5.41 3.02 22.39
C LYS B 69 6.15 3.80 21.30
N ASN B 70 7.27 4.41 21.68
CA ASN B 70 8.10 5.18 20.75
C ASN B 70 8.95 4.22 19.90
N LYS B 71 8.27 3.44 19.06
CA LYS B 71 8.92 2.47 18.19
C LYS B 71 8.12 2.32 16.91
N LYS B 72 8.82 2.09 15.80
CA LYS B 72 8.20 2.07 14.48
C LYS B 72 7.18 0.97 14.30
N ALA B 73 7.49 -0.23 14.79
CA ALA B 73 6.57 -1.36 14.69
C ALA B 73 5.22 -0.98 15.27
N PHE B 74 5.23 -0.48 16.50
CA PHE B 74 4.00 -0.12 17.18
C PHE B 74 3.36 1.14 16.63
N LEU B 75 4.16 2.13 16.24
CA LEU B 75 3.64 3.33 15.59
C LEU B 75 2.90 2.98 14.30
N ASN B 76 3.50 2.12 13.49
CA ASN B 76 2.89 1.66 12.23
C ASN B 76 1.59 0.91 12.48
N GLN B 77 1.56 0.08 13.50
CA GLN B 77 0.35 -0.69 13.83
C GLN B 77 -0.77 0.24 14.31
N ALA B 78 -0.44 1.20 15.17
CA ALA B 78 -1.43 2.14 15.69
C ALA B 78 -1.99 3.05 14.60
N GLN B 79 -1.16 3.39 13.62
CA GLN B 79 -1.62 4.15 12.45
C GLN B 79 -2.71 3.40 11.69
N ILE B 80 -2.61 2.07 11.59
CA ILE B 80 -3.67 1.25 10.99
C ILE B 80 -4.95 1.36 11.82
N GLU B 81 -4.80 1.30 13.14
CA GLU B 81 -5.93 1.47 14.05
C GLU B 81 -6.61 2.84 13.83
N VAL B 82 -5.80 3.88 13.64
CA VAL B 82 -6.33 5.23 13.42
C VAL B 82 -7.11 5.31 12.10
N ARG B 83 -6.62 4.66 11.05
CA ARG B 83 -7.34 4.61 9.77
C ARG B 83 -8.74 4.04 9.96
N LEU B 84 -8.82 2.86 10.58
CA LEU B 84 -10.07 2.15 10.74
C LEU B 84 -11.05 2.90 11.64
N LEU B 85 -10.53 3.48 12.72
CA LEU B 85 -11.35 4.29 13.63
C LEU B 85 -11.91 5.53 12.94
N GLU B 86 -11.07 6.20 12.13
CA GLU B 86 -11.51 7.37 11.37
C GLU B 86 -12.43 6.99 10.20
N LEU B 87 -12.21 5.80 9.65
CA LEU B 87 -13.07 5.26 8.59
C LEU B 87 -14.47 4.94 9.12
N MET B 88 -14.51 4.24 10.25
CA MET B 88 -15.78 3.90 10.90
C MET B 88 -16.57 5.14 11.32
N ASN B 89 -15.86 6.18 11.77
CA ASN B 89 -16.48 7.45 12.15
C ASN B 89 -17.27 8.09 11.01
N LYS B 90 -16.70 8.07 9.81
CA LYS B 90 -17.33 8.67 8.63
C LYS B 90 -18.71 8.08 8.29
N HIS B 91 -18.87 6.77 8.52
CA HIS B 91 -20.17 6.12 8.27
C HIS B 91 -21.23 6.67 9.22
N ASP B 92 -22.44 6.86 8.71
CA ASP B 92 -23.52 7.55 9.44
C ASP B 92 -24.26 6.66 10.45
N THR B 93 -24.54 5.42 10.07
CA THR B 93 -25.36 4.50 10.86
C THR B 93 -25.07 4.54 12.37
N GLU B 94 -26.13 4.46 13.17
CA GLU B 94 -26.01 4.49 14.63
C GLU B 94 -25.40 3.20 15.19
N MET B 95 -25.22 2.19 14.32
CA MET B 95 -24.55 0.95 14.69
C MET B 95 -23.07 1.18 15.02
N LYS B 96 -22.52 2.29 14.53
CA LYS B 96 -21.13 2.68 14.83
C LYS B 96 -20.91 3.00 16.31
N TYR B 97 -21.97 3.43 17.00
CA TYR B 97 -21.87 3.78 18.41
C TYR B 97 -21.70 2.57 19.35
N TYR B 98 -21.71 1.37 18.79
CA TYR B 98 -21.30 0.17 19.53
C TYR B 98 -19.79 -0.08 19.45
N ILE B 99 -19.09 0.78 18.70
CA ILE B 99 -17.63 0.81 18.70
C ILE B 99 -17.18 2.02 19.52
N VAL B 100 -16.06 1.88 20.22
CA VAL B 100 -15.50 2.99 20.99
C VAL B 100 -15.10 4.12 20.05
N HIS B 101 -15.37 5.36 20.46
CA HIS B 101 -15.17 6.53 19.61
C HIS B 101 -13.77 7.12 19.79
N LEU B 102 -13.08 7.27 18.67
CA LEU B 102 -11.83 8.03 18.64
C LEU B 102 -12.19 9.50 18.49
N LYS B 103 -11.83 10.31 19.49
CA LYS B 103 -12.07 11.75 19.44
C LYS B 103 -11.02 12.48 18.62
N ARG B 104 -9.76 12.06 18.76
CA ARG B 104 -8.63 12.69 18.06
C ARG B 104 -7.34 11.89 18.26
N HIS B 105 -6.32 12.25 17.47
CA HIS B 105 -5.00 11.64 17.60
C HIS B 105 -3.91 12.68 17.33
N PHE B 106 -2.89 12.70 18.19
CA PHE B 106 -1.78 13.63 18.05
C PHE B 106 -0.45 12.99 18.43
N MET B 107 0.63 13.57 17.93
CA MET B 107 1.97 13.20 18.35
C MET B 107 2.33 14.02 19.58
N PHE B 108 2.85 13.36 20.59
CA PHE B 108 3.30 14.03 21.82
C PHE B 108 4.60 13.39 22.30
N ARG B 109 5.69 14.16 22.25
CA ARG B 109 7.01 13.70 22.68
C ARG B 109 7.39 12.37 22.01
N ASN B 110 7.16 12.31 20.69
CA ASN B 110 7.46 11.15 19.85
C ASN B 110 6.60 9.92 20.14
N HIS B 111 5.42 10.14 20.71
CA HIS B 111 4.45 9.08 20.94
C HIS B 111 3.16 9.45 20.21
N LEU B 112 2.63 8.50 19.44
CA LEU B 112 1.28 8.67 18.90
C LEU B 112 0.30 8.38 20.03
N CYS B 113 -0.62 9.32 20.24
CA CYS B 113 -1.59 9.21 21.32
C CYS B 113 -2.99 9.24 20.72
N LEU B 114 -3.80 8.23 21.05
CA LEU B 114 -5.18 8.16 20.60
C LEU B 114 -6.09 8.51 21.76
N VAL B 115 -6.86 9.60 21.60
CA VAL B 115 -7.78 10.06 22.63
C VAL B 115 -9.17 9.48 22.40
N PHE B 116 -9.64 8.69 23.37
CA PHE B 116 -10.96 8.06 23.30
C PHE B 116 -11.93 8.67 24.29
N GLU B 117 -13.20 8.31 24.14
CA GLU B 117 -14.19 8.50 25.19
C GLU B 117 -13.81 7.62 26.38
N MET B 118 -14.02 8.11 27.59
CA MET B 118 -13.70 7.32 28.78
C MET B 118 -14.77 6.25 28.98
N LEU B 119 -14.32 5.00 29.15
CA LEU B 119 -15.22 3.88 29.39
C LEU B 119 -14.90 3.21 30.73
N SER B 120 -15.77 2.31 31.16
CA SER B 120 -15.69 1.69 32.48
C SER B 120 -15.06 0.30 32.41
N TYR B 121 -15.44 -0.58 33.35
CA TYR B 121 -14.88 -1.92 33.44
C TYR B 121 -15.28 -2.78 32.25
N ASN B 122 -14.44 -3.77 31.94
CA ASN B 122 -14.72 -4.72 30.88
C ASN B 122 -15.62 -5.85 31.37
N LEU B 123 -16.02 -6.74 30.48
CA LEU B 123 -16.91 -7.85 30.85
C LEU B 123 -16.21 -8.93 31.68
N TYR B 124 -14.89 -9.05 31.59
CA TYR B 124 -14.16 -10.00 32.44
C TYR B 124 -14.16 -9.54 33.91
N ASP B 125 -14.00 -8.24 34.11
CA ASP B 125 -14.11 -7.66 35.45
C ASP B 125 -15.49 -7.96 36.04
N LEU B 126 -16.52 -7.85 35.20
CA LEU B 126 -17.89 -8.17 35.59
C LEU B 126 -18.05 -9.64 35.98
N LEU B 127 -17.36 -10.53 35.26
CA LEU B 127 -17.37 -11.95 35.59
C LEU B 127 -16.66 -12.28 36.91
N ARG B 128 -15.61 -11.52 37.25
CA ARG B 128 -15.02 -11.61 38.59
C ARG B 128 -15.99 -11.13 39.65
N ASN B 129 -16.80 -10.12 39.32
CA ASN B 129 -17.85 -9.64 40.22
C ASN B 129 -18.97 -10.67 40.48
N THR B 130 -19.15 -11.61 39.56
CA THR B 130 -20.05 -12.75 39.76
C THR B 130 -19.37 -13.91 40.49
N ASN B 131 -18.07 -13.76 40.77
CA ASN B 131 -17.20 -14.89 41.14
C ASN B 131 -17.34 -16.04 40.14
N PHE B 132 -17.31 -15.68 38.85
CA PHE B 132 -17.34 -16.64 37.75
C PHE B 132 -18.56 -17.57 37.78
N ARG B 133 -19.72 -16.99 38.10
CA ARG B 133 -21.00 -17.70 38.07
C ARG B 133 -22.01 -17.11 37.06
N GLY B 134 -21.64 -15.99 36.43
CA GLY B 134 -22.41 -15.44 35.32
C GLY B 134 -23.55 -14.51 35.69
N VAL B 135 -23.92 -13.66 34.72
CA VAL B 135 -25.08 -12.77 34.83
C VAL B 135 -26.30 -13.44 34.18
N SER B 136 -27.46 -12.79 34.30
CA SER B 136 -28.71 -13.37 33.81
C SER B 136 -28.79 -13.39 32.28
N LEU B 137 -29.58 -14.33 31.77
CA LEU B 137 -29.90 -14.43 30.35
C LEU B 137 -30.47 -13.12 29.80
N ASN B 138 -31.24 -12.41 30.63
CA ASN B 138 -31.80 -11.12 30.25
C ASN B 138 -30.72 -10.08 29.96
N LEU B 139 -29.71 -10.02 30.81
CA LEU B 139 -28.56 -9.12 30.60
C LEU B 139 -27.67 -9.65 29.46
N THR B 140 -27.54 -10.98 29.37
CA THR B 140 -26.80 -11.61 28.28
C THR B 140 -27.41 -11.26 26.92
N ARG B 141 -28.74 -11.27 26.85
CA ARG B 141 -29.47 -10.89 25.64
C ARG B 141 -29.13 -9.47 25.20
N LYS B 142 -29.04 -8.57 26.17
CA LYS B 142 -28.73 -7.17 25.88
C LYS B 142 -27.32 -6.97 25.35
N PHE B 143 -26.37 -7.74 25.87
CA PHE B 143 -25.00 -7.73 25.35
C PHE B 143 -24.97 -8.40 23.97
N ALA B 144 -25.58 -9.59 23.88
CA ALA B 144 -25.62 -10.34 22.62
C ALA B 144 -26.19 -9.51 21.47
N GLN B 145 -27.24 -8.76 21.74
CA GLN B 145 -27.91 -7.96 20.72
C GLN B 145 -27.02 -6.82 20.21
N GLN B 146 -26.37 -6.12 21.13
CA GLN B 146 -25.49 -5.02 20.78
C GLN B 146 -24.27 -5.50 20.00
N MET B 147 -23.73 -6.65 20.39
CA MET B 147 -22.56 -7.23 19.72
C MET B 147 -22.88 -7.67 18.29
N CYS B 148 -24.05 -8.29 18.10
CA CYS B 148 -24.50 -8.66 16.76
C CYS B 148 -24.64 -7.41 15.88
N THR B 149 -25.23 -6.37 16.44
CA THR B 149 -25.35 -5.08 15.75
C THR B 149 -23.97 -4.48 15.44
N ALA B 150 -23.02 -4.66 16.35
CA ALA B 150 -21.64 -4.22 16.12
C ALA B 150 -20.99 -5.01 14.98
N LEU B 151 -21.19 -6.33 14.98
CA LEU B 151 -20.65 -7.20 13.92
C LEU B 151 -21.32 -6.96 12.56
N LEU B 152 -22.59 -6.53 12.59
CA LEU B 152 -23.30 -6.13 11.37
C LEU B 152 -22.62 -4.90 10.76
N PHE B 153 -22.28 -3.93 11.62
CA PHE B 153 -21.62 -2.71 11.20
C PHE B 153 -20.22 -2.99 10.65
N LEU B 154 -19.49 -3.89 11.29
CA LEU B 154 -18.16 -4.28 10.83
C LEU B 154 -18.24 -5.05 9.51
N ALA B 155 -19.32 -5.82 9.32
CA ALA B 155 -19.54 -6.59 8.10
C ALA B 155 -19.98 -5.73 6.90
N THR B 156 -20.20 -4.44 7.12
CA THR B 156 -20.47 -3.50 6.04
C THR B 156 -19.39 -3.64 4.96
N PRO B 157 -19.80 -3.96 3.70
CA PRO B 157 -18.89 -4.25 2.59
C PRO B 157 -17.64 -3.38 2.51
N GLU B 158 -17.82 -2.08 2.69
CA GLU B 158 -16.71 -1.12 2.57
C GLU B 158 -15.71 -1.32 3.70
N LEU B 159 -16.21 -1.57 4.91
CA LEU B 159 -15.37 -1.89 6.05
C LEU B 159 -14.87 -3.33 5.98
N SER B 160 -15.79 -4.29 6.17
CA SER B 160 -15.45 -5.72 6.29
C SER B 160 -14.33 -5.96 7.30
N ILE B 161 -14.42 -5.29 8.45
CA ILE B 161 -13.38 -5.36 9.46
C ILE B 161 -13.54 -6.61 10.31
N ILE B 162 -12.47 -7.39 10.42
CA ILE B 162 -12.41 -8.51 11.34
C ILE B 162 -11.67 -8.03 12.59
N HIS B 163 -12.40 -7.85 13.69
CA HIS B 163 -11.79 -7.41 14.95
C HIS B 163 -10.69 -8.37 15.37
N CYS B 164 -10.97 -9.67 15.27
CA CYS B 164 -9.96 -10.74 15.33
C CYS B 164 -9.39 -11.04 16.72
N ASP B 165 -9.88 -10.37 17.76
CA ASP B 165 -9.48 -10.67 19.13
C ASP B 165 -10.62 -10.32 20.09
N LEU B 166 -11.83 -10.74 19.72
CA LEU B 166 -13.01 -10.47 20.54
C LEU B 166 -12.99 -11.37 21.77
N LYS B 167 -13.11 -10.75 22.94
CA LYS B 167 -13.12 -11.46 24.21
C LYS B 167 -13.68 -10.52 25.29
N PRO B 168 -14.16 -11.08 26.41
CA PRO B 168 -14.76 -10.25 27.47
C PRO B 168 -13.93 -9.02 27.87
N GLU B 169 -12.61 -9.16 27.89
CA GLU B 169 -11.72 -8.04 28.22
C GLU B 169 -11.80 -6.89 27.21
N ASN B 170 -12.03 -7.22 25.93
CA ASN B 170 -12.14 -6.23 24.87
C ASN B 170 -13.57 -5.71 24.62
N ILE B 171 -14.50 -6.04 25.52
CA ILE B 171 -15.85 -5.46 25.50
C ILE B 171 -16.04 -4.67 26.80
N LEU B 172 -16.30 -3.37 26.68
CA LEU B 172 -16.35 -2.45 27.84
C LEU B 172 -17.72 -1.82 28.04
N LEU B 173 -18.16 -1.78 29.30
CA LEU B 173 -19.38 -1.06 29.67
C LEU B 173 -19.13 0.45 29.63
N CYS B 174 -20.16 1.22 29.26
CA CYS B 174 -20.08 2.68 29.27
C CYS B 174 -20.20 3.20 30.70
N ASN B 175 -21.13 2.63 31.45
CA ASN B 175 -21.41 3.00 32.83
C ASN B 175 -21.43 1.72 33.67
N PRO B 176 -20.76 1.72 34.85
CA PRO B 176 -20.75 0.52 35.68
C PRO B 176 -22.14 0.01 36.12
N LYS B 177 -23.16 0.87 36.06
CA LYS B 177 -24.52 0.50 36.42
C LYS B 177 -25.51 0.63 35.24
N ARG B 178 -25.07 0.28 34.04
CA ARG B 178 -25.94 0.28 32.85
C ARG B 178 -25.55 -0.83 31.87
N SER B 179 -26.43 -1.08 30.90
CA SER B 179 -26.31 -2.22 30.00
C SER B 179 -25.48 -1.97 28.74
N ALA B 180 -25.41 -0.71 28.30
CA ALA B 180 -24.71 -0.36 27.06
C ALA B 180 -23.24 -0.80 27.07
N ILE B 181 -22.77 -1.30 25.93
CA ILE B 181 -21.38 -1.76 25.80
C ILE B 181 -20.73 -1.25 24.52
N LYS B 182 -19.41 -1.17 24.55
CA LYS B 182 -18.61 -0.76 23.39
C LYS B 182 -17.52 -1.80 23.17
N ILE B 183 -17.16 -2.02 21.91
CA ILE B 183 -15.99 -2.86 21.56
C ILE B 183 -14.75 -1.97 21.45
N VAL B 184 -13.63 -2.46 21.99
CA VAL B 184 -12.37 -1.71 21.98
C VAL B 184 -11.24 -2.51 21.35
N ASP B 185 -10.14 -1.81 21.08
CA ASP B 185 -8.92 -2.38 20.52
C ASP B 185 -9.11 -2.90 19.09
N PHE B 186 -8.96 -2.01 18.12
CA PHE B 186 -8.86 -2.39 16.72
C PHE B 186 -7.40 -2.36 16.25
N GLY B 187 -6.48 -2.65 17.17
CA GLY B 187 -5.06 -2.70 16.87
C GLY B 187 -4.62 -4.06 16.34
N SER B 188 -5.34 -5.11 16.72
CA SER B 188 -5.07 -6.46 16.24
C SER B 188 -6.07 -6.89 15.17
N SER B 189 -6.72 -5.91 14.53
CA SER B 189 -7.78 -6.18 13.57
C SER B 189 -7.22 -6.56 12.20
N CYS B 190 -8.00 -7.36 11.48
CA CYS B 190 -7.65 -7.76 10.11
C CYS B 190 -8.67 -7.15 9.14
N GLN B 191 -8.17 -6.70 8.00
CA GLN B 191 -9.02 -6.23 6.90
C GLN B 191 -8.88 -7.27 5.78
N LEU B 192 -9.04 -8.53 6.16
CA LEU B 192 -8.60 -9.66 5.34
C LEU B 192 -9.12 -9.66 3.92
N GLY B 193 -8.18 -9.84 2.99
CA GLY B 193 -8.46 -10.30 1.64
C GLY B 193 -7.49 -11.43 1.38
N GLN B 194 -6.23 -11.03 1.18
CA GLN B 194 -5.12 -11.98 1.07
C GLN B 194 -4.69 -12.38 2.48
N ARG B 195 -4.65 -13.68 2.75
CA ARG B 195 -4.31 -14.16 4.10
C ARG B 195 -2.83 -13.94 4.42
N ILE B 196 -2.59 -13.06 5.38
CA ILE B 196 -1.25 -12.72 5.82
C ILE B 196 -0.93 -13.30 7.21
N TYR B 197 -1.96 -13.44 8.06
CA TYR B 197 -1.79 -13.99 9.40
C TYR B 197 -2.49 -15.34 9.54
N GLN B 198 -1.94 -16.21 10.38
CA GLN B 198 -2.59 -17.47 10.74
C GLN B 198 -2.70 -17.70 12.26
N PTR B 199 -1.73 -17.21 13.03
CA PTR B 199 -1.79 -17.29 14.50
C PTR B 199 -2.56 -16.09 15.00
O PTR B 199 -1.98 -15.04 15.30
CB PTR B 199 -0.36 -17.30 15.03
CG PTR B 199 -0.28 -17.79 16.47
CD1 PTR B 199 -0.48 -19.13 16.79
CD2 PTR B 199 0.03 -16.88 17.49
CE1 PTR B 199 -0.38 -19.56 18.11
CE2 PTR B 199 0.12 -17.31 18.82
CZ PTR B 199 -0.08 -18.66 19.13
OH PTR B 199 0.02 -19.08 20.43
P PTR B 199 -1.19 -19.05 21.50
O1P PTR B 199 -1.76 -17.66 21.41
O2P PTR B 199 -2.11 -20.14 21.02
O3P PTR B 199 -0.49 -19.37 22.80
N ILE B 200 -3.88 -16.25 15.10
CA ILE B 200 -4.76 -15.13 15.46
C ILE B 200 -5.85 -15.56 16.46
N GLN B 201 -6.48 -14.55 17.07
CA GLN B 201 -7.49 -14.71 18.12
C GLN B 201 -6.90 -15.23 19.43
N SER B 202 -7.50 -14.83 20.55
CA SER B 202 -7.16 -15.42 21.84
C SER B 202 -7.59 -16.87 21.84
N ARG B 203 -6.80 -17.73 22.46
CA ARG B 203 -6.96 -19.18 22.31
C ARG B 203 -8.37 -19.69 22.65
N PHE B 204 -8.96 -19.19 23.74
CA PHE B 204 -10.29 -19.64 24.17
C PHE B 204 -11.37 -19.36 23.13
N TYR B 205 -11.21 -18.26 22.39
CA TYR B 205 -12.22 -17.78 21.46
C TYR B 205 -11.76 -17.92 20.00
N ARG B 206 -10.79 -18.80 19.77
CA ARG B 206 -10.20 -19.01 18.44
C ARG B 206 -11.00 -20.03 17.63
N SER B 207 -11.35 -19.66 16.41
CA SER B 207 -12.22 -20.50 15.57
C SER B 207 -11.46 -21.73 15.07
N PRO B 208 -12.21 -22.81 14.73
CA PRO B 208 -11.56 -24.04 14.26
C PRO B 208 -10.81 -23.86 12.93
N GLU B 209 -11.34 -23.01 12.06
CA GLU B 209 -10.69 -22.70 10.77
C GLU B 209 -9.30 -22.05 10.95
N VAL B 210 -9.10 -21.34 12.06
CA VAL B 210 -7.79 -20.79 12.39
C VAL B 210 -6.87 -21.89 12.91
N LEU B 211 -7.38 -22.70 13.84
CA LEU B 211 -6.62 -23.81 14.41
C LEU B 211 -6.21 -24.83 13.35
N LEU B 212 -7.09 -25.07 12.38
CA LEU B 212 -6.84 -26.05 11.31
C LEU B 212 -6.06 -25.46 10.13
N GLY B 213 -5.87 -24.15 10.10
CA GLY B 213 -5.12 -23.49 9.03
C GLY B 213 -5.91 -23.37 7.74
N MET B 214 -7.17 -22.94 7.87
CA MET B 214 -8.08 -22.82 6.73
C MET B 214 -8.13 -21.37 6.26
N PRO B 215 -8.80 -21.13 5.12
CA PRO B 215 -9.18 -19.76 4.80
C PRO B 215 -10.25 -19.27 5.76
N TYR B 216 -10.10 -18.05 6.27
CA TYR B 216 -11.06 -17.51 7.23
C TYR B 216 -11.63 -16.18 6.75
N ASP B 217 -12.62 -15.67 7.48
CA ASP B 217 -13.27 -14.40 7.15
C ASP B 217 -13.90 -13.77 8.40
N LEU B 218 -14.94 -12.96 8.24
CA LEU B 218 -15.60 -12.29 9.38
C LEU B 218 -16.40 -13.23 10.28
N ALA B 219 -16.58 -14.48 9.84
CA ALA B 219 -17.26 -15.49 10.64
C ALA B 219 -16.50 -15.88 11.92
N ILE B 220 -15.19 -15.64 11.96
CA ILE B 220 -14.38 -15.99 13.13
C ILE B 220 -14.77 -15.16 14.35
N ASP B 221 -15.15 -13.90 14.13
CA ASP B 221 -15.64 -13.03 15.19
C ASP B 221 -16.97 -13.55 15.76
N MET B 222 -17.83 -14.06 14.90
CA MET B 222 -19.11 -14.63 15.33
C MET B 222 -18.91 -15.90 16.17
N TRP B 223 -17.86 -16.67 15.86
CA TRP B 223 -17.50 -17.83 16.67
C TRP B 223 -17.05 -17.38 18.07
N SER B 224 -16.21 -16.36 18.13
CA SER B 224 -15.78 -15.79 19.41
C SER B 224 -16.97 -15.30 20.22
N LEU B 225 -17.90 -14.62 19.55
CA LEU B 225 -19.10 -14.11 20.20
C LEU B 225 -19.92 -15.24 20.82
N GLY B 226 -20.00 -16.37 20.12
CA GLY B 226 -20.69 -17.55 20.63
C GLY B 226 -20.12 -17.97 21.97
N CYS B 227 -18.80 -18.12 22.01
CA CYS B 227 -18.09 -18.48 23.24
C CYS B 227 -18.26 -17.43 24.34
N ILE B 228 -18.16 -16.16 23.94
CA ILE B 228 -18.31 -15.04 24.88
C ILE B 228 -19.66 -15.06 25.58
N LEU B 229 -20.74 -15.20 24.80
CA LEU B 229 -22.10 -15.14 25.35
C LEU B 229 -22.42 -16.30 26.29
N VAL B 230 -21.88 -17.47 26.01
CA VAL B 230 -22.03 -18.62 26.91
C VAL B 230 -21.25 -18.32 28.20
N GLU B 231 -20.06 -17.75 28.04
CA GLU B 231 -19.23 -17.37 29.17
C GLU B 231 -19.86 -16.25 30.01
N MET B 232 -20.59 -15.35 29.36
CA MET B 232 -21.28 -14.27 30.10
C MET B 232 -22.43 -14.80 30.97
N HIS B 233 -23.05 -15.92 30.57
CA HIS B 233 -24.15 -16.50 31.33
C HIS B 233 -23.71 -17.56 32.35
N THR B 234 -22.66 -18.32 32.04
CA THR B 234 -22.11 -19.31 32.97
C THR B 234 -21.02 -18.74 33.88
N GLY B 235 -20.35 -17.70 33.42
CA GLY B 235 -19.28 -17.05 34.18
C GLY B 235 -17.91 -17.66 33.97
N GLU B 236 -17.80 -18.63 33.07
CA GLU B 236 -16.56 -19.33 32.80
C GLU B 236 -16.37 -19.54 31.30
N PRO B 237 -15.11 -19.64 30.85
CA PRO B 237 -14.86 -19.87 29.42
C PRO B 237 -15.34 -21.26 28.97
N LEU B 238 -15.99 -21.32 27.81
CA LEU B 238 -16.55 -22.56 27.28
C LEU B 238 -15.44 -23.53 26.85
N PHE B 239 -14.44 -23.00 26.14
CA PHE B 239 -13.30 -23.78 25.67
C PHE B 239 -12.03 -23.19 26.26
N SER B 240 -11.55 -23.81 27.34
CA SER B 240 -10.43 -23.27 28.12
C SER B 240 -9.12 -24.01 27.84
N GLY B 241 -8.74 -24.07 26.57
CA GLY B 241 -7.52 -24.77 26.16
C GLY B 241 -6.24 -24.10 26.64
N ALA B 242 -5.40 -24.86 27.34
CA ALA B 242 -4.09 -24.37 27.79
C ALA B 242 -3.08 -24.43 26.64
N ASN B 243 -3.34 -25.31 25.67
CA ASN B 243 -2.59 -25.33 24.41
C ASN B 243 -3.56 -25.57 23.25
N GLU B 244 -3.05 -25.55 22.02
CA GLU B 244 -3.91 -25.65 20.83
C GLU B 244 -4.56 -27.03 20.62
N VAL B 245 -3.94 -28.08 21.14
CA VAL B 245 -4.52 -29.43 21.05
C VAL B 245 -5.66 -29.54 22.06
N ASP B 246 -5.40 -29.11 23.29
CA ASP B 246 -6.41 -29.08 24.35
C ASP B 246 -7.58 -28.19 23.95
N GLN B 247 -7.29 -27.07 23.29
CA GLN B 247 -8.32 -26.19 22.77
C GLN B 247 -9.26 -26.94 21.83
N MET B 248 -8.69 -27.71 20.90
CA MET B 248 -9.49 -28.50 19.97
C MET B 248 -10.23 -29.63 20.69
N ASN B 249 -9.56 -30.26 21.66
CA ASN B 249 -10.21 -31.30 22.47
C ASN B 249 -11.43 -30.76 23.24
N LYS B 250 -11.29 -29.57 23.82
CA LYS B 250 -12.41 -28.91 24.50
C LYS B 250 -13.57 -28.63 23.55
N ILE B 251 -13.23 -28.25 22.32
CA ILE B 251 -14.23 -27.99 21.28
C ILE B 251 -14.90 -29.29 20.82
N VAL B 252 -14.10 -30.33 20.62
CA VAL B 252 -14.61 -31.64 20.19
C VAL B 252 -15.55 -32.23 21.24
N GLU B 253 -15.21 -32.06 22.51
CA GLU B 253 -16.09 -32.51 23.61
C GLU B 253 -17.52 -31.96 23.46
N VAL B 254 -17.64 -30.69 23.13
CA VAL B 254 -18.94 -30.01 23.08
C VAL B 254 -19.64 -30.14 21.72
N LEU B 255 -18.89 -30.01 20.62
CA LEU B 255 -19.49 -30.00 19.28
C LEU B 255 -19.25 -31.29 18.46
N GLY B 256 -18.42 -32.20 18.96
CA GLY B 256 -18.14 -33.46 18.29
C GLY B 256 -17.09 -33.35 17.21
N ILE B 257 -16.99 -34.40 16.39
CA ILE B 257 -16.06 -34.43 15.26
C ILE B 257 -16.53 -33.47 14.16
N PRO B 258 -15.63 -32.61 13.64
CA PRO B 258 -16.05 -31.70 12.57
C PRO B 258 -16.33 -32.43 11.25
N PRO B 259 -17.13 -31.81 10.36
CA PRO B 259 -17.45 -32.41 9.06
C PRO B 259 -16.22 -32.94 8.32
N ALA B 260 -16.35 -34.12 7.71
CA ALA B 260 -15.23 -34.76 7.01
C ALA B 260 -14.64 -33.90 5.91
N HIS B 261 -15.49 -33.16 5.21
CA HIS B 261 -15.05 -32.26 4.13
C HIS B 261 -14.11 -31.15 4.60
N ILE B 262 -14.24 -30.73 5.86
CA ILE B 262 -13.36 -29.71 6.42
C ILE B 262 -11.99 -30.30 6.76
N LEU B 263 -11.99 -31.50 7.36
CA LEU B 263 -10.73 -32.16 7.74
C LEU B 263 -9.92 -32.65 6.53
N ASP B 264 -10.60 -32.94 5.42
CA ASP B 264 -9.93 -33.35 4.18
C ASP B 264 -9.08 -32.21 3.61
N GLN B 265 -9.63 -31.00 3.64
CA GLN B 265 -8.93 -29.81 3.13
C GLN B 265 -7.88 -29.27 4.12
N ALA B 266 -8.11 -29.49 5.41
CA ALA B 266 -7.30 -28.87 6.47
C ALA B 266 -5.82 -29.25 6.44
N PRO B 267 -4.94 -28.24 6.26
CA PRO B 267 -3.49 -28.48 6.32
C PRO B 267 -3.00 -28.98 7.68
N LYS B 268 -3.53 -28.39 8.76
CA LYS B 268 -3.15 -28.76 10.12
C LYS B 268 -4.13 -29.76 10.74
N ALA B 269 -4.67 -30.66 9.91
CA ALA B 269 -5.64 -31.64 10.36
C ALA B 269 -5.00 -32.65 11.30
N ARG B 270 -3.87 -33.19 10.88
CA ARG B 270 -3.18 -34.25 11.63
C ARG B 270 -2.41 -33.74 12.86
N LYS B 271 -2.51 -32.45 13.16
CA LYS B 271 -2.02 -31.92 14.43
C LYS B 271 -2.81 -32.52 15.61
N PHE B 272 -4.10 -32.74 15.41
CA PHE B 272 -4.96 -33.32 16.46
C PHE B 272 -6.06 -34.26 15.93
N PHE B 273 -5.81 -34.91 14.79
CA PHE B 273 -6.75 -35.88 14.23
C PHE B 273 -6.03 -37.02 13.50
N GLU B 274 -6.79 -38.05 13.11
CA GLU B 274 -6.26 -39.23 12.43
C GLU B 274 -7.28 -39.77 11.41
N LYS B 275 -6.88 -39.81 10.14
CA LYS B 275 -7.74 -40.30 9.06
C LYS B 275 -7.66 -41.83 8.97
N LEU B 276 -8.72 -42.44 8.42
CA LEU B 276 -8.80 -43.91 8.30
C LEU B 276 -9.45 -44.34 6.97
N PRO B 277 -9.36 -45.63 6.61
CA PRO B 277 -9.76 -46.09 5.26
C PRO B 277 -11.26 -45.93 4.94
N ASP B 278 -12.12 -46.17 5.92
CA ASP B 278 -13.58 -46.16 5.73
C ASP B 278 -14.23 -44.77 5.54
N GLY B 279 -13.43 -43.74 5.26
CA GLY B 279 -13.93 -42.37 5.15
C GLY B 279 -14.14 -41.75 6.52
N THR B 280 -13.33 -42.19 7.48
CA THR B 280 -13.48 -41.82 8.89
C THR B 280 -12.38 -40.87 9.34
N TRP B 281 -12.73 -39.98 10.27
CA TRP B 281 -11.81 -39.07 10.91
C TRP B 281 -12.04 -39.12 12.42
N ASN B 282 -10.97 -39.13 13.21
CA ASN B 282 -11.08 -39.11 14.67
C ASN B 282 -9.81 -38.65 15.37
N LEU B 283 -9.86 -38.57 16.70
CA LEU B 283 -8.73 -38.12 17.52
C LEU B 283 -7.57 -39.11 17.49
N LYS B 284 -6.35 -38.59 17.59
CA LYS B 284 -5.14 -39.43 17.60
C LYS B 284 -5.06 -40.22 18.90
N TYR B 293 -9.79 -36.96 28.34
CA TYR B 293 -10.91 -36.25 27.74
C TYR B 293 -12.16 -37.13 27.67
N LYS B 294 -13.32 -36.48 27.67
CA LYS B 294 -14.59 -37.18 27.47
C LYS B 294 -14.80 -37.40 25.97
N PRO B 295 -15.66 -38.37 25.60
CA PRO B 295 -15.82 -38.67 24.17
C PRO B 295 -16.42 -37.52 23.35
N PRO B 296 -16.16 -37.48 22.03
CA PRO B 296 -16.67 -36.41 21.16
C PRO B 296 -18.19 -36.25 21.22
N GLY B 297 -18.64 -35.05 21.57
CA GLY B 297 -20.06 -34.70 21.61
C GLY B 297 -20.80 -35.05 22.89
N THR B 298 -20.10 -35.57 23.88
CA THR B 298 -20.72 -36.00 25.14
C THR B 298 -20.94 -34.85 26.12
N ARG B 299 -19.99 -33.91 26.15
CA ARG B 299 -20.09 -32.73 27.02
C ARG B 299 -21.10 -31.74 26.42
N LYS B 300 -22.37 -31.93 26.74
CA LYS B 300 -23.46 -31.24 26.04
C LYS B 300 -23.54 -29.75 26.39
N LEU B 301 -23.84 -28.93 25.39
CA LEU B 301 -24.14 -27.51 25.61
C LEU B 301 -25.51 -27.37 26.29
N HIS B 302 -26.42 -28.27 25.93
CA HIS B 302 -27.73 -28.39 26.58
C HIS B 302 -27.58 -28.53 28.09
N ASN B 303 -26.61 -29.32 28.52
CA ASN B 303 -26.29 -29.51 29.94
C ASN B 303 -25.57 -28.31 30.54
N ILE B 304 -24.54 -27.82 29.85
CA ILE B 304 -23.73 -26.70 30.32
C ILE B 304 -24.57 -25.43 30.56
N LEU B 305 -25.54 -25.20 29.68
CA LEU B 305 -26.46 -24.06 29.82
C LEU B 305 -27.49 -24.27 30.93
N GLY B 306 -27.87 -25.53 31.16
CA GLY B 306 -28.88 -25.86 32.16
C GLY B 306 -30.29 -25.58 31.66
N VAL B 307 -30.58 -26.06 30.45
CA VAL B 307 -31.82 -25.73 29.74
C VAL B 307 -33.05 -26.25 30.48
N GLU B 308 -32.95 -27.41 31.11
CA GLU B 308 -34.05 -27.98 31.89
C GLU B 308 -33.73 -28.18 33.38
N THR B 309 -32.51 -27.87 33.80
CA THR B 309 -32.09 -28.06 35.19
C THR B 309 -31.85 -26.74 35.94
N GLY B 310 -32.66 -25.73 35.62
CA GLY B 310 -32.64 -24.45 36.33
C GLY B 310 -31.45 -23.55 36.02
N GLY B 311 -30.90 -23.67 34.82
CA GLY B 311 -29.79 -22.82 34.39
C GLY B 311 -28.45 -23.25 34.95
N PRO B 312 -27.41 -22.39 34.81
CA PRO B 312 -26.05 -22.67 35.29
C PRO B 312 -25.99 -22.98 36.79
N GLY B 313 -25.71 -24.23 37.11
CA GLY B 313 -25.63 -24.69 38.50
C GLY B 313 -26.96 -24.70 39.24
N GLY B 314 -28.07 -24.66 38.49
CA GLY B 314 -29.41 -24.61 39.07
C GLY B 314 -29.73 -23.33 39.82
N ARG B 315 -29.04 -22.25 39.48
CA ARG B 315 -29.18 -20.96 40.18
C ARG B 315 -30.26 -20.07 39.58
N ARG B 316 -30.75 -20.42 38.39
CA ARG B 316 -31.76 -19.65 37.68
C ARG B 316 -33.14 -20.31 37.74
N ALA B 317 -33.32 -21.23 38.68
CA ALA B 317 -34.59 -21.96 38.81
C ALA B 317 -35.75 -21.01 39.09
N GLY B 318 -36.68 -20.95 38.13
CA GLY B 318 -37.90 -20.15 38.28
C GLY B 318 -37.75 -18.64 38.14
N GLU B 319 -36.59 -18.20 37.67
CA GLU B 319 -36.37 -16.76 37.43
C GLU B 319 -37.10 -16.39 36.15
N SER B 320 -37.70 -15.19 36.13
CA SER B 320 -38.45 -14.73 34.96
C SER B 320 -37.52 -14.55 33.76
N GLY B 321 -37.94 -15.02 32.60
CA GLY B 321 -37.12 -14.99 31.39
C GLY B 321 -36.08 -16.09 31.33
N HIS B 322 -36.29 -17.15 32.13
CA HIS B 322 -35.37 -18.29 32.17
C HIS B 322 -36.14 -19.61 32.08
N THR B 323 -37.24 -19.60 31.32
CA THR B 323 -38.03 -20.80 31.09
C THR B 323 -37.25 -21.77 30.18
N VAL B 324 -37.76 -22.97 30.04
CA VAL B 324 -37.16 -23.96 29.15
C VAL B 324 -37.15 -23.43 27.71
N ALA B 325 -38.24 -22.78 27.32
CA ALA B 325 -38.37 -22.18 25.98
C ALA B 325 -37.31 -21.10 25.75
N ASP B 326 -37.13 -20.23 26.73
CA ASP B 326 -36.11 -19.18 26.66
C ASP B 326 -34.71 -19.76 26.46
N TYR B 327 -34.41 -20.83 27.17
CA TYR B 327 -33.09 -21.49 27.09
C TYR B 327 -32.86 -22.22 25.76
N LEU B 328 -33.94 -22.67 25.11
CA LEU B 328 -33.83 -23.31 23.80
C LEU B 328 -33.51 -22.29 22.71
N LYS B 329 -34.16 -21.12 22.78
CA LYS B 329 -33.88 -20.02 21.85
C LYS B 329 -32.42 -19.56 21.96
N PHE B 330 -31.90 -19.52 23.18
CA PHE B 330 -30.52 -19.12 23.41
C PHE B 330 -29.54 -20.17 22.89
N LYS B 331 -29.79 -21.44 23.21
CA LYS B 331 -28.93 -22.54 22.75
C LYS B 331 -28.92 -22.63 21.22
N ASP B 332 -30.07 -22.43 20.60
CA ASP B 332 -30.19 -22.51 19.15
C ASP B 332 -29.34 -21.42 18.46
N LEU B 333 -29.31 -20.23 19.07
CA LEU B 333 -28.47 -19.14 18.57
C LEU B 333 -26.99 -19.46 18.74
N ILE B 334 -26.62 -20.01 19.89
CA ILE B 334 -25.23 -20.32 20.19
C ILE B 334 -24.69 -21.41 19.26
N LEU B 335 -25.49 -22.46 19.03
CA LEU B 335 -25.10 -23.53 18.12
C LEU B 335 -24.96 -23.03 16.68
N ARG B 336 -25.81 -22.07 16.30
CA ARG B 336 -25.70 -21.43 14.98
C ARG B 336 -24.45 -20.54 14.89
N MET B 337 -24.10 -19.89 15.99
CA MET B 337 -22.85 -19.12 16.08
C MET B 337 -21.62 -20.03 16.10
N LEU B 338 -21.76 -21.22 16.70
CA LEU B 338 -20.67 -22.19 16.78
C LEU B 338 -20.78 -23.31 15.73
N ASP B 339 -21.26 -22.96 14.54
CA ASP B 339 -21.29 -23.88 13.41
C ASP B 339 -19.85 -24.09 12.92
N TYR B 340 -19.45 -25.36 12.77
CA TYR B 340 -18.10 -25.70 12.30
C TYR B 340 -17.78 -25.10 10.93
N ASP B 341 -18.77 -25.05 10.05
CA ASP B 341 -18.61 -24.49 8.71
C ASP B 341 -18.87 -22.98 8.74
N PRO B 342 -17.86 -22.15 8.41
CA PRO B 342 -18.04 -20.70 8.44
C PRO B 342 -18.90 -20.13 7.31
N LYS B 343 -19.11 -20.91 6.23
CA LYS B 343 -19.99 -20.50 5.14
C LYS B 343 -21.47 -20.54 5.53
N THR B 344 -21.83 -21.52 6.36
CA THR B 344 -23.21 -21.65 6.85
C THR B 344 -23.40 -21.09 8.28
N ARG B 345 -22.31 -20.65 8.90
CA ARG B 345 -22.38 -20.02 10.22
C ARG B 345 -23.24 -18.76 10.14
N ILE B 346 -24.11 -18.56 11.12
CA ILE B 346 -25.09 -17.47 11.08
C ILE B 346 -24.40 -16.11 11.03
N GLN B 347 -24.99 -15.19 10.27
CA GLN B 347 -24.42 -13.86 10.05
C GLN B 347 -25.11 -12.85 10.96
N PRO B 348 -24.47 -11.69 11.19
CA PRO B 348 -25.05 -10.62 12.01
C PRO B 348 -26.50 -10.25 11.65
N TYR B 349 -26.83 -10.26 10.36
CA TYR B 349 -28.18 -9.92 9.91
C TYR B 349 -29.22 -10.90 10.45
N TYR B 350 -28.96 -12.19 10.26
CA TYR B 350 -29.89 -13.25 10.69
C TYR B 350 -29.79 -13.55 12.19
N ALA B 351 -28.69 -13.15 12.82
CA ALA B 351 -28.55 -13.28 14.27
C ALA B 351 -29.57 -12.39 14.98
N LEU B 352 -29.74 -11.17 14.47
CA LEU B 352 -30.70 -10.21 15.04
C LEU B 352 -32.16 -10.57 14.73
N GLN B 353 -32.38 -11.36 13.68
CA GLN B 353 -33.73 -11.85 13.35
C GLN B 353 -34.17 -12.99 14.28
N HIS B 354 -33.21 -13.69 14.87
CA HIS B 354 -33.50 -14.85 15.72
C HIS B 354 -34.58 -14.56 16.77
N SER B 355 -35.37 -15.58 17.09
CA SER B 355 -36.47 -15.45 18.05
C SER B 355 -36.01 -14.94 19.42
N PHE B 356 -34.75 -15.21 19.76
CA PHE B 356 -34.15 -14.78 21.02
C PHE B 356 -34.23 -13.26 21.23
N PHE B 357 -34.00 -12.48 20.17
CA PHE B 357 -34.05 -11.02 20.25
C PHE B 357 -35.39 -10.41 19.83
N LYS B 358 -36.43 -11.25 19.77
CA LYS B 358 -37.78 -10.79 19.43
C LYS B 358 -38.79 -11.53 20.30
N LYS B 359 -38.92 -11.07 21.55
CA LYS B 359 -39.84 -11.67 22.52
C LYS B 359 -41.25 -11.85 21.98
N LYS C 12 1.25 17.70 -32.75
CA LYS C 12 1.58 17.07 -34.07
C LYS C 12 2.41 15.80 -33.91
N VAL C 13 3.40 15.85 -33.01
CA VAL C 13 4.30 14.71 -32.76
C VAL C 13 4.20 14.26 -31.30
N TYR C 14 3.84 12.98 -31.10
CA TYR C 14 3.64 12.41 -29.77
C TYR C 14 4.74 11.40 -29.43
N ASN C 15 5.34 11.56 -28.25
CA ASN C 15 6.44 10.68 -27.80
C ASN C 15 7.58 10.58 -28.82
N ASP C 16 8.04 11.74 -29.28
CA ASP C 16 9.07 11.83 -30.33
C ASP C 16 8.68 11.15 -31.65
N GLY C 17 7.38 11.01 -31.90
CA GLY C 17 6.87 10.34 -33.11
C GLY C 17 6.44 8.90 -32.93
N TYR C 18 6.85 8.28 -31.83
CA TYR C 18 6.62 6.84 -31.61
C TYR C 18 5.17 6.50 -31.24
N ASP C 19 4.44 7.46 -30.69
CA ASP C 19 3.04 7.24 -30.27
C ASP C 19 2.04 7.92 -31.20
N ASP C 20 0.80 7.44 -31.14
CA ASP C 20 -0.34 8.10 -31.79
C ASP C 20 -1.00 9.06 -30.79
N ASP C 21 -2.11 9.68 -31.20
CA ASP C 21 -2.83 10.64 -30.35
C ASP C 21 -3.48 10.00 -29.10
N ASN C 22 -3.57 8.67 -29.08
CA ASN C 22 -4.15 7.94 -27.96
C ASN C 22 -3.08 7.33 -27.04
N TYR C 23 -1.83 7.76 -27.21
CA TYR C 23 -0.67 7.22 -26.49
C TYR C 23 -0.47 5.70 -26.61
N ASP C 24 -0.92 5.13 -27.73
CA ASP C 24 -0.56 3.77 -28.10
C ASP C 24 0.76 3.82 -28.84
N TYR C 25 1.59 2.79 -28.69
CA TYR C 25 2.77 2.68 -29.53
C TYR C 25 2.31 2.35 -30.95
N ILE C 26 2.88 3.05 -31.93
CA ILE C 26 2.54 2.83 -33.33
C ILE C 26 3.29 1.60 -33.84
N VAL C 27 2.58 0.48 -33.91
CA VAL C 27 3.19 -0.80 -34.25
C VAL C 27 3.55 -0.84 -35.75
N LYS C 28 4.83 -1.03 -36.02
CA LYS C 28 5.32 -1.27 -37.38
C LYS C 28 5.76 -2.73 -37.44
N ASN C 29 5.25 -3.47 -38.42
CA ASN C 29 5.63 -4.86 -38.62
C ASN C 29 7.08 -4.98 -39.08
N GLY C 30 7.80 -5.95 -38.54
CA GLY C 30 9.20 -6.16 -38.87
C GLY C 30 10.19 -5.29 -38.11
N GLU C 31 9.70 -4.42 -37.23
CA GLU C 31 10.58 -3.54 -36.46
C GLU C 31 11.31 -4.34 -35.39
N LYS C 32 12.59 -4.04 -35.22
CA LYS C 32 13.44 -4.71 -34.25
C LYS C 32 13.61 -3.79 -33.05
N TRP C 33 13.39 -4.32 -31.85
CA TRP C 33 13.58 -3.55 -30.62
C TRP C 33 14.73 -4.12 -29.82
N MET C 34 15.55 -3.24 -29.26
CA MET C 34 16.58 -3.61 -28.29
C MET C 34 17.52 -4.68 -28.85
N ASP C 35 17.61 -4.76 -30.18
CA ASP C 35 18.37 -5.79 -30.87
C ASP C 35 17.92 -7.21 -30.47
N ARG C 36 16.61 -7.38 -30.25
CA ARG C 36 16.09 -8.64 -29.68
C ARG C 36 14.72 -9.07 -30.21
N TYR C 37 13.72 -8.22 -30.10
CA TYR C 37 12.35 -8.59 -30.46
C TYR C 37 11.96 -8.04 -31.84
N GLU C 38 11.85 -8.92 -32.83
CA GLU C 38 11.33 -8.55 -34.14
C GLU C 38 9.81 -8.67 -34.13
N ILE C 39 9.13 -7.54 -34.33
CA ILE C 39 7.67 -7.51 -34.29
C ILE C 39 7.10 -8.14 -35.55
N ASP C 40 6.14 -9.03 -35.38
CA ASP C 40 5.53 -9.76 -36.49
C ASP C 40 4.23 -9.09 -36.91
N SER C 41 3.30 -9.00 -35.97
CA SER C 41 1.96 -8.50 -36.27
C SER C 41 1.18 -8.16 -35.00
N LEU C 42 0.02 -7.53 -35.19
CA LEU C 42 -0.88 -7.16 -34.11
C LEU C 42 -1.87 -8.29 -33.86
N ILE C 43 -1.80 -8.90 -32.68
CA ILE C 43 -2.69 -10.01 -32.33
C ILE C 43 -3.79 -9.64 -31.32
N GLY C 44 -3.69 -8.46 -30.71
CA GLY C 44 -4.71 -8.00 -29.77
C GLY C 44 -4.73 -6.50 -29.59
N LYS C 45 -5.86 -5.98 -29.11
CA LYS C 45 -6.04 -4.55 -28.87
C LYS C 45 -7.11 -4.32 -27.82
N GLY C 46 -6.97 -3.22 -27.08
CA GLY C 46 -7.95 -2.84 -26.08
C GLY C 46 -7.63 -1.52 -25.41
N SER C 47 -8.41 -1.18 -24.39
CA SER C 47 -8.23 0.03 -23.61
C SER C 47 -6.82 0.15 -23.01
N PHE C 48 -6.27 -0.99 -22.59
CA PHE C 48 -4.94 -1.08 -22.00
C PHE C 48 -3.81 -0.69 -22.95
N GLY C 49 -4.02 -0.94 -24.25
CA GLY C 49 -2.97 -0.78 -25.25
C GLY C 49 -3.09 -1.86 -26.31
N GLN C 50 -1.97 -2.52 -26.63
CA GLN C 50 -1.94 -3.52 -27.68
C GLN C 50 -1.17 -4.78 -27.29
N VAL C 51 -1.39 -5.85 -28.05
CA VAL C 51 -0.66 -7.09 -27.90
C VAL C 51 -0.10 -7.46 -29.27
N VAL C 52 1.20 -7.71 -29.35
CA VAL C 52 1.85 -8.07 -30.61
C VAL C 52 2.57 -9.42 -30.50
N LYS C 53 2.55 -10.16 -31.61
CA LYS C 53 3.35 -11.36 -31.77
C LYS C 53 4.74 -10.93 -32.22
N ALA C 54 5.77 -11.49 -31.61
CA ALA C 54 7.15 -11.13 -31.93
C ALA C 54 8.08 -12.31 -31.76
N TYR C 55 9.19 -12.27 -32.50
CA TYR C 55 10.21 -13.31 -32.38
C TYR C 55 11.37 -12.83 -31.52
N ASP C 56 11.59 -13.52 -30.41
CA ASP C 56 12.71 -13.24 -29.52
C ASP C 56 13.94 -13.94 -30.08
N ARG C 57 14.82 -13.16 -30.72
CA ARG C 57 16.02 -13.71 -31.37
C ARG C 57 17.13 -14.14 -30.41
N VAL C 58 16.98 -13.83 -29.12
CA VAL C 58 17.92 -14.31 -28.10
C VAL C 58 17.53 -15.73 -27.66
N GLU C 59 16.24 -15.95 -27.40
CA GLU C 59 15.75 -17.25 -26.96
C GLU C 59 15.30 -18.16 -28.09
N GLN C 60 15.21 -17.62 -29.30
CA GLN C 60 14.75 -18.36 -30.48
C GLN C 60 13.36 -18.96 -30.29
N GLU C 61 12.40 -18.09 -30.01
CA GLU C 61 11.02 -18.49 -29.82
C GLU C 61 10.09 -17.32 -30.02
N TRP C 62 8.84 -17.64 -30.31
CA TRP C 62 7.79 -16.64 -30.42
C TRP C 62 7.35 -16.21 -29.02
N VAL C 63 6.97 -14.95 -28.90
CA VAL C 63 6.42 -14.42 -27.66
C VAL C 63 5.29 -13.46 -27.98
N ALA C 64 4.36 -13.32 -27.03
CA ALA C 64 3.35 -12.27 -27.09
C ALA C 64 3.80 -11.12 -26.19
N ILE C 65 3.85 -9.91 -26.74
CA ILE C 65 4.24 -8.73 -25.98
C ILE C 65 3.04 -7.80 -25.82
N LYS C 66 2.59 -7.64 -24.57
CA LYS C 66 1.55 -6.68 -24.26
C LYS C 66 2.19 -5.30 -24.07
N ILE C 67 2.00 -4.42 -25.05
CA ILE C 67 2.56 -3.07 -25.00
C ILE C 67 1.53 -2.14 -24.36
N ILE C 68 1.85 -1.60 -23.19
CA ILE C 68 0.91 -0.74 -22.46
C ILE C 68 0.96 0.68 -23.02
N LYS C 69 -0.17 1.38 -22.96
CA LYS C 69 -0.22 2.78 -23.40
C LYS C 69 0.68 3.67 -22.56
N ASN C 70 1.28 4.66 -23.21
CA ASN C 70 2.15 5.64 -22.56
C ASN C 70 1.33 6.67 -21.77
N LYS C 71 0.67 6.19 -20.71
CA LYS C 71 -0.21 7.01 -19.88
C LYS C 71 -0.24 6.43 -18.46
N LYS C 72 -0.22 7.31 -17.48
CA LYS C 72 -0.14 6.93 -16.07
C LYS C 72 -1.22 5.92 -15.66
N ALA C 73 -2.47 6.18 -16.06
CA ALA C 73 -3.61 5.35 -15.66
C ALA C 73 -3.45 3.89 -16.05
N PHE C 74 -2.98 3.64 -17.27
CA PHE C 74 -2.82 2.28 -17.77
C PHE C 74 -1.53 1.62 -17.26
N LEU C 75 -0.47 2.42 -17.17
CA LEU C 75 0.79 1.97 -16.57
C LEU C 75 0.56 1.40 -15.18
N ASN C 76 -0.11 2.16 -14.31
CA ASN C 76 -0.38 1.73 -12.93
C ASN C 76 -1.22 0.45 -12.88
N GLN C 77 -2.20 0.35 -13.77
CA GLN C 77 -3.03 -0.84 -13.89
C GLN C 77 -2.23 -2.07 -14.30
N ALA C 78 -1.33 -1.91 -15.26
CA ALA C 78 -0.49 -3.01 -15.74
C ALA C 78 0.59 -3.39 -14.72
N GLN C 79 0.99 -2.43 -13.89
CA GLN C 79 1.91 -2.71 -12.80
C GLN C 79 1.26 -3.64 -11.77
N ILE C 80 -0.04 -3.45 -11.53
CA ILE C 80 -0.80 -4.35 -10.66
C ILE C 80 -0.80 -5.76 -11.27
N GLU C 81 -1.06 -5.85 -12.58
CA GLU C 81 -1.07 -7.14 -13.28
C GLU C 81 0.29 -7.85 -13.20
N VAL C 82 1.36 -7.09 -13.36
CA VAL C 82 2.73 -7.63 -13.23
C VAL C 82 2.95 -8.18 -11.82
N ARG C 83 2.57 -7.40 -10.81
CA ARG C 83 2.74 -7.81 -9.41
C ARG C 83 1.98 -9.10 -9.11
N LEU C 84 0.74 -9.20 -9.60
CA LEU C 84 -0.07 -10.39 -9.38
C LEU C 84 0.49 -11.60 -10.14
N LEU C 85 0.97 -11.39 -11.36
CA LEU C 85 1.60 -12.46 -12.15
C LEU C 85 2.87 -12.99 -11.50
N GLU C 86 3.68 -12.09 -10.95
CA GLU C 86 4.89 -12.49 -10.23
C GLU C 86 4.55 -13.12 -8.87
N LEU C 87 3.54 -12.57 -8.21
CA LEU C 87 3.02 -13.12 -6.96
C LEU C 87 2.58 -14.57 -7.15
N MET C 88 1.74 -14.81 -8.15
CA MET C 88 1.28 -16.16 -8.48
C MET C 88 2.43 -17.12 -8.83
N ASN C 89 3.42 -16.61 -9.57
CA ASN C 89 4.50 -17.45 -10.07
C ASN C 89 5.48 -17.96 -9.00
N LYS C 90 5.58 -17.24 -7.89
CA LYS C 90 6.47 -17.65 -6.80
C LYS C 90 5.96 -18.85 -5.98
N HIS C 91 4.77 -19.36 -6.32
CA HIS C 91 4.23 -20.57 -5.69
C HIS C 91 4.72 -21.84 -6.38
N ASP C 92 5.19 -22.80 -5.60
CA ASP C 92 5.65 -24.08 -6.12
C ASP C 92 4.50 -25.07 -6.20
N THR C 93 3.66 -24.91 -7.21
CA THR C 93 2.51 -25.79 -7.44
C THR C 93 2.25 -25.96 -8.93
N GLU C 94 1.65 -27.09 -9.29
CA GLU C 94 1.36 -27.42 -10.69
C GLU C 94 0.03 -26.84 -11.17
N MET C 95 -0.76 -26.31 -10.23
CA MET C 95 -2.04 -25.68 -10.57
C MET C 95 -1.86 -24.33 -11.27
N LYS C 96 -0.69 -23.71 -11.10
CA LYS C 96 -0.42 -22.41 -11.73
C LYS C 96 -0.16 -22.48 -13.24
N TYR C 97 0.03 -23.69 -13.77
CA TYR C 97 0.26 -23.87 -15.21
C TYR C 97 -0.92 -23.42 -16.07
N TYR C 98 -2.13 -23.40 -15.49
CA TYR C 98 -3.33 -22.97 -16.20
C TYR C 98 -3.52 -21.44 -16.17
N ILE C 99 -2.53 -20.73 -15.63
CA ILE C 99 -2.45 -19.28 -15.72
C ILE C 99 -1.33 -18.95 -16.70
N VAL C 100 -1.52 -17.93 -17.53
CA VAL C 100 -0.50 -17.53 -18.51
C VAL C 100 0.78 -17.05 -17.80
N HIS C 101 1.92 -17.48 -18.34
CA HIS C 101 3.22 -17.20 -17.73
C HIS C 101 3.83 -15.90 -18.26
N LEU C 102 4.13 -14.98 -17.34
CA LEU C 102 4.86 -13.77 -17.66
C LEU C 102 6.35 -14.08 -17.65
N LYS C 103 7.02 -13.94 -18.80
CA LYS C 103 8.45 -14.25 -18.90
C LYS C 103 9.29 -13.13 -18.31
N ARG C 104 9.05 -11.90 -18.76
CA ARG C 104 9.72 -10.72 -18.23
C ARG C 104 8.95 -9.46 -18.63
N HIS C 105 9.46 -8.31 -18.22
CA HIS C 105 8.86 -7.03 -18.56
C HIS C 105 9.92 -5.94 -18.59
N PHE C 106 9.71 -4.96 -19.47
CA PHE C 106 10.66 -3.86 -19.60
C PHE C 106 9.95 -2.59 -20.07
N MET C 107 10.61 -1.45 -19.83
CA MET C 107 10.22 -0.20 -20.43
C MET C 107 10.89 -0.11 -21.80
N PHE C 108 10.11 0.28 -22.81
CA PHE C 108 10.64 0.50 -24.15
C PHE C 108 10.00 1.76 -24.73
N ARG C 109 10.80 2.79 -24.96
CA ARG C 109 10.32 4.05 -25.50
C ARG C 109 9.12 4.59 -24.70
N ASN C 110 9.22 4.49 -23.37
CA ASN C 110 8.18 4.94 -22.44
C ASN C 110 6.89 4.12 -22.47
N HIS C 111 6.99 2.86 -22.86
CA HIS C 111 5.86 1.92 -22.79
C HIS C 111 6.27 0.73 -21.95
N LEU C 112 5.43 0.35 -20.99
CA LEU C 112 5.63 -0.89 -20.26
C LEU C 112 5.24 -2.06 -21.18
N CYS C 113 6.14 -3.02 -21.30
CA CYS C 113 5.95 -4.17 -22.18
C CYS C 113 6.04 -5.43 -21.34
N LEU C 114 4.94 -6.19 -21.30
CA LEU C 114 4.93 -7.47 -20.62
C LEU C 114 5.15 -8.56 -21.66
N VAL C 115 6.16 -9.39 -21.44
CA VAL C 115 6.51 -10.45 -22.37
C VAL C 115 5.91 -11.76 -21.87
N PHE C 116 4.90 -12.24 -22.58
CA PHE C 116 4.24 -13.49 -22.24
C PHE C 116 4.72 -14.63 -23.13
N GLU C 117 4.50 -15.86 -22.66
CA GLU C 117 4.67 -17.05 -23.50
C GLU C 117 3.62 -17.02 -24.60
N MET C 118 4.03 -17.42 -25.81
CA MET C 118 3.13 -17.36 -26.97
C MET C 118 2.05 -18.43 -26.86
N LEU C 119 0.81 -17.99 -26.71
CA LEU C 119 -0.35 -18.87 -26.76
C LEU C 119 -0.96 -18.78 -28.16
N SER C 120 -2.05 -19.51 -28.38
CA SER C 120 -2.72 -19.56 -29.68
C SER C 120 -4.06 -18.82 -29.62
N TYR C 121 -5.10 -19.38 -30.24
CA TYR C 121 -6.41 -18.72 -30.31
C TYR C 121 -7.14 -18.78 -28.97
N ASN C 122 -7.92 -17.75 -28.66
CA ASN C 122 -8.80 -17.76 -27.49
C ASN C 122 -10.10 -18.50 -27.80
N LEU C 123 -10.90 -18.76 -26.76
CA LEU C 123 -12.11 -19.58 -26.90
C LEU C 123 -13.27 -18.90 -27.63
N TYR C 124 -13.21 -17.58 -27.83
CA TYR C 124 -14.19 -16.91 -28.70
C TYR C 124 -13.90 -17.23 -30.16
N ASP C 125 -12.62 -17.23 -30.53
CA ASP C 125 -12.20 -17.60 -31.88
C ASP C 125 -12.64 -19.02 -32.17
N LEU C 126 -12.40 -19.92 -31.21
CA LEU C 126 -12.78 -21.33 -31.34
C LEU C 126 -14.27 -21.49 -31.63
N LEU C 127 -15.12 -20.76 -30.90
CA LEU C 127 -16.57 -20.82 -31.13
C LEU C 127 -16.97 -20.21 -32.47
N ARG C 128 -16.25 -19.18 -32.89
CA ARG C 128 -16.47 -18.57 -34.21
C ARG C 128 -15.98 -19.52 -35.32
N ASN C 129 -14.93 -20.27 -35.05
CA ASN C 129 -14.42 -21.29 -35.97
C ASN C 129 -15.33 -22.52 -36.08
N THR C 130 -16.21 -22.72 -35.09
CA THR C 130 -17.25 -23.75 -35.16
C THR C 130 -18.62 -23.17 -35.52
N ASN C 131 -18.63 -21.94 -36.04
CA ASN C 131 -19.84 -21.29 -36.53
C ASN C 131 -20.94 -21.17 -35.48
N PHE C 132 -20.52 -20.91 -34.24
CA PHE C 132 -21.43 -20.71 -33.10
C PHE C 132 -22.38 -21.89 -32.89
N ARG C 133 -21.89 -23.10 -33.16
CA ARG C 133 -22.60 -24.33 -32.83
C ARG C 133 -21.86 -25.14 -31.76
N GLY C 134 -20.70 -24.67 -31.33
CA GLY C 134 -20.01 -25.19 -30.15
C GLY C 134 -19.12 -26.39 -30.40
N VAL C 135 -18.48 -26.87 -29.33
CA VAL C 135 -17.59 -28.03 -29.39
C VAL C 135 -18.19 -29.20 -28.61
N SER C 136 -17.54 -30.36 -28.69
CA SER C 136 -18.03 -31.57 -28.03
C SER C 136 -17.87 -31.52 -26.51
N LEU C 137 -18.57 -32.42 -25.82
CA LEU C 137 -18.62 -32.44 -24.36
C LEU C 137 -17.33 -32.99 -23.75
N ASN C 138 -16.63 -33.85 -24.49
CA ASN C 138 -15.32 -34.33 -24.07
C ASN C 138 -14.31 -33.19 -23.98
N LEU C 139 -14.36 -32.28 -24.94
CA LEU C 139 -13.49 -31.10 -24.93
C LEU C 139 -13.94 -30.09 -23.88
N THR C 140 -15.26 -29.97 -23.69
CA THR C 140 -15.83 -29.07 -22.69
C THR C 140 -15.48 -29.52 -21.26
N ARG C 141 -15.46 -30.83 -21.04
CA ARG C 141 -15.03 -31.41 -19.76
C ARG C 141 -13.55 -31.13 -19.51
N LYS C 142 -12.75 -31.19 -20.57
CA LYS C 142 -11.33 -30.84 -20.47
C LYS C 142 -11.16 -29.38 -20.08
N PHE C 143 -11.91 -28.49 -20.74
CA PHE C 143 -11.90 -27.07 -20.40
C PHE C 143 -12.35 -26.84 -18.95
N ALA C 144 -13.45 -27.50 -18.56
CA ALA C 144 -14.04 -27.31 -17.24
C ALA C 144 -13.11 -27.75 -16.10
N GLN C 145 -12.36 -28.82 -16.34
CA GLN C 145 -11.42 -29.34 -15.33
C GLN C 145 -10.25 -28.38 -15.15
N GLN C 146 -9.75 -27.83 -16.25
CA GLN C 146 -8.60 -26.94 -16.24
C GLN C 146 -8.96 -25.60 -15.59
N MET C 147 -10.15 -25.09 -15.90
CA MET C 147 -10.62 -23.82 -15.33
C MET C 147 -10.89 -23.93 -13.83
N CYS C 148 -11.44 -25.07 -13.40
CA CYS C 148 -11.66 -25.32 -11.97
C CYS C 148 -10.33 -25.50 -11.21
N THR C 149 -9.33 -26.07 -11.89
CA THR C 149 -7.99 -26.18 -11.34
C THR C 149 -7.36 -24.78 -11.22
N ALA C 150 -7.66 -23.91 -12.19
CA ALA C 150 -7.21 -22.52 -12.15
C ALA C 150 -7.89 -21.73 -11.03
N LEU C 151 -9.20 -21.87 -10.88
CA LEU C 151 -9.95 -21.18 -9.83
C LEU C 151 -9.54 -21.64 -8.42
N LEU C 152 -9.24 -22.94 -8.29
CA LEU C 152 -8.72 -23.47 -7.03
C LEU C 152 -7.38 -22.82 -6.67
N PHE C 153 -6.53 -22.65 -7.68
CA PHE C 153 -5.24 -21.99 -7.50
C PHE C 153 -5.40 -20.53 -7.09
N LEU C 154 -6.33 -19.82 -7.72
CA LEU C 154 -6.64 -18.44 -7.35
C LEU C 154 -7.26 -18.35 -5.96
N ALA C 155 -7.93 -19.42 -5.53
CA ALA C 155 -8.55 -19.48 -4.20
C ALA C 155 -7.55 -19.74 -3.07
N THR C 156 -6.28 -19.94 -3.40
CA THR C 156 -5.23 -20.06 -2.38
C THR C 156 -5.28 -18.85 -1.45
N PRO C 157 -5.39 -19.08 -0.13
CA PRO C 157 -5.49 -17.99 0.85
C PRO C 157 -4.46 -16.87 0.67
N GLU C 158 -3.21 -17.24 0.38
CA GLU C 158 -2.14 -16.26 0.20
C GLU C 158 -2.22 -15.52 -1.14
N LEU C 159 -3.14 -15.94 -2.01
CA LEU C 159 -3.46 -15.21 -3.23
C LEU C 159 -4.85 -14.59 -3.13
N SER C 160 -5.88 -15.43 -3.02
CA SER C 160 -7.28 -14.99 -2.95
C SER C 160 -7.61 -13.99 -4.06
N ILE C 161 -7.17 -14.28 -5.28
CA ILE C 161 -7.35 -13.37 -6.41
C ILE C 161 -8.67 -13.62 -7.12
N ILE C 162 -9.39 -12.54 -7.42
CA ILE C 162 -10.58 -12.60 -8.26
C ILE C 162 -10.20 -12.06 -9.65
N HIS C 163 -10.26 -12.92 -10.66
CA HIS C 163 -9.95 -12.51 -12.03
C HIS C 163 -10.94 -11.44 -12.48
N CYS C 164 -12.22 -11.65 -12.17
CA CYS C 164 -13.25 -10.61 -12.28
C CYS C 164 -13.73 -10.33 -13.70
N ASP C 165 -12.97 -10.72 -14.72
CA ASP C 165 -13.41 -10.58 -16.12
C ASP C 165 -13.31 -11.90 -16.91
N LEU C 166 -13.72 -13.00 -16.29
CA LEU C 166 -13.66 -14.32 -16.94
C LEU C 166 -14.66 -14.44 -18.09
N LYS C 167 -14.14 -14.72 -19.28
CA LYS C 167 -14.97 -14.90 -20.48
C LYS C 167 -14.16 -15.67 -21.55
N PRO C 168 -14.85 -16.24 -22.57
CA PRO C 168 -14.16 -17.02 -23.61
C PRO C 168 -12.94 -16.34 -24.23
N GLU C 169 -13.00 -15.03 -24.41
CA GLU C 169 -11.90 -14.27 -25.02
C GLU C 169 -10.63 -14.26 -24.16
N ASN C 170 -10.79 -14.34 -22.84
CA ASN C 170 -9.65 -14.34 -21.91
C ASN C 170 -9.15 -15.74 -21.54
N ILE C 171 -9.65 -16.77 -22.21
CA ILE C 171 -9.14 -18.13 -22.06
C ILE C 171 -8.52 -18.55 -23.40
N LEU C 172 -7.20 -18.74 -23.39
CA LEU C 172 -6.45 -19.01 -24.64
C LEU C 172 -5.94 -20.45 -24.68
N LEU C 173 -5.99 -21.05 -25.86
CA LEU C 173 -5.37 -22.35 -26.11
C LEU C 173 -3.86 -22.18 -26.24
N CYS C 174 -3.10 -23.15 -25.74
CA CYS C 174 -1.65 -23.19 -25.94
C CYS C 174 -1.31 -23.59 -27.38
N ASN C 175 -2.07 -24.55 -27.90
CA ASN C 175 -1.88 -25.06 -29.25
C ASN C 175 -3.26 -25.23 -29.91
N PRO C 176 -3.38 -24.81 -31.18
CA PRO C 176 -4.71 -24.85 -31.85
C PRO C 176 -5.32 -26.25 -32.02
N LYS C 177 -4.48 -27.29 -32.03
CA LYS C 177 -4.96 -28.67 -32.15
C LYS C 177 -5.20 -29.38 -30.80
N ARG C 178 -4.77 -28.76 -29.70
CA ARG C 178 -4.84 -29.40 -28.38
C ARG C 178 -5.93 -28.81 -27.49
N SER C 179 -6.19 -29.47 -26.36
CA SER C 179 -7.25 -29.10 -25.42
C SER C 179 -6.78 -28.16 -24.31
N ALA C 180 -5.47 -28.09 -24.07
CA ALA C 180 -4.93 -27.30 -22.97
C ALA C 180 -5.24 -25.81 -23.12
N ILE C 181 -5.57 -25.15 -22.02
CA ILE C 181 -5.92 -23.72 -22.03
C ILE C 181 -5.20 -22.96 -20.92
N LYS C 182 -5.20 -21.64 -21.03
CA LYS C 182 -4.63 -20.78 -19.98
C LYS C 182 -5.44 -19.49 -19.83
N ILE C 183 -5.61 -19.07 -18.58
CA ILE C 183 -6.34 -17.83 -18.29
C ILE C 183 -5.44 -16.63 -18.52
N VAL C 184 -5.99 -15.63 -19.19
CA VAL C 184 -5.25 -14.45 -19.63
C VAL C 184 -5.87 -13.19 -19.01
N ASP C 185 -5.06 -12.14 -18.91
CA ASP C 185 -5.50 -10.79 -18.52
C ASP C 185 -5.86 -10.66 -17.04
N PHE C 186 -4.85 -10.34 -16.22
CA PHE C 186 -5.06 -10.02 -14.82
C PHE C 186 -4.94 -8.51 -14.59
N GLY C 187 -5.51 -7.73 -15.49
CA GLY C 187 -5.55 -6.27 -15.40
C GLY C 187 -6.86 -5.75 -14.85
N SER C 188 -7.96 -6.46 -15.11
CA SER C 188 -9.28 -6.10 -14.60
C SER C 188 -9.60 -6.87 -13.33
N SER C 189 -8.58 -7.17 -12.53
CA SER C 189 -8.72 -8.02 -11.36
C SER C 189 -9.52 -7.34 -10.25
N CYS C 190 -10.06 -8.15 -9.36
CA CYS C 190 -10.66 -7.70 -8.12
C CYS C 190 -10.01 -8.48 -6.99
N GLN C 191 -9.96 -7.89 -5.81
CA GLN C 191 -9.41 -8.58 -4.64
C GLN C 191 -10.04 -7.97 -3.39
N LEU C 192 -10.99 -8.71 -2.81
CA LEU C 192 -11.90 -8.16 -1.81
C LEU C 192 -11.35 -8.14 -0.39
N GLY C 193 -12.12 -7.50 0.49
CA GLY C 193 -11.67 -7.08 1.80
C GLY C 193 -12.40 -5.77 2.01
N GLN C 194 -11.88 -4.72 1.38
CA GLN C 194 -12.63 -3.48 1.21
C GLN C 194 -13.25 -3.51 -0.19
N ARG C 195 -14.58 -3.46 -0.26
CA ARG C 195 -15.26 -3.42 -1.56
C ARG C 195 -15.14 -2.02 -2.17
N ILE C 196 -14.34 -1.90 -3.22
CA ILE C 196 -14.11 -0.63 -3.89
C ILE C 196 -14.91 -0.53 -5.20
N TYR C 197 -14.99 -1.63 -5.94
CA TYR C 197 -15.65 -1.64 -7.25
C TYR C 197 -16.97 -2.40 -7.22
N GLN C 198 -17.97 -1.90 -7.94
CA GLN C 198 -19.29 -2.52 -7.99
C GLN C 198 -19.76 -2.88 -9.41
N PTR C 199 -19.43 -2.05 -10.40
CA PTR C 199 -19.70 -2.35 -11.82
C PTR C 199 -18.45 -2.97 -12.40
O PTR C 199 -17.56 -2.24 -12.84
CB PTR C 199 -20.07 -1.03 -12.49
CG PTR C 199 -20.65 -1.14 -13.89
CD1 PTR C 199 -21.99 -1.44 -14.08
CD2 PTR C 199 -19.83 -0.89 -15.00
CE1 PTR C 199 -22.52 -1.53 -15.38
CE2 PTR C 199 -20.36 -0.98 -16.29
CZ PTR C 199 -21.70 -1.29 -16.48
OH PTR C 199 -22.22 -1.35 -17.76
P PTR C 199 -22.17 -2.65 -18.71
O1P PTR C 199 -20.75 -3.15 -18.60
O2P PTR C 199 -23.22 -3.58 -18.12
O3P PTR C 199 -22.53 -2.13 -20.08
N ILE C 200 -18.38 -4.30 -12.41
CA ILE C 200 -17.10 -5.00 -12.64
C ILE C 200 -17.06 -6.00 -13.80
N GLN C 201 -17.89 -7.03 -13.76
CA GLN C 201 -17.77 -8.16 -14.70
C GLN C 201 -18.25 -7.80 -16.12
N SER C 202 -17.85 -8.61 -17.10
CA SER C 202 -18.39 -8.51 -18.45
C SER C 202 -19.85 -8.94 -18.41
N ARG C 203 -20.72 -8.18 -19.06
CA ARG C 203 -22.16 -8.26 -18.78
C ARG C 203 -22.77 -9.65 -18.94
N PHE C 204 -22.41 -10.36 -20.01
CA PHE C 204 -22.95 -11.71 -20.25
C PHE C 204 -22.64 -12.69 -19.11
N TYR C 205 -21.56 -12.44 -18.37
CA TYR C 205 -21.08 -13.36 -17.34
C TYR C 205 -21.10 -12.75 -15.93
N ARG C 206 -21.93 -11.72 -15.74
CA ARG C 206 -21.99 -10.98 -14.48
C ARG C 206 -22.86 -11.72 -13.46
N SER C 207 -22.37 -11.84 -12.23
CA SER C 207 -23.06 -12.63 -11.20
C SER C 207 -24.26 -11.88 -10.60
N PRO C 208 -25.20 -12.63 -9.98
CA PRO C 208 -26.38 -11.99 -9.36
C PRO C 208 -26.03 -11.04 -8.22
N GLU C 209 -25.04 -11.41 -7.41
CA GLU C 209 -24.60 -10.57 -6.29
C GLU C 209 -24.00 -9.23 -6.76
N VAL C 210 -23.40 -9.22 -7.94
CA VAL C 210 -22.92 -7.99 -8.55
C VAL C 210 -24.11 -7.18 -9.09
N LEU C 211 -24.98 -7.86 -9.84
CA LEU C 211 -26.23 -7.28 -10.34
C LEU C 211 -27.09 -6.67 -9.23
N LEU C 212 -27.12 -7.35 -8.08
CA LEU C 212 -27.93 -6.90 -6.93
C LEU C 212 -27.16 -5.98 -5.97
N GLY C 213 -25.93 -5.61 -6.32
CA GLY C 213 -25.13 -4.68 -5.51
C GLY C 213 -24.74 -5.23 -4.15
N MET C 214 -24.63 -6.55 -4.07
CA MET C 214 -24.35 -7.25 -2.81
C MET C 214 -22.86 -7.43 -2.62
N PRO C 215 -22.44 -7.75 -1.38
CA PRO C 215 -21.02 -8.09 -1.18
C PRO C 215 -20.66 -9.36 -1.95
N TYR C 216 -19.48 -9.36 -2.55
CA TYR C 216 -19.05 -10.48 -3.40
C TYR C 216 -17.64 -10.93 -3.04
N ASP C 217 -17.26 -12.10 -3.53
CA ASP C 217 -15.94 -12.67 -3.26
C ASP C 217 -15.48 -13.49 -4.48
N LEU C 218 -14.60 -14.47 -4.29
CA LEU C 218 -14.09 -15.28 -5.40
C LEU C 218 -15.18 -16.15 -6.07
N ALA C 219 -16.32 -16.31 -5.41
CA ALA C 219 -17.45 -17.05 -5.95
C ALA C 219 -17.98 -16.50 -7.28
N ILE C 220 -17.78 -15.21 -7.55
CA ILE C 220 -18.25 -14.61 -8.81
C ILE C 220 -17.57 -15.19 -10.06
N ASP C 221 -16.33 -15.67 -9.90
CA ASP C 221 -15.62 -16.33 -10.99
C ASP C 221 -16.24 -17.68 -11.34
N MET C 222 -16.80 -18.35 -10.33
CA MET C 222 -17.46 -19.64 -10.54
C MET C 222 -18.77 -19.49 -11.31
N TRP C 223 -19.47 -18.39 -11.09
CA TRP C 223 -20.67 -18.06 -11.87
C TRP C 223 -20.29 -17.84 -13.32
N SER C 224 -19.22 -17.09 -13.54
CA SER C 224 -18.71 -16.84 -14.88
C SER C 224 -18.31 -18.16 -15.56
N LEU C 225 -17.63 -19.04 -14.80
CA LEU C 225 -17.22 -20.34 -15.33
C LEU C 225 -18.44 -21.13 -15.80
N GLY C 226 -19.47 -21.19 -14.95
CA GLY C 226 -20.72 -21.88 -15.28
C GLY C 226 -21.34 -21.42 -16.58
N CYS C 227 -21.37 -20.11 -16.80
CA CYS C 227 -21.92 -19.51 -18.01
C CYS C 227 -21.05 -19.83 -19.23
N ILE C 228 -19.74 -19.73 -19.05
CA ILE C 228 -18.77 -19.99 -20.12
C ILE C 228 -18.91 -21.41 -20.67
N LEU C 229 -18.97 -22.39 -19.77
CA LEU C 229 -18.97 -23.81 -20.17
C LEU C 229 -20.24 -24.24 -20.91
N VAL C 230 -21.37 -23.60 -20.61
CA VAL C 230 -22.61 -23.84 -21.36
C VAL C 230 -22.52 -23.23 -22.76
N GLU C 231 -21.92 -22.04 -22.85
CA GLU C 231 -21.70 -21.36 -24.12
C GLU C 231 -20.73 -22.10 -25.04
N MET C 232 -19.75 -22.77 -24.45
CA MET C 232 -18.72 -23.48 -25.22
C MET C 232 -19.29 -24.68 -26.00
N HIS C 233 -20.29 -25.34 -25.43
CA HIS C 233 -20.91 -26.51 -26.09
C HIS C 233 -22.07 -26.12 -26.99
N THR C 234 -22.82 -25.09 -26.60
CA THR C 234 -23.94 -24.61 -27.41
C THR C 234 -23.49 -23.69 -28.53
N GLY C 235 -22.44 -22.91 -28.28
CA GLY C 235 -21.92 -21.96 -29.25
C GLY C 235 -22.47 -20.54 -29.07
N GLU C 236 -23.65 -20.43 -28.47
CA GLU C 236 -24.29 -19.14 -28.22
C GLU C 236 -24.27 -18.83 -26.72
N PRO C 237 -24.20 -17.54 -26.35
CA PRO C 237 -24.18 -17.18 -24.93
C PRO C 237 -25.46 -17.55 -24.20
N LEU C 238 -25.32 -18.07 -22.98
CA LEU C 238 -26.44 -18.51 -22.16
C LEU C 238 -27.33 -17.33 -21.74
N PHE C 239 -26.68 -16.26 -21.26
CA PHE C 239 -27.38 -15.05 -20.84
C PHE C 239 -26.82 -13.84 -21.59
N SER C 240 -27.44 -13.52 -22.72
CA SER C 240 -26.97 -12.46 -23.61
C SER C 240 -27.68 -11.14 -23.34
N GLY C 241 -27.46 -10.58 -22.17
CA GLY C 241 -28.12 -9.34 -21.76
C GLY C 241 -27.59 -8.13 -22.51
N ALA C 242 -28.49 -7.40 -23.15
CA ALA C 242 -28.17 -6.13 -23.79
C ALA C 242 -28.07 -4.99 -22.75
N ASN C 243 -28.61 -5.22 -21.57
CA ASN C 243 -28.42 -4.34 -20.41
C ASN C 243 -28.64 -5.14 -19.13
N GLU C 244 -28.47 -4.52 -17.96
CA GLU C 244 -28.57 -5.22 -16.68
C GLU C 244 -29.98 -5.77 -16.39
N VAL C 245 -31.02 -5.01 -16.73
CA VAL C 245 -32.39 -5.47 -16.53
C VAL C 245 -32.69 -6.70 -17.40
N ASP C 246 -32.18 -6.69 -18.64
CA ASP C 246 -32.32 -7.83 -19.55
C ASP C 246 -31.43 -9.01 -19.14
N GLN C 247 -30.29 -8.71 -18.52
CA GLN C 247 -29.38 -9.73 -18.01
C GLN C 247 -30.02 -10.58 -16.91
N MET C 248 -30.58 -9.91 -15.90
CA MET C 248 -31.26 -10.59 -14.80
C MET C 248 -32.54 -11.27 -15.30
N ASN C 249 -33.27 -10.58 -16.19
CA ASN C 249 -34.40 -11.16 -16.91
C ASN C 249 -34.04 -12.55 -17.44
N LYS C 250 -32.94 -12.64 -18.19
CA LYS C 250 -32.53 -13.88 -18.82
C LYS C 250 -31.98 -14.92 -17.84
N ILE C 251 -31.44 -14.46 -16.71
CA ILE C 251 -31.03 -15.37 -15.63
C ILE C 251 -32.25 -16.03 -14.96
N VAL C 252 -33.31 -15.25 -14.75
CA VAL C 252 -34.55 -15.75 -14.13
C VAL C 252 -35.22 -16.83 -14.99
N GLU C 253 -35.17 -16.66 -16.31
CA GLU C 253 -35.76 -17.62 -17.25
C GLU C 253 -35.31 -19.06 -16.98
N VAL C 254 -34.03 -19.23 -16.66
CA VAL C 254 -33.44 -20.55 -16.44
C VAL C 254 -33.48 -20.97 -14.98
N LEU C 255 -33.11 -20.05 -14.08
CA LEU C 255 -32.90 -20.38 -12.66
C LEU C 255 -34.03 -19.92 -11.73
N GLY C 256 -35.08 -19.32 -12.29
CA GLY C 256 -36.23 -18.86 -11.51
C GLY C 256 -35.93 -17.59 -10.72
N ILE C 257 -36.85 -17.24 -9.82
CA ILE C 257 -36.73 -16.01 -9.05
C ILE C 257 -35.70 -16.24 -7.93
N PRO C 258 -34.81 -15.25 -7.69
CA PRO C 258 -33.82 -15.42 -6.63
C PRO C 258 -34.44 -15.56 -5.24
N PRO C 259 -33.86 -16.40 -4.36
CA PRO C 259 -34.34 -16.61 -2.99
C PRO C 259 -34.63 -15.32 -2.22
N ALA C 260 -35.63 -15.37 -1.35
CA ALA C 260 -36.05 -14.19 -0.58
C ALA C 260 -34.96 -13.78 0.42
N HIS C 261 -34.35 -14.75 1.08
CA HIS C 261 -33.28 -14.48 2.04
C HIS C 261 -32.10 -13.75 1.39
N ILE C 262 -31.86 -14.02 0.11
CA ILE C 262 -30.87 -13.27 -0.66
C ILE C 262 -31.38 -11.85 -0.93
N LEU C 263 -32.57 -11.74 -1.53
CA LEU C 263 -33.11 -10.45 -1.97
C LEU C 263 -33.49 -9.48 -0.85
N ASP C 264 -33.64 -9.98 0.38
CA ASP C 264 -33.90 -9.13 1.54
C ASP C 264 -32.68 -8.25 1.90
N GLN C 265 -31.49 -8.72 1.55
CA GLN C 265 -30.25 -7.96 1.78
C GLN C 265 -29.71 -7.41 0.45
N ALA C 266 -30.59 -6.76 -0.32
CA ALA C 266 -30.27 -6.33 -1.68
C ALA C 266 -30.44 -4.82 -1.84
N PRO C 267 -29.33 -4.10 -2.07
CA PRO C 267 -29.43 -2.67 -2.43
C PRO C 267 -30.12 -2.42 -3.77
N LYS C 268 -29.76 -3.18 -4.81
CA LYS C 268 -30.28 -2.95 -6.16
C LYS C 268 -31.43 -3.91 -6.52
N ALA C 269 -32.27 -4.24 -5.54
CA ALA C 269 -33.36 -5.20 -5.75
C ALA C 269 -34.49 -4.63 -6.60
N ARG C 270 -34.94 -3.43 -6.25
CA ARG C 270 -36.11 -2.81 -6.87
C ARG C 270 -35.87 -2.32 -8.31
N LYS C 271 -34.63 -2.42 -8.79
CA LYS C 271 -34.35 -2.29 -10.21
C LYS C 271 -34.97 -3.44 -10.99
N PHE C 272 -34.96 -4.64 -10.41
CA PHE C 272 -35.46 -5.85 -11.07
C PHE C 272 -36.82 -6.29 -10.54
N PHE C 273 -36.89 -6.56 -9.22
CA PHE C 273 -38.05 -7.23 -8.61
C PHE C 273 -38.86 -6.30 -7.71
N GLU C 274 -40.02 -6.81 -7.26
CA GLU C 274 -40.87 -6.13 -6.30
C GLU C 274 -41.49 -7.15 -5.35
N LYS C 275 -41.80 -6.71 -4.12
CA LYS C 275 -42.41 -7.59 -3.13
C LYS C 275 -43.90 -7.78 -3.41
N THR C 280 -42.04 -11.85 -0.58
CA THR C 280 -42.23 -12.71 -1.73
C THR C 280 -42.08 -11.89 -3.00
N TRP C 281 -41.24 -12.35 -3.92
CA TRP C 281 -40.75 -11.52 -5.02
C TRP C 281 -41.30 -11.88 -6.40
N ASN C 282 -41.80 -10.87 -7.11
CA ASN C 282 -42.23 -11.00 -8.50
C ASN C 282 -41.39 -10.08 -9.39
N LEU C 283 -41.45 -10.30 -10.70
CA LEU C 283 -40.68 -9.50 -11.66
C LEU C 283 -41.33 -8.15 -11.89
N LYS C 294 -41.19 -14.57 -21.66
CA LYS C 294 -40.00 -14.72 -20.82
C LYS C 294 -40.39 -15.12 -19.39
N PRO C 295 -41.00 -16.30 -19.22
CA PRO C 295 -41.50 -16.71 -17.90
C PRO C 295 -40.37 -17.17 -16.96
N PRO C 296 -40.63 -17.23 -15.65
CA PRO C 296 -39.60 -17.55 -14.68
C PRO C 296 -39.41 -19.05 -14.43
N GLY C 297 -38.21 -19.55 -14.70
CA GLY C 297 -37.86 -20.95 -14.46
C GLY C 297 -38.36 -21.94 -15.49
N THR C 298 -38.93 -21.45 -16.59
CA THR C 298 -39.53 -22.31 -17.62
C THR C 298 -38.52 -22.72 -18.69
N ARG C 299 -37.63 -21.80 -19.06
CA ARG C 299 -36.56 -22.10 -20.02
C ARG C 299 -35.47 -22.91 -19.32
N LYS C 300 -35.78 -24.18 -19.02
CA LYS C 300 -34.92 -25.01 -18.18
C LYS C 300 -33.60 -25.35 -18.88
N LEU C 301 -32.55 -25.55 -18.09
CA LEU C 301 -31.22 -25.90 -18.59
C LEU C 301 -31.19 -27.29 -19.21
N HIS C 302 -32.10 -28.16 -18.78
CA HIS C 302 -32.27 -29.50 -19.33
C HIS C 302 -32.52 -29.48 -20.84
N ASN C 303 -33.29 -28.49 -21.30
CA ASN C 303 -33.64 -28.36 -22.72
C ASN C 303 -32.69 -27.49 -23.54
N ILE C 304 -31.82 -26.72 -22.88
CA ILE C 304 -30.81 -25.91 -23.57
C ILE C 304 -29.66 -26.80 -24.03
N LEU C 305 -29.18 -27.63 -23.11
CA LEU C 305 -28.09 -28.57 -23.39
C LEU C 305 -28.54 -29.69 -24.33
N GLY C 306 -29.82 -30.02 -24.29
CA GLY C 306 -30.37 -31.10 -25.11
C GLY C 306 -30.09 -32.44 -24.46
N VAL C 307 -30.60 -32.61 -23.25
CA VAL C 307 -30.35 -33.81 -22.45
C VAL C 307 -31.08 -35.01 -23.06
N GLU C 308 -32.39 -34.88 -23.21
CA GLU C 308 -33.22 -35.92 -23.82
C GLU C 308 -33.51 -35.61 -25.30
N THR C 309 -32.52 -35.06 -25.99
CA THR C 309 -32.57 -34.83 -27.44
C THR C 309 -31.18 -35.14 -28.00
N GLY C 310 -30.89 -34.71 -29.23
CA GLY C 310 -29.57 -34.92 -29.83
C GLY C 310 -28.61 -33.76 -29.59
N GLY C 311 -28.51 -33.32 -28.34
CA GLY C 311 -27.68 -32.17 -27.99
C GLY C 311 -28.27 -30.87 -28.52
N PRO C 312 -27.43 -29.83 -28.68
CA PRO C 312 -27.87 -28.59 -29.30
C PRO C 312 -28.21 -28.75 -30.78
N GLY C 313 -29.49 -28.53 -31.12
CA GLY C 313 -29.94 -28.60 -32.51
C GLY C 313 -29.96 -29.99 -33.13
N GLY C 314 -29.99 -31.03 -32.29
CA GLY C 314 -30.02 -32.40 -32.76
C GLY C 314 -28.78 -32.80 -33.55
N ARG C 315 -27.62 -32.30 -33.13
CA ARG C 315 -26.36 -32.53 -33.84
C ARG C 315 -25.46 -33.57 -33.17
N ARG C 316 -25.60 -33.76 -31.86
CA ARG C 316 -24.77 -34.70 -31.11
C ARG C 316 -25.49 -36.04 -30.87
N ALA C 317 -26.36 -36.43 -31.80
CA ALA C 317 -27.15 -37.66 -31.65
C ALA C 317 -26.31 -38.89 -32.00
N GLY C 318 -26.16 -39.80 -31.04
CA GLY C 318 -25.42 -41.04 -31.26
C GLY C 318 -23.92 -40.95 -31.06
N GLU C 319 -23.41 -39.78 -30.70
CA GLU C 319 -21.98 -39.58 -30.49
C GLU C 319 -21.55 -40.13 -29.14
N SER C 320 -20.34 -40.69 -29.08
CA SER C 320 -19.77 -41.20 -27.83
C SER C 320 -19.34 -40.03 -26.96
N GLY C 321 -19.66 -40.12 -25.67
CA GLY C 321 -19.40 -39.02 -24.73
C GLY C 321 -20.46 -37.94 -24.80
N HIS C 322 -21.62 -38.27 -25.39
CA HIS C 322 -22.76 -37.36 -25.46
C HIS C 322 -24.03 -38.09 -25.06
N THR C 323 -23.91 -39.04 -24.13
CA THR C 323 -25.06 -39.81 -23.65
C THR C 323 -25.88 -38.96 -22.68
N VAL C 324 -27.07 -39.45 -22.36
CA VAL C 324 -27.92 -38.78 -21.37
C VAL C 324 -27.21 -38.80 -20.01
N ALA C 325 -26.52 -39.92 -19.74
CA ALA C 325 -25.68 -40.06 -18.54
C ALA C 325 -24.67 -38.92 -18.40
N ASP C 326 -24.00 -38.58 -19.49
CA ASP C 326 -23.03 -37.48 -19.50
C ASP C 326 -23.70 -36.13 -19.29
N TYR C 327 -24.85 -35.92 -19.94
CA TYR C 327 -25.61 -34.68 -19.81
C TYR C 327 -26.22 -34.52 -18.41
N LEU C 328 -26.53 -35.63 -17.75
CA LEU C 328 -27.02 -35.58 -16.36
C LEU C 328 -25.93 -35.09 -15.40
N LYS C 329 -24.70 -35.54 -15.60
CA LYS C 329 -23.56 -35.12 -14.78
C LYS C 329 -23.15 -33.68 -15.08
N PHE C 330 -23.09 -33.33 -16.36
CA PHE C 330 -22.70 -31.97 -16.78
C PHE C 330 -23.72 -30.93 -16.32
N LYS C 331 -25.00 -31.22 -16.56
CA LYS C 331 -26.08 -30.30 -16.19
C LYS C 331 -26.16 -30.07 -14.68
N ASP C 332 -25.81 -31.10 -13.89
CA ASP C 332 -25.77 -30.98 -12.44
C ASP C 332 -24.69 -29.99 -11.97
N LEU C 333 -23.52 -30.04 -12.61
CA LEU C 333 -22.40 -29.17 -12.26
C LEU C 333 -22.72 -27.70 -12.51
N ILE C 334 -23.37 -27.41 -13.64
CA ILE C 334 -23.69 -26.04 -14.03
C ILE C 334 -24.64 -25.39 -13.03
N LEU C 335 -25.65 -26.13 -12.58
CA LEU C 335 -26.62 -25.61 -11.61
C LEU C 335 -25.97 -25.24 -10.28
N ARG C 336 -25.00 -26.05 -9.84
CA ARG C 336 -24.28 -25.78 -8.59
C ARG C 336 -23.28 -24.64 -8.77
N MET C 337 -22.73 -24.52 -9.99
CA MET C 337 -21.90 -23.37 -10.36
C MET C 337 -22.74 -22.09 -10.45
N LEU C 338 -23.98 -22.21 -10.91
CA LEU C 338 -24.89 -21.06 -11.02
C LEU C 338 -25.87 -20.98 -9.86
N ASP C 339 -25.42 -21.34 -8.67
CA ASP C 339 -26.22 -21.17 -7.45
C ASP C 339 -26.36 -19.68 -7.16
N TYR C 340 -27.55 -19.26 -6.74
CA TYR C 340 -27.79 -17.85 -6.42
C TYR C 340 -27.01 -17.37 -5.21
N ASP C 341 -26.82 -18.25 -4.23
CA ASP C 341 -26.16 -17.90 -2.97
C ASP C 341 -24.65 -18.16 -3.10
N PRO C 342 -23.82 -17.09 -3.06
CA PRO C 342 -22.36 -17.27 -3.15
C PRO C 342 -21.74 -18.10 -2.01
N LYS C 343 -22.42 -18.24 -0.89
CA LYS C 343 -21.91 -19.01 0.25
C LYS C 343 -21.96 -20.52 -0.01
N THR C 344 -23.09 -20.99 -0.55
CA THR C 344 -23.29 -22.41 -0.84
C THR C 344 -22.94 -22.79 -2.30
N ARG C 345 -22.65 -21.79 -3.13
CA ARG C 345 -22.23 -22.03 -4.52
C ARG C 345 -20.98 -22.89 -4.53
N ILE C 346 -20.93 -23.87 -5.44
CA ILE C 346 -19.86 -24.87 -5.44
C ILE C 346 -18.48 -24.22 -5.57
N GLN C 347 -17.53 -24.73 -4.78
CA GLN C 347 -16.18 -24.21 -4.73
C GLN C 347 -15.25 -25.09 -5.57
N PRO C 348 -14.10 -24.54 -6.00
CA PRO C 348 -13.17 -25.29 -6.85
C PRO C 348 -12.79 -26.68 -6.33
N TYR C 349 -12.59 -26.81 -5.02
CA TYR C 349 -12.21 -28.11 -4.43
C TYR C 349 -13.31 -29.14 -4.64
N TYR C 350 -14.54 -28.77 -4.30
CA TYR C 350 -15.69 -29.65 -4.48
C TYR C 350 -16.02 -29.86 -5.97
N ALA C 351 -15.78 -28.81 -6.77
CA ALA C 351 -16.03 -28.87 -8.22
C ALA C 351 -15.17 -29.93 -8.89
N LEU C 352 -13.88 -29.98 -8.54
CA LEU C 352 -12.96 -30.97 -9.09
C LEU C 352 -13.24 -32.39 -8.55
N GLN C 353 -13.79 -32.47 -7.34
CA GLN C 353 -14.22 -33.73 -6.76
C GLN C 353 -15.54 -34.25 -7.36
N HIS C 354 -16.25 -33.39 -8.09
CA HIS C 354 -17.55 -33.72 -8.69
C HIS C 354 -17.43 -34.88 -9.69
N SER C 355 -18.52 -35.63 -9.83
CA SER C 355 -18.54 -36.86 -10.62
C SER C 355 -18.44 -36.66 -12.14
N PHE C 356 -18.69 -35.43 -12.61
CA PHE C 356 -18.61 -35.10 -14.04
C PHE C 356 -17.23 -35.35 -14.63
N PHE C 357 -16.19 -35.09 -13.85
CA PHE C 357 -14.81 -35.18 -14.32
C PHE C 357 -14.19 -36.58 -14.24
N LYS C 358 -14.95 -37.57 -13.74
CA LYS C 358 -14.43 -38.92 -13.56
C LYS C 358 -14.41 -39.68 -14.88
N LYS C 359 -13.54 -40.68 -14.97
CA LYS C 359 -13.20 -41.31 -16.24
C LYS C 359 -12.63 -42.71 -16.04
N LYS D 12 -25.42 -0.96 -30.16
CA LYS D 12 -24.49 -0.62 -29.04
C LYS D 12 -25.24 -0.04 -27.85
N VAL D 13 -24.83 -0.44 -26.64
CA VAL D 13 -25.46 0.04 -25.41
C VAL D 13 -24.55 -0.23 -24.21
N TYR D 14 -24.22 0.82 -23.46
CA TYR D 14 -23.22 0.75 -22.39
C TYR D 14 -23.74 1.45 -21.12
N ASN D 15 -23.64 0.74 -20.00
CA ASN D 15 -24.11 1.23 -18.70
C ASN D 15 -25.61 1.54 -18.73
N ASP D 16 -26.39 0.61 -19.26
CA ASP D 16 -27.84 0.76 -19.45
C ASP D 16 -28.23 2.00 -20.27
N GLY D 17 -27.37 2.37 -21.22
CA GLY D 17 -27.61 3.53 -22.08
C GLY D 17 -27.08 4.87 -21.58
N TYR D 18 -26.44 4.88 -20.41
CA TYR D 18 -25.92 6.13 -19.83
C TYR D 18 -24.52 6.48 -20.35
N ASP D 19 -23.73 5.46 -20.68
CA ASP D 19 -22.37 5.65 -21.19
C ASP D 19 -22.31 5.52 -22.70
N ASP D 20 -21.26 6.09 -23.29
CA ASP D 20 -21.00 6.01 -24.73
C ASP D 20 -19.99 4.89 -25.02
N ASP D 21 -19.29 4.95 -26.15
CA ASP D 21 -18.28 3.94 -26.50
C ASP D 21 -17.02 3.98 -25.63
N ASN D 22 -16.58 5.18 -25.25
CA ASN D 22 -15.37 5.36 -24.43
C ASN D 22 -15.62 5.32 -22.92
N TYR D 23 -16.72 4.71 -22.50
CA TYR D 23 -17.10 4.65 -21.08
C TYR D 23 -17.29 6.04 -20.47
N ASP D 24 -17.56 7.04 -21.30
CA ASP D 24 -17.82 8.40 -20.84
C ASP D 24 -19.31 8.57 -20.61
N TYR D 25 -19.69 9.17 -19.49
CA TYR D 25 -21.08 9.53 -19.26
C TYR D 25 -21.51 10.47 -20.38
N ILE D 26 -22.69 10.20 -20.95
CA ILE D 26 -23.24 11.03 -22.02
C ILE D 26 -23.85 12.28 -21.40
N VAL D 27 -23.15 13.41 -21.54
CA VAL D 27 -23.56 14.67 -20.92
C VAL D 27 -24.74 15.31 -21.67
N LYS D 28 -25.89 15.35 -21.01
CA LYS D 28 -27.08 16.01 -21.54
C LYS D 28 -27.24 17.39 -20.86
N ASN D 29 -27.01 18.45 -21.63
CA ASN D 29 -27.13 19.81 -21.11
C ASN D 29 -28.53 20.11 -20.58
N GLY D 30 -28.61 20.56 -19.34
CA GLY D 30 -29.89 20.84 -18.68
C GLY D 30 -30.44 19.67 -17.88
N GLU D 31 -29.66 18.62 -17.72
CA GLU D 31 -30.08 17.44 -16.96
C GLU D 31 -29.98 17.69 -15.46
N LYS D 32 -30.86 17.03 -14.70
CA LYS D 32 -30.94 17.18 -13.25
C LYS D 32 -30.58 15.85 -12.59
N TRP D 33 -29.52 15.84 -11.76
CA TRP D 33 -29.13 14.65 -11.01
C TRP D 33 -29.58 14.73 -9.56
N MET D 34 -30.21 13.66 -9.09
CA MET D 34 -30.51 13.49 -7.65
C MET D 34 -31.31 14.65 -7.05
N ASP D 35 -32.10 15.34 -7.87
CA ASP D 35 -32.84 16.53 -7.46
C ASP D 35 -31.96 17.57 -6.76
N ARG D 36 -30.72 17.70 -7.22
CA ARG D 36 -29.73 18.58 -6.58
C ARG D 36 -28.87 19.35 -7.59
N TYR D 37 -28.11 18.62 -8.39
CA TYR D 37 -27.19 19.24 -9.35
C TYR D 37 -27.84 19.41 -10.72
N GLU D 38 -27.64 20.57 -11.32
CA GLU D 38 -28.21 20.90 -12.63
C GLU D 38 -27.09 21.10 -13.64
N ILE D 39 -26.95 20.16 -14.57
CA ILE D 39 -25.86 20.20 -15.54
C ILE D 39 -26.09 21.35 -16.53
N ASP D 40 -25.12 22.25 -16.62
CA ASP D 40 -25.21 23.41 -17.51
C ASP D 40 -24.59 23.08 -18.86
N SER D 41 -23.29 22.82 -18.87
CA SER D 41 -22.56 22.59 -20.12
C SER D 41 -21.20 21.93 -19.89
N LEU D 42 -20.62 21.44 -20.97
CA LEU D 42 -19.32 20.78 -20.95
C LEU D 42 -18.21 21.83 -20.93
N ILE D 43 -17.36 21.79 -19.90
CA ILE D 43 -16.26 22.76 -19.73
C ILE D 43 -14.86 22.15 -19.83
N GLY D 44 -14.77 20.82 -19.88
CA GLY D 44 -13.48 20.14 -19.97
C GLY D 44 -13.65 18.70 -20.42
N LYS D 45 -12.58 18.12 -20.94
CA LYS D 45 -12.61 16.74 -21.44
C LYS D 45 -11.20 16.20 -21.64
N GLY D 46 -11.03 14.90 -21.41
CA GLY D 46 -9.75 14.24 -21.61
C GLY D 46 -9.85 12.74 -21.46
N SER D 47 -8.70 12.08 -21.36
CA SER D 47 -8.65 10.62 -21.15
C SER D 47 -9.30 10.19 -19.83
N PHE D 48 -9.15 11.03 -18.80
CA PHE D 48 -9.79 10.78 -17.49
C PHE D 48 -11.32 10.69 -17.57
N GLY D 49 -11.91 11.50 -18.44
CA GLY D 49 -13.36 11.64 -18.51
C GLY D 49 -13.72 13.06 -18.89
N GLN D 50 -14.67 13.65 -18.18
CA GLN D 50 -15.19 14.98 -18.51
C GLN D 50 -15.42 15.86 -17.28
N VAL D 51 -15.38 17.17 -17.49
CA VAL D 51 -15.69 18.15 -16.44
C VAL D 51 -16.86 19.01 -16.91
N VAL D 52 -17.86 19.16 -16.05
CA VAL D 52 -19.08 19.92 -16.40
C VAL D 52 -19.35 21.06 -15.41
N LYS D 53 -19.94 22.14 -15.92
CA LYS D 53 -20.44 23.24 -15.10
C LYS D 53 -21.83 22.84 -14.60
N ALA D 54 -22.02 22.85 -13.28
CA ALA D 54 -23.30 22.48 -12.70
C ALA D 54 -23.73 23.48 -11.65
N TYR D 55 -25.04 23.57 -11.42
CA TYR D 55 -25.58 24.36 -10.32
C TYR D 55 -26.14 23.45 -9.24
N ASP D 56 -25.61 23.61 -8.03
CA ASP D 56 -26.08 22.89 -6.86
C ASP D 56 -27.29 23.62 -6.26
N ARG D 57 -28.47 23.04 -6.42
CA ARG D 57 -29.70 23.59 -5.82
C ARG D 57 -29.57 23.76 -4.31
N VAL D 58 -29.05 22.73 -3.64
CA VAL D 58 -29.04 22.65 -2.19
C VAL D 58 -28.14 23.73 -1.56
N GLU D 59 -26.90 23.80 -2.03
CA GLU D 59 -25.93 24.76 -1.50
C GLU D 59 -26.04 26.14 -2.16
N GLN D 60 -26.85 26.26 -3.21
CA GLN D 60 -27.14 27.53 -3.87
C GLN D 60 -25.88 28.14 -4.47
N GLU D 61 -25.15 27.35 -5.26
CA GLU D 61 -23.90 27.81 -5.86
C GLU D 61 -23.47 26.96 -7.04
N TRP D 62 -22.60 27.54 -7.88
CA TRP D 62 -22.05 26.85 -9.03
C TRP D 62 -20.87 25.98 -8.60
N VAL D 63 -20.72 24.84 -9.28
CA VAL D 63 -19.63 23.90 -9.01
C VAL D 63 -19.14 23.26 -10.31
N ALA D 64 -17.88 22.84 -10.32
CA ALA D 64 -17.32 22.08 -11.45
C ALA D 64 -17.28 20.62 -11.04
N ILE D 65 -18.02 19.78 -11.77
CA ILE D 65 -18.07 18.35 -11.46
C ILE D 65 -17.18 17.59 -12.45
N LYS D 66 -16.13 16.97 -11.93
CA LYS D 66 -15.23 16.16 -12.74
C LYS D 66 -15.76 14.73 -12.78
N ILE D 67 -16.33 14.35 -13.93
CA ILE D 67 -16.93 13.03 -14.12
C ILE D 67 -15.88 12.09 -14.69
N ILE D 68 -15.55 11.04 -13.93
CA ILE D 68 -14.54 10.07 -14.34
C ILE D 68 -15.18 8.95 -15.16
N LYS D 69 -14.42 8.39 -16.09
CA LYS D 69 -14.90 7.27 -16.91
C LYS D 69 -15.25 6.05 -16.07
N ASN D 70 -16.24 5.29 -16.55
CA ASN D 70 -16.68 4.05 -15.89
C ASN D 70 -15.77 2.87 -16.25
N LYS D 71 -14.49 3.00 -15.92
CA LYS D 71 -13.47 2.01 -16.26
C LYS D 71 -12.43 1.98 -15.15
N LYS D 72 -11.97 0.78 -14.81
CA LYS D 72 -11.06 0.56 -13.68
C LYS D 72 -9.83 1.47 -13.69
N ALA D 73 -9.24 1.66 -14.87
CA ALA D 73 -7.99 2.42 -15.01
C ALA D 73 -8.12 3.84 -14.48
N PHE D 74 -9.10 4.58 -15.01
CA PHE D 74 -9.28 5.98 -14.66
C PHE D 74 -9.94 6.18 -13.30
N LEU D 75 -10.75 5.21 -12.87
CA LEU D 75 -11.34 5.23 -11.53
C LEU D 75 -10.24 5.24 -10.47
N ASN D 76 -9.33 4.28 -10.55
CA ASN D 76 -8.20 4.17 -9.61
C ASN D 76 -7.31 5.40 -9.62
N GLN D 77 -7.14 6.01 -10.78
CA GLN D 77 -6.36 7.24 -10.92
C GLN D 77 -7.05 8.41 -10.24
N ALA D 78 -8.37 8.51 -10.42
CA ALA D 78 -9.16 9.55 -9.77
C ALA D 78 -9.20 9.36 -8.26
N GLN D 79 -9.22 8.11 -7.82
CA GLN D 79 -9.19 7.78 -6.39
C GLN D 79 -7.89 8.28 -5.74
N ILE D 80 -6.78 8.19 -6.47
CA ILE D 80 -5.51 8.76 -6.01
C ILE D 80 -5.65 10.27 -5.86
N GLU D 81 -6.34 10.92 -6.79
CA GLU D 81 -6.58 12.36 -6.73
C GLU D 81 -7.43 12.76 -5.53
N VAL D 82 -8.47 11.97 -5.24
CA VAL D 82 -9.34 12.22 -4.08
C VAL D 82 -8.57 12.14 -2.76
N ARG D 83 -7.70 11.13 -2.62
CA ARG D 83 -6.94 10.94 -1.40
C ARG D 83 -5.99 12.12 -1.17
N LEU D 84 -5.36 12.59 -2.24
CA LEU D 84 -4.47 13.75 -2.16
C LEU D 84 -5.21 15.02 -1.76
N LEU D 85 -6.38 15.24 -2.37
CA LEU D 85 -7.19 16.42 -2.09
C LEU D 85 -7.75 16.39 -0.67
N GLU D 86 -8.18 15.22 -0.21
CA GLU D 86 -8.70 15.06 1.15
C GLU D 86 -7.59 15.17 2.20
N LEU D 87 -6.40 14.69 1.87
CA LEU D 87 -5.24 14.83 2.74
C LEU D 87 -4.84 16.31 2.86
N MET D 88 -4.97 17.07 1.78
CA MET D 88 -4.71 18.51 1.78
C MET D 88 -5.75 19.29 2.60
N ASN D 89 -7.00 18.82 2.59
CA ASN D 89 -8.09 19.46 3.36
C ASN D 89 -7.87 19.48 4.88
N LYS D 90 -7.16 18.48 5.39
CA LYS D 90 -6.90 18.36 6.84
C LYS D 90 -5.99 19.46 7.38
N HIS D 91 -5.13 20.01 6.52
CA HIS D 91 -4.19 21.06 6.93
C HIS D 91 -4.93 22.40 7.12
N ASP D 92 -4.81 22.97 8.32
CA ASP D 92 -5.53 24.21 8.65
C ASP D 92 -4.84 25.45 8.07
N THR D 93 -3.60 25.31 7.61
CA THR D 93 -2.86 26.41 6.99
C THR D 93 -3.66 27.09 5.88
N GLU D 94 -3.54 28.41 5.79
CA GLU D 94 -4.25 29.21 4.79
C GLU D 94 -3.60 29.10 3.40
N MET D 95 -2.46 28.44 3.32
CA MET D 95 -1.74 28.27 2.06
C MET D 95 -2.46 27.32 1.09
N LYS D 96 -3.32 26.45 1.62
CA LYS D 96 -4.04 25.48 0.81
C LYS D 96 -5.12 26.08 -0.09
N TYR D 97 -5.49 27.33 0.13
CA TYR D 97 -6.54 27.98 -0.66
C TYR D 97 -6.10 28.35 -2.09
N TYR D 98 -4.82 28.17 -2.40
CA TYR D 98 -4.34 28.29 -3.78
C TYR D 98 -4.36 26.93 -4.50
N ILE D 99 -4.96 25.92 -3.85
CA ILE D 99 -5.29 24.65 -4.48
C ILE D 99 -6.81 24.61 -4.63
N VAL D 100 -7.31 24.19 -5.79
CA VAL D 100 -8.75 24.08 -6.01
C VAL D 100 -9.36 23.13 -4.98
N HIS D 101 -10.39 23.60 -4.28
CA HIS D 101 -10.99 22.81 -3.21
C HIS D 101 -11.96 21.76 -3.76
N LEU D 102 -11.76 20.51 -3.30
CA LEU D 102 -12.72 19.44 -3.54
C LEU D 102 -13.79 19.54 -2.49
N LYS D 103 -15.02 19.87 -2.92
CA LYS D 103 -16.12 20.01 -1.98
C LYS D 103 -16.61 18.66 -1.48
N ARG D 104 -16.70 17.68 -2.39
CA ARG D 104 -17.04 16.30 -2.03
C ARG D 104 -17.00 15.42 -3.28
N HIS D 105 -17.39 14.16 -3.10
CA HIS D 105 -17.48 13.23 -4.23
C HIS D 105 -18.55 12.16 -3.98
N PHE D 106 -18.99 11.53 -5.06
CA PHE D 106 -19.99 10.47 -4.97
C PHE D 106 -20.05 9.65 -6.25
N MET D 107 -20.64 8.45 -6.14
CA MET D 107 -20.85 7.58 -7.27
C MET D 107 -22.22 7.87 -7.90
N PHE D 108 -22.20 8.47 -9.09
CA PHE D 108 -23.42 8.72 -9.84
C PHE D 108 -23.45 7.82 -11.07
N ARG D 109 -24.37 6.85 -11.07
CA ARG D 109 -24.57 5.93 -12.18
C ARG D 109 -23.24 5.34 -12.67
N ASN D 110 -22.50 4.77 -11.72
CA ASN D 110 -21.23 4.07 -11.97
C ASN D 110 -20.07 4.96 -12.46
N HIS D 111 -20.13 6.24 -12.12
CA HIS D 111 -19.01 7.16 -12.36
C HIS D 111 -18.63 7.85 -11.07
N LEU D 112 -17.33 7.89 -10.78
CA LEU D 112 -16.84 8.72 -9.70
C LEU D 112 -16.95 10.18 -10.13
N CYS D 113 -17.57 11.00 -9.28
CA CYS D 113 -17.79 12.40 -9.58
C CYS D 113 -17.15 13.27 -8.51
N LEU D 114 -16.13 14.02 -8.88
CA LEU D 114 -15.49 14.95 -7.96
C LEU D 114 -16.15 16.31 -8.09
N VAL D 115 -16.76 16.78 -7.01
CA VAL D 115 -17.40 18.09 -6.98
C VAL D 115 -16.41 19.13 -6.47
N PHE D 116 -16.00 20.05 -7.35
CA PHE D 116 -15.08 21.13 -6.98
C PHE D 116 -15.81 22.47 -6.93
N GLU D 117 -15.19 23.44 -6.26
CA GLU D 117 -15.63 24.83 -6.34
C GLU D 117 -15.50 25.34 -7.77
N MET D 118 -16.47 26.13 -8.22
CA MET D 118 -16.47 26.63 -9.61
C MET D 118 -15.52 27.82 -9.74
N LEU D 119 -14.66 27.77 -10.75
CA LEU D 119 -13.67 28.81 -10.99
C LEU D 119 -13.81 29.37 -12.40
N SER D 120 -13.14 30.49 -12.66
CA SER D 120 -13.18 31.16 -13.96
C SER D 120 -12.18 30.53 -14.94
N TYR D 121 -11.98 31.16 -16.09
CA TYR D 121 -11.07 30.65 -17.12
C TYR D 121 -9.61 30.58 -16.64
N ASN D 122 -8.83 29.73 -17.31
CA ASN D 122 -7.43 29.45 -16.93
C ASN D 122 -6.44 30.50 -17.43
N LEU D 123 -5.16 30.33 -17.10
CA LEU D 123 -4.12 31.31 -17.47
C LEU D 123 -3.77 31.33 -18.95
N TYR D 124 -3.97 30.22 -19.65
CA TYR D 124 -3.82 30.19 -21.09
C TYR D 124 -4.88 31.08 -21.74
N ASP D 125 -6.12 30.89 -21.32
CA ASP D 125 -7.25 31.70 -21.79
C ASP D 125 -7.04 33.20 -21.53
N LEU D 126 -6.36 33.52 -20.43
CA LEU D 126 -6.02 34.90 -20.10
C LEU D 126 -4.98 35.45 -21.08
N LEU D 127 -4.00 34.62 -21.46
CA LEU D 127 -3.05 34.99 -22.52
C LEU D 127 -3.72 35.09 -23.89
N ARG D 128 -4.71 34.22 -24.12
CA ARG D 128 -5.51 34.25 -25.33
C ARG D 128 -6.27 35.58 -25.48
N ASN D 129 -6.74 36.11 -24.35
CA ASN D 129 -7.44 37.40 -24.32
C ASN D 129 -6.53 38.62 -24.50
N THR D 130 -5.25 38.46 -24.18
CA THR D 130 -4.25 39.51 -24.40
C THR D 130 -3.58 39.40 -25.79
N ASN D 131 -4.13 38.56 -26.66
CA ASN D 131 -3.58 38.35 -28.02
C ASN D 131 -2.17 37.74 -27.96
N PHE D 132 -1.94 36.87 -26.98
CA PHE D 132 -0.63 36.25 -26.74
C PHE D 132 0.50 37.29 -26.61
N ARG D 133 0.18 38.42 -25.98
CA ARG D 133 1.16 39.49 -25.73
C ARG D 133 1.60 39.53 -24.27
N GLY D 134 0.84 38.87 -23.39
CA GLY D 134 1.19 38.75 -21.98
C GLY D 134 0.44 39.73 -21.09
N VAL D 135 0.90 39.85 -19.84
CA VAL D 135 0.33 40.79 -18.87
C VAL D 135 1.47 41.55 -18.17
N SER D 136 1.10 42.52 -17.34
CA SER D 136 2.07 43.37 -16.64
C SER D 136 2.90 42.59 -15.62
N LEU D 137 4.06 43.13 -15.27
CA LEU D 137 4.95 42.51 -14.27
C LEU D 137 4.31 42.53 -12.88
N ASN D 138 3.42 43.49 -12.65
CA ASN D 138 2.67 43.58 -11.39
C ASN D 138 1.72 42.40 -11.20
N LEU D 139 0.96 42.06 -12.24
CA LEU D 139 0.06 40.92 -12.20
C LEU D 139 0.84 39.60 -12.19
N THR D 140 1.91 39.56 -12.98
CA THR D 140 2.82 38.42 -13.00
C THR D 140 3.43 38.17 -11.62
N ARG D 141 3.79 39.25 -10.92
CA ARG D 141 4.29 39.15 -9.55
C ARG D 141 3.24 38.56 -8.61
N LYS D 142 1.99 38.99 -8.79
CA LYS D 142 0.88 38.47 -7.98
C LYS D 142 0.66 36.97 -8.26
N PHE D 143 0.80 36.55 -9.51
CA PHE D 143 0.73 35.12 -9.85
C PHE D 143 1.88 34.35 -9.21
N ALA D 144 3.09 34.90 -9.30
CA ALA D 144 4.30 34.22 -8.82
C ALA D 144 4.28 33.98 -7.31
N GLN D 145 3.81 34.97 -6.56
CA GLN D 145 3.72 34.85 -5.11
C GLN D 145 2.73 33.76 -4.71
N GLN D 146 1.56 33.78 -5.34
CA GLN D 146 0.52 32.77 -5.09
C GLN D 146 0.98 31.36 -5.48
N MET D 147 1.71 31.26 -6.60
CA MET D 147 2.24 29.97 -7.06
C MET D 147 3.34 29.45 -6.13
N CYS D 148 4.28 30.33 -5.76
CA CYS D 148 5.33 29.96 -4.81
C CYS D 148 4.74 29.50 -3.48
N THR D 149 3.73 30.23 -2.99
CA THR D 149 3.02 29.84 -1.77
C THR D 149 2.34 28.47 -1.95
N ALA D 150 1.78 28.24 -3.13
CA ALA D 150 1.16 26.95 -3.45
C ALA D 150 2.17 25.81 -3.45
N LEU D 151 3.36 26.05 -4.00
CA LEU D 151 4.43 25.04 -4.01
C LEU D 151 5.00 24.82 -2.61
N LEU D 152 5.02 25.88 -1.80
CA LEU D 152 5.41 25.78 -0.40
C LEU D 152 4.46 24.85 0.37
N PHE D 153 3.17 24.96 0.09
CA PHE D 153 2.17 24.09 0.73
C PHE D 153 2.32 22.64 0.26
N LEU D 154 2.48 22.43 -1.04
CA LEU D 154 2.70 21.09 -1.59
C LEU D 154 3.97 20.45 -1.02
N ALA D 155 4.96 21.28 -0.70
CA ALA D 155 6.24 20.83 -0.15
C ALA D 155 6.24 20.57 1.36
N THR D 156 5.10 20.73 2.03
CA THR D 156 5.03 20.41 3.46
C THR D 156 5.41 18.93 3.60
N PRO D 157 6.35 18.61 4.50
CA PRO D 157 6.90 17.24 4.59
C PRO D 157 5.87 16.11 4.55
N GLU D 158 4.71 16.32 5.20
CA GLU D 158 3.66 15.30 5.29
C GLU D 158 2.86 15.15 3.99
N LEU D 159 2.99 16.10 3.07
CA LEU D 159 2.36 16.00 1.76
C LEU D 159 3.38 15.65 0.70
N SER D 160 4.36 16.53 0.49
CA SER D 160 5.41 16.33 -0.51
C SER D 160 4.83 15.93 -1.86
N ILE D 161 3.86 16.71 -2.32
CA ILE D 161 3.15 16.42 -3.56
C ILE D 161 3.81 17.12 -4.73
N ILE D 162 4.16 16.35 -5.76
CA ILE D 162 4.59 16.90 -7.04
C ILE D 162 3.36 16.98 -7.93
N HIS D 163 2.93 18.19 -8.28
CA HIS D 163 1.83 18.32 -9.24
C HIS D 163 2.17 17.58 -10.52
N CYS D 164 3.35 17.87 -11.08
CA CYS D 164 3.94 17.08 -12.16
C CYS D 164 3.41 17.43 -13.55
N ASP D 165 2.61 18.48 -13.66
CA ASP D 165 2.06 18.91 -14.95
C ASP D 165 1.61 20.37 -14.87
N LEU D 166 2.44 21.21 -14.27
CA LEU D 166 2.13 22.63 -14.15
C LEU D 166 2.27 23.32 -15.50
N LYS D 167 1.20 23.98 -15.93
CA LYS D 167 1.17 24.73 -17.18
C LYS D 167 0.02 25.74 -17.12
N PRO D 168 -0.01 26.73 -18.04
CA PRO D 168 -1.07 27.74 -18.03
C PRO D 168 -2.51 27.21 -18.02
N GLU D 169 -2.74 26.05 -18.64
CA GLU D 169 -4.06 25.42 -18.64
C GLU D 169 -4.51 24.98 -17.23
N ASN D 170 -3.56 24.56 -16.40
CA ASN D 170 -3.87 24.02 -15.06
C ASN D 170 -3.80 25.05 -13.92
N ILE D 171 -3.79 26.33 -14.29
CA ILE D 171 -3.89 27.42 -13.31
C ILE D 171 -5.13 28.25 -13.66
N LEU D 172 -6.10 28.27 -12.75
CA LEU D 172 -7.37 28.95 -13.00
C LEU D 172 -7.55 30.17 -12.10
N LEU D 173 -8.22 31.19 -12.63
CA LEU D 173 -8.58 32.38 -11.86
C LEU D 173 -9.81 32.08 -11.02
N CYS D 174 -9.94 32.76 -9.88
CA CYS D 174 -11.19 32.74 -9.11
C CYS D 174 -12.24 33.50 -9.90
N ASN D 175 -11.94 34.78 -10.17
CA ASN D 175 -12.79 35.62 -11.00
C ASN D 175 -11.95 36.38 -12.03
N PRO D 176 -12.58 36.82 -13.14
CA PRO D 176 -11.84 37.59 -14.15
C PRO D 176 -11.38 38.96 -13.65
N LYS D 177 -12.12 39.54 -12.70
CA LYS D 177 -11.77 40.82 -12.09
C LYS D 177 -10.47 40.71 -11.28
N ARG D 178 -10.48 39.86 -10.26
CA ARG D 178 -9.39 39.78 -9.31
C ARG D 178 -8.18 39.00 -9.85
N SER D 179 -7.07 39.09 -9.13
CA SER D 179 -5.81 38.44 -9.51
C SER D 179 -5.58 37.09 -8.83
N ALA D 180 -6.58 36.61 -8.09
CA ALA D 180 -6.46 35.34 -7.36
C ALA D 180 -6.37 34.16 -8.32
N ILE D 181 -5.54 33.18 -7.99
CA ILE D 181 -5.39 31.97 -8.81
C ILE D 181 -5.37 30.70 -7.97
N LYS D 182 -5.69 29.58 -8.62
CA LYS D 182 -5.67 28.26 -7.99
C LYS D 182 -5.10 27.22 -8.95
N ILE D 183 -4.37 26.24 -8.42
CA ILE D 183 -3.87 25.13 -9.21
C ILE D 183 -4.94 24.04 -9.28
N VAL D 184 -5.25 23.57 -10.49
CA VAL D 184 -6.23 22.49 -10.67
C VAL D 184 -5.56 21.21 -11.18
N ASP D 185 -6.30 20.11 -11.07
CA ASP D 185 -5.89 18.81 -11.61
C ASP D 185 -4.69 18.20 -10.89
N PHE D 186 -4.96 17.42 -9.85
CA PHE D 186 -3.95 16.55 -9.23
C PHE D 186 -4.16 15.08 -9.63
N GLY D 187 -4.87 14.85 -10.73
CA GLY D 187 -5.04 13.50 -11.28
C GLY D 187 -3.82 13.03 -12.05
N SER D 188 -2.95 13.97 -12.43
CA SER D 188 -1.67 13.69 -13.07
C SER D 188 -0.53 13.76 -12.05
N SER D 189 -0.82 13.45 -10.79
CA SER D 189 0.13 13.61 -9.71
C SER D 189 1.34 12.66 -9.80
N CYS D 190 2.51 13.22 -9.52
CA CYS D 190 3.68 12.42 -9.19
C CYS D 190 3.85 12.65 -7.69
N GLN D 191 4.75 11.92 -7.06
CA GLN D 191 4.95 12.11 -5.63
C GLN D 191 6.33 11.62 -5.22
N LEU D 192 6.92 12.35 -4.28
CA LEU D 192 8.28 12.07 -3.82
C LEU D 192 8.37 10.63 -3.34
N GLY D 193 9.44 9.97 -3.76
CA GLY D 193 9.66 8.57 -3.42
C GLY D 193 10.37 7.87 -4.55
N GLN D 194 10.21 6.55 -4.61
CA GLN D 194 10.86 5.76 -5.65
C GLN D 194 10.33 6.15 -7.03
N ARG D 195 11.22 6.23 -8.00
CA ARG D 195 10.85 6.60 -9.35
C ARG D 195 10.06 5.49 -10.03
N ILE D 196 8.80 5.77 -10.30
CA ILE D 196 7.96 4.87 -11.08
C ILE D 196 7.72 5.44 -12.48
N TYR D 197 7.67 6.76 -12.62
CA TYR D 197 7.41 7.42 -13.91
C TYR D 197 8.66 8.15 -14.42
N GLN D 198 8.84 8.15 -15.75
CA GLN D 198 9.92 8.92 -16.39
C GLN D 198 9.46 9.87 -17.51
N PTR D 199 8.32 9.58 -18.14
CA PTR D 199 7.74 10.46 -19.16
C PTR D 199 6.67 11.29 -18.50
O PTR D 199 5.51 10.87 -18.41
CB PTR D 199 7.18 9.59 -20.27
CG PTR D 199 6.91 10.36 -21.55
CD1 PTR D 199 5.59 10.62 -21.93
CD2 PTR D 199 7.95 10.77 -22.36
CE1 PTR D 199 5.33 11.31 -23.12
CE2 PTR D 199 7.70 11.47 -23.54
CZ PTR D 199 6.39 11.74 -23.92
OH PTR D 199 6.12 12.41 -25.11
P PTR D 199 5.64 13.93 -25.24
O1P PTR D 199 4.70 14.16 -24.09
O2P PTR D 199 6.93 14.72 -25.17
O3P PTR D 199 4.97 13.97 -26.60
N ILE D 200 7.06 12.47 -18.01
CA ILE D 200 6.17 13.29 -17.19
C ILE D 200 6.35 14.79 -17.46
N GLN D 201 5.37 15.57 -17.03
CA GLN D 201 5.28 17.00 -17.32
C GLN D 201 4.94 17.20 -18.80
N SER D 202 4.18 18.27 -19.08
CA SER D 202 3.93 18.68 -20.47
C SER D 202 5.24 19.22 -21.03
N ARG D 203 5.46 18.97 -22.32
CA ARG D 203 6.81 19.12 -22.91
C ARG D 203 7.42 20.51 -22.74
N PHE D 204 6.62 21.56 -22.95
CA PHE D 204 7.12 22.93 -22.84
C PHE D 204 7.73 23.19 -21.45
N TYR D 205 7.16 22.54 -20.44
CA TYR D 205 7.48 22.83 -19.04
C TYR D 205 8.24 21.67 -18.38
N ARG D 206 8.81 20.78 -19.20
CA ARG D 206 9.50 19.59 -18.72
C ARG D 206 10.92 19.95 -18.30
N SER D 207 11.30 19.54 -17.09
CA SER D 207 12.60 19.87 -16.51
C SER D 207 13.74 19.08 -17.15
N PRO D 208 14.97 19.63 -17.10
CA PRO D 208 16.13 18.94 -17.65
C PRO D 208 16.38 17.57 -17.04
N GLU D 209 16.17 17.43 -15.73
CA GLU D 209 16.36 16.15 -15.06
C GLU D 209 15.43 15.07 -15.64
N VAL D 210 14.18 15.43 -15.95
CA VAL D 210 13.24 14.49 -16.56
C VAL D 210 13.66 14.18 -18.00
N LEU D 211 14.05 15.22 -18.74
CA LEU D 211 14.57 15.03 -20.10
C LEU D 211 15.81 14.14 -20.12
N LEU D 212 16.64 14.26 -19.10
CA LEU D 212 17.90 13.52 -19.03
C LEU D 212 17.79 12.13 -18.38
N GLY D 213 16.59 11.74 -17.95
CA GLY D 213 16.37 10.42 -17.34
C GLY D 213 16.99 10.29 -15.96
N MET D 214 17.00 11.38 -15.22
CA MET D 214 17.68 11.44 -13.92
C MET D 214 16.67 11.41 -12.79
N PRO D 215 17.14 11.15 -11.55
CA PRO D 215 16.21 11.25 -10.43
C PRO D 215 15.65 12.67 -10.29
N TYR D 216 14.45 12.78 -9.74
CA TYR D 216 13.80 14.08 -9.61
C TYR D 216 12.92 14.14 -8.36
N ASP D 217 12.52 15.34 -7.98
CA ASP D 217 11.71 15.57 -6.80
C ASP D 217 10.80 16.77 -7.02
N LEU D 218 10.49 17.55 -5.97
CA LEU D 218 9.55 18.67 -6.09
C LEU D 218 10.06 19.81 -6.96
N ALA D 219 11.38 19.89 -7.12
CA ALA D 219 12.02 20.93 -7.91
C ALA D 219 11.51 21.04 -9.35
N ILE D 220 11.02 19.94 -9.92
CA ILE D 220 10.54 19.97 -11.32
C ILE D 220 9.36 20.90 -11.49
N ASP D 221 8.53 21.03 -10.45
CA ASP D 221 7.43 21.98 -10.48
C ASP D 221 7.95 23.42 -10.52
N MET D 222 9.00 23.71 -9.75
CA MET D 222 9.61 25.05 -9.75
C MET D 222 10.21 25.41 -11.12
N TRP D 223 10.77 24.41 -11.81
CA TRP D 223 11.22 24.60 -13.19
C TRP D 223 10.06 25.02 -14.07
N SER D 224 9.00 24.21 -14.05
CA SER D 224 7.78 24.50 -14.81
C SER D 224 7.29 25.92 -14.52
N LEU D 225 7.23 26.28 -13.25
CA LEU D 225 6.83 27.64 -12.84
C LEU D 225 7.73 28.70 -13.48
N GLY D 226 9.04 28.46 -13.48
CA GLY D 226 10.00 29.34 -14.14
C GLY D 226 9.62 29.67 -15.58
N CYS D 227 9.29 28.64 -16.35
CA CYS D 227 8.84 28.79 -17.74
C CYS D 227 7.51 29.52 -17.84
N ILE D 228 6.59 29.17 -16.94
CA ILE D 228 5.23 29.73 -16.93
C ILE D 228 5.24 31.24 -16.64
N LEU D 229 6.03 31.65 -15.65
CA LEU D 229 6.13 33.06 -15.27
C LEU D 229 6.70 33.92 -16.40
N VAL D 230 7.62 33.36 -17.17
CA VAL D 230 8.16 34.06 -18.34
C VAL D 230 7.08 34.15 -19.43
N GLU D 231 6.34 33.07 -19.62
CA GLU D 231 5.26 33.03 -20.62
C GLU D 231 4.13 34.02 -20.30
N MET D 232 3.77 34.13 -19.02
CA MET D 232 2.71 35.05 -18.61
C MET D 232 3.04 36.51 -18.94
N HIS D 233 4.30 36.88 -18.78
CA HIS D 233 4.74 38.24 -19.06
C HIS D 233 5.02 38.50 -20.55
N THR D 234 5.54 37.49 -21.25
CA THR D 234 5.91 37.64 -22.67
C THR D 234 4.77 37.33 -23.64
N GLY D 235 4.03 36.25 -23.36
CA GLY D 235 2.89 35.86 -24.19
C GLY D 235 3.02 34.48 -24.82
N GLU D 236 4.25 34.06 -25.09
CA GLU D 236 4.50 32.76 -25.72
C GLU D 236 5.35 31.88 -24.82
N PRO D 237 5.35 30.55 -25.05
CA PRO D 237 6.13 29.68 -24.19
C PRO D 237 7.64 29.92 -24.32
N LEU D 238 8.37 29.70 -23.22
CA LEU D 238 9.80 29.93 -23.17
C LEU D 238 10.58 28.91 -24.00
N PHE D 239 10.17 27.64 -23.91
CA PHE D 239 10.82 26.55 -24.64
C PHE D 239 9.76 25.73 -25.36
N SER D 240 9.41 26.15 -26.58
CA SER D 240 8.33 25.53 -27.33
C SER D 240 8.81 24.37 -28.22
N GLY D 241 9.31 23.31 -27.58
CA GLY D 241 9.85 22.17 -28.31
C GLY D 241 8.78 21.34 -28.99
N ALA D 242 8.99 21.04 -30.27
CA ALA D 242 8.07 20.21 -31.04
C ALA D 242 8.33 18.72 -30.76
N ASN D 243 9.51 18.42 -30.22
CA ASN D 243 9.84 17.10 -29.70
C ASN D 243 10.93 17.26 -28.61
N GLU D 244 11.40 16.14 -28.05
CA GLU D 244 12.32 16.22 -26.90
C GLU D 244 13.70 16.79 -27.26
N VAL D 245 14.24 16.42 -28.42
CA VAL D 245 15.52 16.97 -28.87
C VAL D 245 15.42 18.49 -29.03
N ASP D 246 14.38 18.93 -29.72
CA ASP D 246 14.09 20.37 -29.88
C ASP D 246 13.91 21.06 -28.54
N GLN D 247 13.23 20.39 -27.62
CA GLN D 247 12.98 20.93 -26.28
C GLN D 247 14.29 21.21 -25.54
N MET D 248 15.19 20.24 -25.51
CA MET D 248 16.50 20.42 -24.86
C MET D 248 17.34 21.46 -25.57
N ASN D 249 17.27 21.48 -26.91
CA ASN D 249 17.99 22.49 -27.70
C ASN D 249 17.50 23.91 -27.40
N LYS D 250 16.21 24.08 -27.22
CA LYS D 250 15.64 25.39 -26.88
C LYS D 250 16.02 25.81 -25.47
N ILE D 251 16.12 24.84 -24.56
CA ILE D 251 16.63 25.11 -23.21
C ILE D 251 18.09 25.56 -23.29
N VAL D 252 18.88 24.86 -24.10
CA VAL D 252 20.30 25.18 -24.27
C VAL D 252 20.53 26.59 -24.83
N GLU D 253 19.72 26.99 -25.80
CA GLU D 253 19.82 28.34 -26.38
C GLU D 253 19.86 29.42 -25.30
N VAL D 254 19.06 29.26 -24.25
CA VAL D 254 18.99 30.24 -23.17
C VAL D 254 20.07 30.02 -22.11
N LEU D 255 20.18 28.79 -21.61
CA LEU D 255 20.97 28.51 -20.42
C LEU D 255 22.35 27.89 -20.68
N GLY D 256 22.66 27.62 -21.95
CA GLY D 256 23.94 27.00 -22.32
C GLY D 256 23.93 25.51 -22.11
N ILE D 257 25.11 24.90 -22.20
CA ILE D 257 25.27 23.45 -22.01
C ILE D 257 25.10 23.14 -20.53
N PRO D 258 24.38 22.06 -20.18
CA PRO D 258 24.24 21.72 -18.77
C PRO D 258 25.58 21.36 -18.12
N PRO D 259 25.70 21.55 -16.79
CA PRO D 259 26.94 21.22 -16.10
C PRO D 259 27.41 19.81 -16.43
N ALA D 260 28.69 19.68 -16.78
CA ALA D 260 29.26 18.39 -17.16
C ALA D 260 28.99 17.33 -16.10
N HIS D 261 29.11 17.73 -14.84
CA HIS D 261 28.91 16.82 -13.71
C HIS D 261 27.50 16.21 -13.68
N ILE D 262 26.51 16.94 -14.19
CA ILE D 262 25.16 16.40 -14.36
C ILE D 262 25.11 15.49 -15.58
N LEU D 263 25.74 15.92 -16.68
CA LEU D 263 25.75 15.13 -17.92
C LEU D 263 26.48 13.80 -17.77
N ASP D 264 27.55 13.79 -16.98
CA ASP D 264 28.31 12.55 -16.73
C ASP D 264 27.45 11.46 -16.05
N GLN D 265 26.44 11.89 -15.29
CA GLN D 265 25.54 10.96 -14.59
C GLN D 265 24.24 10.66 -15.34
N ALA D 266 23.94 11.43 -16.38
CA ALA D 266 22.64 11.33 -17.06
C ALA D 266 22.59 10.14 -18.01
N PRO D 267 21.65 9.20 -17.78
CA PRO D 267 21.51 8.05 -18.69
C PRO D 267 21.10 8.42 -20.13
N LYS D 268 20.44 9.57 -20.30
CA LYS D 268 20.02 10.02 -21.62
C LYS D 268 20.79 11.27 -22.09
N ALA D 269 22.03 11.41 -21.62
CA ALA D 269 22.90 12.48 -22.07
C ALA D 269 23.14 12.42 -23.57
N ARG D 270 23.32 11.20 -24.09
CA ARG D 270 23.68 10.99 -25.49
C ARG D 270 22.54 11.19 -26.48
N LYS D 271 21.31 11.33 -25.97
CA LYS D 271 20.18 11.74 -26.81
C LYS D 271 20.31 13.20 -27.24
N PHE D 272 21.03 13.99 -26.45
CA PHE D 272 21.20 15.43 -26.72
C PHE D 272 22.66 15.89 -26.86
N PHE D 273 23.59 15.26 -26.15
CA PHE D 273 24.97 15.74 -26.08
C PHE D 273 26.00 14.65 -26.42
N GLU D 274 27.25 15.07 -26.59
CA GLU D 274 28.37 14.14 -26.85
C GLU D 274 29.63 14.54 -26.08
N LYS D 275 30.36 13.55 -25.58
CA LYS D 275 31.54 13.78 -24.75
C LYS D 275 32.80 13.84 -25.61
N LEU D 276 33.63 14.85 -25.38
CA LEU D 276 34.87 15.06 -26.14
C LEU D 276 36.06 14.46 -25.39
N PRO D 277 37.24 14.38 -26.06
CA PRO D 277 38.45 13.83 -25.42
C PRO D 277 38.83 14.52 -24.11
N ASP D 278 38.78 15.85 -24.09
CA ASP D 278 39.13 16.62 -22.89
C ASP D 278 38.16 16.44 -21.71
N GLY D 279 36.94 16.00 -22.01
CA GLY D 279 35.91 15.75 -20.98
C GLY D 279 34.72 16.69 -21.08
N THR D 280 34.82 17.69 -21.96
CA THR D 280 33.75 18.66 -22.16
C THR D 280 32.61 18.05 -22.96
N TRP D 281 31.41 18.61 -22.78
CA TRP D 281 30.22 18.16 -23.48
C TRP D 281 29.77 19.22 -24.50
N ASN D 282 29.30 18.76 -25.66
CA ASN D 282 28.78 19.65 -26.70
C ASN D 282 27.39 19.18 -27.13
N LEU D 283 26.71 20.02 -27.92
CA LEU D 283 25.42 19.64 -28.51
C LEU D 283 25.62 18.64 -29.64
N LYS D 284 24.61 17.80 -29.85
CA LYS D 284 24.59 16.92 -31.02
C LYS D 284 23.87 17.63 -32.17
N LYS D 285 24.40 17.43 -33.38
CA LYS D 285 23.90 18.09 -34.58
C LYS D 285 22.86 17.21 -35.26
N TYR D 293 20.24 25.81 -34.61
CA TYR D 293 19.87 26.57 -33.41
C TYR D 293 20.81 27.74 -33.16
N LYS D 294 20.37 28.66 -32.33
CA LYS D 294 21.21 29.77 -31.85
C LYS D 294 22.25 29.15 -30.92
N PRO D 295 23.50 29.65 -30.95
CA PRO D 295 24.56 29.02 -30.14
C PRO D 295 24.27 29.00 -28.62
N PRO D 296 24.90 28.05 -27.89
CA PRO D 296 24.66 27.86 -26.46
C PRO D 296 24.71 29.16 -25.63
N GLY D 297 23.61 29.45 -24.94
CA GLY D 297 23.55 30.57 -24.01
C GLY D 297 23.40 31.95 -24.61
N THR D 298 23.22 32.04 -25.92
CA THR D 298 23.15 33.34 -26.61
C THR D 298 21.76 33.96 -26.56
N ARG D 299 20.73 33.11 -26.55
CA ARG D 299 19.36 33.60 -26.41
C ARG D 299 19.12 33.99 -24.94
N LYS D 300 19.62 35.17 -24.57
CA LYS D 300 19.66 35.58 -23.17
C LYS D 300 18.28 35.96 -22.66
N LEU D 301 17.98 35.54 -21.43
CA LEU D 301 16.72 35.88 -20.77
C LEU D 301 16.67 37.39 -20.48
N HIS D 302 17.85 37.97 -20.25
CA HIS D 302 18.01 39.43 -20.14
C HIS D 302 17.38 40.16 -21.33
N ASN D 303 17.60 39.63 -22.53
CA ASN D 303 17.00 40.18 -23.75
C ASN D 303 15.53 39.82 -23.90
N ILE D 304 15.20 38.55 -23.62
CA ILE D 304 13.82 38.06 -23.77
C ILE D 304 12.84 38.83 -22.89
N LEU D 305 13.23 39.09 -21.64
CA LEU D 305 12.40 39.85 -20.71
C LEU D 305 12.38 41.35 -21.03
N GLY D 306 13.48 41.85 -21.60
CA GLY D 306 13.59 43.27 -21.95
C GLY D 306 13.88 44.10 -20.72
N VAL D 307 15.02 43.83 -20.10
CA VAL D 307 15.38 44.45 -18.82
C VAL D 307 15.79 45.92 -19.01
N GLU D 308 16.52 46.19 -20.09
CA GLU D 308 16.96 47.56 -20.40
C GLU D 308 16.14 48.17 -21.54
N THR D 309 14.87 47.78 -21.66
CA THR D 309 13.99 48.28 -22.73
C THR D 309 12.50 48.22 -22.37
N GLY D 310 12.19 48.51 -21.11
CA GLY D 310 10.79 48.58 -20.63
C GLY D 310 9.90 47.43 -21.07
N GLY D 311 10.28 46.21 -20.72
CA GLY D 311 9.51 45.02 -21.07
C GLY D 311 9.94 44.40 -22.39
N PRO D 312 9.36 43.22 -22.73
CA PRO D 312 9.79 42.45 -23.91
C PRO D 312 9.61 43.18 -25.24
N GLY D 313 10.63 43.93 -25.64
CA GLY D 313 10.64 44.66 -26.91
C GLY D 313 9.40 45.50 -27.15
N GLY D 314 9.00 46.27 -26.15
CA GLY D 314 7.80 47.10 -26.24
C GLY D 314 7.39 47.67 -24.90
N THR D 323 10.64 49.06 -15.81
CA THR D 323 11.15 48.99 -14.43
C THR D 323 12.47 48.22 -14.37
N VAL D 324 13.59 48.92 -14.58
CA VAL D 324 14.90 48.29 -14.74
C VAL D 324 15.32 47.47 -13.50
N ALA D 325 15.25 48.11 -12.33
CA ALA D 325 15.61 47.45 -11.06
C ALA D 325 14.71 46.26 -10.76
N ASP D 326 13.41 46.42 -11.02
CA ASP D 326 12.44 45.35 -10.77
C ASP D 326 12.58 44.20 -11.79
N TYR D 327 12.95 44.53 -13.02
CA TYR D 327 13.18 43.50 -14.05
C TYR D 327 14.42 42.66 -13.76
N LEU D 328 15.47 43.29 -13.24
CA LEU D 328 16.66 42.56 -12.80
C LEU D 328 16.36 41.59 -11.66
N LYS D 329 15.46 41.99 -10.76
CA LYS D 329 15.02 41.13 -9.67
C LYS D 329 14.18 39.96 -10.19
N PHE D 330 13.33 40.23 -11.19
CA PHE D 330 12.54 39.20 -11.84
C PHE D 330 13.45 38.24 -12.58
N LYS D 331 14.32 38.76 -13.45
CA LYS D 331 15.27 37.96 -14.19
C LYS D 331 16.06 37.04 -13.26
N ASP D 332 16.55 37.60 -12.15
CA ASP D 332 17.30 36.84 -11.16
C ASP D 332 16.51 35.64 -10.65
N LEU D 333 15.28 35.89 -10.20
CA LEU D 333 14.41 34.85 -9.65
C LEU D 333 14.15 33.73 -10.65
N ILE D 334 13.94 34.10 -11.91
CA ILE D 334 13.66 33.12 -12.96
C ILE D 334 14.89 32.26 -13.25
N LEU D 335 16.07 32.88 -13.26
CA LEU D 335 17.33 32.13 -13.45
C LEU D 335 17.57 31.14 -12.32
N ARG D 336 17.18 31.51 -11.10
CA ARG D 336 17.24 30.60 -9.96
C ARG D 336 16.18 29.50 -10.04
N MET D 337 15.02 29.82 -10.62
CA MET D 337 13.98 28.82 -10.86
C MET D 337 14.35 27.85 -11.99
N LEU D 338 15.27 28.25 -12.85
CA LEU D 338 15.71 27.42 -13.98
C LEU D 338 17.19 27.04 -13.84
N ASP D 339 17.64 26.90 -12.59
CA ASP D 339 18.93 26.30 -12.31
C ASP D 339 18.91 24.89 -12.87
N TYR D 340 19.98 24.52 -13.58
CA TYR D 340 20.09 23.18 -14.13
C TYR D 340 20.10 22.13 -13.02
N ASP D 341 20.84 22.43 -11.94
CA ASP D 341 20.99 21.50 -10.82
C ASP D 341 19.76 21.56 -9.89
N PRO D 342 18.97 20.47 -9.83
CA PRO D 342 17.76 20.49 -8.99
C PRO D 342 18.04 20.59 -7.47
N LYS D 343 19.27 20.29 -7.05
CA LYS D 343 19.67 20.46 -5.65
C LYS D 343 19.75 21.94 -5.25
N THR D 344 20.36 22.76 -6.11
CA THR D 344 20.54 24.19 -5.82
C THR D 344 19.44 25.09 -6.39
N ARG D 345 18.50 24.51 -7.13
CA ARG D 345 17.36 25.27 -7.65
C ARG D 345 16.58 25.86 -6.50
N ILE D 346 16.15 27.12 -6.64
CA ILE D 346 15.46 27.83 -5.57
C ILE D 346 14.21 27.08 -5.11
N GLN D 347 14.04 26.97 -3.80
CA GLN D 347 12.89 26.29 -3.23
C GLN D 347 11.80 27.32 -2.90
N PRO D 348 10.54 26.87 -2.76
CA PRO D 348 9.40 27.75 -2.47
C PRO D 348 9.60 28.74 -1.32
N TYR D 349 10.32 28.34 -0.28
CA TYR D 349 10.52 29.18 0.90
C TYR D 349 11.34 30.43 0.62
N TYR D 350 12.41 30.29 -0.16
CA TYR D 350 13.29 31.43 -0.48
C TYR D 350 12.88 32.16 -1.75
N ALA D 351 12.04 31.52 -2.57
CA ALA D 351 11.38 32.22 -3.67
C ALA D 351 10.46 33.30 -3.12
N LEU D 352 9.81 33.01 -1.99
CA LEU D 352 8.91 33.98 -1.35
C LEU D 352 9.67 35.09 -0.63
N GLN D 353 10.86 34.79 -0.13
CA GLN D 353 11.73 35.79 0.49
C GLN D 353 12.57 36.59 -0.52
N HIS D 354 12.34 36.40 -1.81
CA HIS D 354 13.13 37.08 -2.84
C HIS D 354 12.80 38.56 -2.92
N SER D 355 13.74 39.34 -3.48
CA SER D 355 13.59 40.79 -3.62
C SER D 355 12.51 41.19 -4.64
N PHE D 356 12.26 40.29 -5.60
CA PHE D 356 11.23 40.50 -6.62
C PHE D 356 9.84 40.79 -6.02
N PHE D 357 9.58 40.26 -4.82
CA PHE D 357 8.33 40.53 -4.10
C PHE D 357 8.46 41.66 -3.07
N LYS D 358 9.46 42.52 -3.25
CA LYS D 358 9.67 43.70 -2.40
C LYS D 358 9.73 43.36 -0.92
CAA QIV E . 18.82 -6.81 13.18
OAB QIV E . 18.74 -7.74 10.99
OAC QIV E . 25.40 -12.70 9.65
CAD QIV E . 23.48 -11.91 8.50
CAE QIV E . 22.32 -11.16 8.51
CAF QIV E . 23.87 -11.21 10.75
NAG QIV E . 22.24 -9.73 11.71
NAH QIV E . 20.50 -8.32 12.33
SAI QIV E . 20.67 -9.49 9.87
CAJ QIV E . 19.35 -7.68 12.04
CAK QIV E . 24.27 -11.95 9.63
CAL QIV E . 21.10 -9.11 11.43
CAM QIV E . 22.74 -10.49 10.71
CAN QIV E . 21.97 -10.46 9.59
CAA QIV F . -5.81 -2.11 23.82
OAB QIV F . -7.02 -0.24 22.91
OAC QIV F . -11.72 3.42 28.86
CAD QIV F . -11.33 3.57 26.52
CAE QIV F . -10.67 3.08 25.40
CAF QIV F . -10.19 1.90 27.80
NAG QIV F . -8.70 0.45 26.61
NAH QIV F . -7.35 -0.77 25.13
SAI QIV F . -8.92 1.28 24.34
CAJ QIV F . -6.80 -0.93 23.91
CAK QIV F . -11.09 2.97 27.74
CAL QIV F . -8.23 0.21 25.38
CAM QIV F . -9.58 1.47 26.70
CAN QIV F . -9.83 2.05 25.51
CAA QIV G . -5.52 -8.42 -22.74
OAB QIV G . -3.87 -9.76 -21.63
OAC QIV G . -0.60 -15.36 -27.01
CAD QIV G . -0.23 -14.57 -24.80
CAE QIV G . -0.57 -13.69 -23.79
CAF QIV G . -1.92 -13.56 -26.13
NAG QIV G . -3.16 -11.76 -25.14
NAH QIV G . -4.17 -10.08 -23.90
SAI QIV G . -2.16 -11.62 -22.93
CAJ QIV G . -4.43 -9.51 -22.70
CAK QIV G . -0.91 -14.51 -26.00
CAL QIV G . -3.27 -11.06 -24.02
CAM QIV G . -2.22 -12.72 -25.14
CAN QIV G . -1.54 -12.79 -23.97
CAA QIV H . -8.48 17.91 -15.45
OAB QIV H . -9.26 18.21 -13.19
OAC QIV H . -13.60 25.34 -12.37
CAD QIV H . -12.81 23.52 -11.05
CAE QIV H . -12.11 22.32 -10.99
CAF QIV H . -12.31 23.59 -13.39
NAG QIV H . -11.00 21.77 -14.28
NAH QIV H . -9.75 19.85 -14.75
SAI QIV H . -10.68 20.43 -12.29
CAJ QIV H . -9.20 18.68 -14.34
CAK QIV H . -12.92 24.16 -12.27
CAL QIV H . -10.41 20.63 -13.89
CAM QIV H . -11.64 22.43 -13.29
CAN QIV H . -11.55 21.81 -12.09
#